data_8B9Y
#
_entry.id   8B9Y
#
_cell.length_a   55.006
_cell.length_b   66.667
_cell.length_c   167.518
_cell.angle_alpha   90.000
_cell.angle_beta   90.468
_cell.angle_gamma   90.000
#
_symmetry.space_group_name_H-M   'P 1 21 1'
#
loop_
_entity.id
_entity.type
_entity.pdbx_description
1 polymer 'Cysteine synthase, putative'
2 non-polymer O-ACETYLSERINE
3 non-polymer alpha-D-ribofuranose
4 non-polymer "PYRIDOXAL-5'-PHOSPHATE"
5 non-polymer GLYCEROL
6 water water
#
_entity_poly.entity_id   1
_entity_poly.type   'polypeptide(L)'
_entity_poly.pdbx_seq_one_letter_code
;MTMITHHHHHHGSSVQEFDPRNNVAPSMDALIGETPAVYLKRMNDTAATIVLKLECENPMASVKDRLAYAIYDKAEKEGK
IIPGKSVIVEATSGNTGIALAHIGTIRGYKVIIVMPESMSIERRCLMRIFGAEVILTPAALGMKGALEAVNRIVSNNPDA
VSANQFATKYNAQIHEETTGPEIWRQTKGHVDCFVAGVGTGGTITGVARYLKSVGCGATIFAVEPAESPVLSGGKPGPHR
IQGIGAGFVPEVFEAALVDEVIQVSGDEAIDTAQKLPRTDGIFCGFSGGANVYAALQIAKRPEMAGKTIVTVIPSYGERY
LSTALYSSIKDEVFALKVLSAADI
;
_entity_poly.pdbx_strand_id   A,B,C,D
#
loop_
_chem_comp.id
_chem_comp.type
_chem_comp.name
_chem_comp.formula
GOL non-polymer GLYCEROL 'C3 H8 O3'
PLP non-polymer PYRIDOXAL-5'-PHOSPHATE 'C8 H10 N O6 P'
RIB D-saccharide, alpha linking alpha-D-ribofuranose 'C5 H10 O5'
#
# COMPACT_ATOMS: atom_id res chain seq x y z
N GLU A 17 -7.75 -0.28 12.87
CA GLU A 17 -7.49 -1.73 13.07
C GLU A 17 -8.79 -2.54 12.96
N PHE A 18 -9.91 -1.97 13.40
CA PHE A 18 -11.16 -2.71 13.58
C PHE A 18 -12.33 -1.88 13.07
N ASP A 19 -13.40 -2.56 12.63
CA ASP A 19 -14.64 -1.92 12.23
C ASP A 19 -15.43 -1.57 13.49
N PRO A 20 -15.69 -0.29 13.82
CA PRO A 20 -16.44 0.04 15.04
C PRO A 20 -17.89 -0.42 15.01
N ARG A 21 -18.41 -0.70 13.81
CA ARG A 21 -19.78 -1.15 13.69
C ARG A 21 -19.94 -2.56 14.25
N ASN A 22 -18.84 -3.33 14.27
CA ASN A 22 -18.87 -4.76 14.52
C ASN A 22 -18.07 -5.22 15.74
N ASN A 23 -17.47 -4.29 16.53
CA ASN A 23 -16.55 -4.63 17.61
C ASN A 23 -16.74 -3.62 18.74
N VAL A 24 -16.24 -3.94 19.93
CA VAL A 24 -16.22 -2.98 21.04
C VAL A 24 -14.84 -2.34 21.10
N ALA A 25 -14.81 -1.01 21.05
CA ALA A 25 -13.60 -0.24 21.10
C ALA A 25 -13.00 -0.33 22.49
N PRO A 26 -11.64 -0.37 22.62
CA PRO A 26 -11.00 -0.43 23.93
C PRO A 26 -11.07 0.86 24.73
N SER A 27 -11.27 2.00 24.05
CA SER A 27 -11.37 3.29 24.68
C SER A 27 -11.88 4.30 23.65
N MET A 28 -12.25 5.48 24.13
CA MET A 28 -12.87 6.48 23.26
C MET A 28 -11.86 7.04 22.27
N ASP A 29 -10.55 7.04 22.59
CA ASP A 29 -9.58 7.59 21.67
C ASP A 29 -9.39 6.65 20.48
N ALA A 30 -9.87 5.41 20.60
CA ALA A 30 -9.78 4.46 19.51
C ALA A 30 -10.84 4.73 18.46
N LEU A 31 -11.82 5.61 18.76
CA LEU A 31 -12.90 5.92 17.82
C LEU A 31 -12.66 7.23 17.06
N ILE A 32 -11.48 7.82 17.25
CA ILE A 32 -11.11 9.03 16.53
C ILE A 32 -10.79 8.69 15.08
N GLY A 33 -11.24 9.56 14.17
CA GLY A 33 -10.98 9.42 12.74
C GLY A 33 -11.89 8.41 12.08
N GLU A 34 -11.57 8.04 10.82
CA GLU A 34 -12.46 7.23 10.00
C GLU A 34 -13.88 7.78 10.03
N THR A 35 -13.96 9.10 9.87
CA THR A 35 -15.24 9.80 9.88
C THR A 35 -15.97 9.58 8.55
N PRO A 36 -17.30 9.69 8.56
CA PRO A 36 -18.08 9.52 7.34
C PRO A 36 -17.96 10.74 6.42
N ALA A 37 -18.41 10.52 5.18
CA ALA A 37 -18.54 11.59 4.19
C ALA A 37 -19.93 11.47 3.60
N VAL A 38 -20.46 12.61 3.14
CA VAL A 38 -21.82 12.68 2.65
C VAL A 38 -21.83 13.64 1.45
N TYR A 39 -22.70 13.36 0.47
CA TYR A 39 -22.96 14.30 -0.61
C TYR A 39 -23.79 15.47 -0.10
N LEU A 40 -23.43 16.67 -0.54
CA LEU A 40 -24.31 17.82 -0.43
C LEU A 40 -25.42 17.68 -1.47
N LYS A 41 -26.68 17.77 -1.01
CA LYS A 41 -27.82 17.40 -1.85
C LYS A 41 -28.63 18.67 -2.16
N ARG A 42 -29.59 19.04 -1.30
CA ARG A 42 -30.53 20.08 -1.63
C ARG A 42 -29.83 21.41 -1.84
N MET A 43 -28.82 21.74 -1.02
CA MET A 43 -28.15 23.01 -1.14
C MET A 43 -27.32 23.08 -2.43
N ASN A 44 -26.94 21.93 -2.98
CA ASN A 44 -26.10 21.91 -4.17
C ASN A 44 -26.99 22.02 -5.42
N ASP A 45 -27.13 23.23 -5.94
CA ASP A 45 -27.94 23.44 -7.13
C ASP A 45 -27.01 23.61 -8.34
N THR A 46 -25.75 23.15 -8.22
CA THR A 46 -24.75 23.35 -9.25
C THR A 46 -24.58 22.08 -10.07
N ALA A 47 -23.71 22.17 -11.09
CA ALA A 47 -23.43 21.05 -11.97
C ALA A 47 -22.29 20.17 -11.43
N ALA A 48 -21.71 20.55 -10.28
CA ALA A 48 -20.62 19.78 -9.70
C ALA A 48 -21.16 18.88 -8.60
N THR A 49 -20.39 17.84 -8.26
CA THR A 49 -20.64 16.97 -7.12
C THR A 49 -19.84 17.52 -5.94
N ILE A 50 -20.49 17.70 -4.78
CA ILE A 50 -19.83 18.20 -3.58
C ILE A 50 -19.91 17.12 -2.49
N VAL A 51 -18.74 16.73 -1.98
CA VAL A 51 -18.57 15.72 -0.93
C VAL A 51 -18.09 16.41 0.34
N LEU A 52 -18.80 16.20 1.44
CA LEU A 52 -18.43 16.78 2.74
C LEU A 52 -17.78 15.69 3.58
N LYS A 53 -16.55 15.94 4.04
CA LYS A 53 -15.88 15.09 5.01
C LYS A 53 -16.29 15.57 6.41
N LEU A 54 -16.95 14.70 7.17
CA LEU A 54 -17.65 15.09 8.38
C LEU A 54 -16.76 14.89 9.62
N GLU A 55 -15.82 15.82 9.82
CA GLU A 55 -14.96 15.83 10.99
C GLU A 55 -15.72 16.15 12.28
N CYS A 56 -16.89 16.76 12.10
CA CYS A 56 -17.83 16.99 13.19
C CYS A 56 -18.27 15.69 13.86
N GLU A 57 -18.04 14.53 13.23
CA GLU A 57 -18.47 13.24 13.79
C GLU A 57 -17.44 12.58 14.71
N ASN A 58 -16.23 13.16 14.84
CA ASN A 58 -15.26 12.66 15.80
C ASN A 58 -15.86 12.69 17.21
N PRO A 59 -15.30 11.91 18.17
CA PRO A 59 -15.86 11.79 19.51
C PRO A 59 -16.07 13.10 20.26
N MET A 60 -15.11 14.04 20.15
CA MET A 60 -15.27 15.33 20.81
C MET A 60 -15.71 16.41 19.81
N ALA A 61 -16.27 15.97 18.67
CA ALA A 61 -17.09 16.78 17.75
C ALA A 61 -16.28 17.78 16.93
N SER A 62 -15.01 17.53 16.66
CA SER A 62 -14.25 18.37 15.74
C SER A 62 -13.04 17.60 15.19
N VAL A 63 -12.48 18.19 14.13
CA VAL A 63 -11.27 17.72 13.47
C VAL A 63 -10.08 17.64 14.44
N LYS A 64 -10.08 18.47 15.52
CA LYS A 64 -8.94 18.59 16.41
C LYS A 64 -8.75 17.33 17.25
N ASP A 65 -9.74 16.44 17.31
CA ASP A 65 -9.50 15.13 17.90
C ASP A 65 -8.29 14.44 17.25
N ARG A 66 -8.12 14.60 15.94
CA ARG A 66 -7.03 13.91 15.24
C ARG A 66 -5.66 14.48 15.64
N LEU A 67 -5.59 15.80 15.76
CA LEU A 67 -4.37 16.46 16.22
C LEU A 67 -4.00 16.03 17.64
N ALA A 68 -4.98 16.04 18.56
CA ALA A 68 -4.72 15.62 19.93
C ALA A 68 -4.26 14.16 19.96
N TYR A 69 -4.92 13.31 19.20
CA TYR A 69 -4.52 11.91 19.13
C TYR A 69 -3.05 11.78 18.69
N ALA A 70 -2.69 12.49 17.61
CA ALA A 70 -1.33 12.47 17.06
C ALA A 70 -0.30 12.88 18.11
N ILE A 71 -0.63 13.97 18.84
CA ILE A 71 0.26 14.46 19.86
C ILE A 71 0.55 13.37 20.90
N TYR A 72 -0.50 12.76 21.47
CA TYR A 72 -0.28 11.77 22.53
C TYR A 72 0.36 10.52 21.96
N ASP A 73 -0.13 10.02 20.81
CA ASP A 73 0.35 8.77 20.26
C ASP A 73 1.81 8.90 19.86
N LYS A 74 2.15 9.95 19.09
CA LYS A 74 3.47 10.04 18.48
C LYS A 74 4.52 10.49 19.51
N ALA A 75 4.13 11.41 20.41
CA ALA A 75 5.09 11.84 21.42
C ALA A 75 5.47 10.68 22.33
N GLU A 76 4.48 9.83 22.67
CA GLU A 76 4.75 8.68 23.52
C GLU A 76 5.62 7.67 22.79
N LYS A 77 5.37 7.43 21.49
CA LYS A 77 6.17 6.51 20.70
C LYS A 77 7.61 7.01 20.54
N GLU A 78 7.82 8.33 20.65
CA GLU A 78 9.17 8.90 20.55
C GLU A 78 9.79 9.06 21.95
N GLY A 79 9.05 8.68 23.01
CA GLY A 79 9.57 8.72 24.36
C GLY A 79 9.65 10.13 24.93
N LYS A 80 8.88 11.06 24.37
CA LYS A 80 8.94 12.44 24.82
C LYS A 80 7.97 12.68 25.98
N ILE A 81 6.97 11.81 26.14
CA ILE A 81 6.04 11.94 27.25
C ILE A 81 5.77 10.57 27.86
N ILE A 82 5.45 10.59 29.15
CA ILE A 82 5.20 9.39 29.94
C ILE A 82 3.93 9.65 30.73
N PRO A 83 2.92 8.76 30.61
CA PRO A 83 1.70 8.88 31.41
C PRO A 83 1.99 8.89 32.91
N GLY A 84 1.31 9.76 33.64
CA GLY A 84 1.48 9.87 35.08
C GLY A 84 2.71 10.67 35.47
N LYS A 85 3.53 11.08 34.48
CA LYS A 85 4.70 11.90 34.74
C LYS A 85 4.62 13.22 33.97
N SER A 86 4.47 13.15 32.64
CA SER A 86 4.45 14.33 31.81
C SER A 86 3.16 15.14 32.07
N VAL A 87 3.29 16.47 32.02
CA VAL A 87 2.16 17.38 32.12
C VAL A 87 2.05 18.11 30.78
N ILE A 88 0.87 17.99 30.14
CA ILE A 88 0.65 18.56 28.82
C ILE A 88 0.06 19.96 28.99
N VAL A 89 0.71 20.98 28.40
CA VAL A 89 0.31 22.37 28.63
C VAL A 89 0.07 23.04 27.29
N GLU A 90 -1.05 23.76 27.15
CA GLU A 90 -1.37 24.43 25.92
C GLU A 90 -2.18 25.69 26.20
N ALA A 91 -1.89 26.73 25.41
CA ALA A 91 -2.68 27.96 25.42
C ALA A 91 -3.72 27.85 24.30
N THR A 92 -4.98 27.69 24.68
CA THR A 92 -6.06 27.57 23.71
C THR A 92 -7.41 27.71 24.40
N SER A 93 -8.41 28.22 23.69
CA SER A 93 -9.79 28.18 24.17
C SER A 93 -10.65 27.35 23.23
N GLY A 94 -10.01 26.70 22.24
CA GLY A 94 -10.75 26.08 21.14
C GLY A 94 -10.79 24.56 21.27
N ASN A 95 -11.17 23.94 20.16
CA ASN A 95 -11.40 22.51 20.11
C ASN A 95 -10.11 21.75 20.41
N THR A 96 -8.95 22.35 20.15
CA THR A 96 -7.69 21.67 20.43
C THR A 96 -7.55 21.40 21.92
N GLY A 97 -7.91 22.39 22.75
CA GLY A 97 -7.87 22.20 24.19
C GLY A 97 -8.83 21.11 24.68
N ILE A 98 -10.03 21.07 24.11
CA ILE A 98 -11.04 20.08 24.50
C ILE A 98 -10.49 18.69 24.23
N ALA A 99 -9.98 18.51 23.00
CA ALA A 99 -9.46 17.23 22.55
C ALA A 99 -8.22 16.82 23.36
N LEU A 100 -7.32 17.75 23.68
CA LEU A 100 -6.18 17.48 24.53
C LEU A 100 -6.63 17.03 25.92
N ALA A 101 -7.64 17.71 26.51
CA ALA A 101 -8.13 17.35 27.82
C ALA A 101 -8.75 15.96 27.82
N HIS A 102 -9.54 15.70 26.77
CA HIS A 102 -10.24 14.43 26.61
C HIS A 102 -9.28 13.25 26.57
N ILE A 103 -8.34 13.28 25.63
CA ILE A 103 -7.42 12.14 25.45
C ILE A 103 -6.45 12.05 26.62
N GLY A 104 -6.05 13.20 27.16
CA GLY A 104 -5.21 13.23 28.35
C GLY A 104 -5.80 12.45 29.52
N THR A 105 -7.06 12.74 29.87
CA THR A 105 -7.69 12.09 31.01
C THR A 105 -7.81 10.59 30.76
N ILE A 106 -8.06 10.17 29.52
CA ILE A 106 -8.20 8.77 29.18
C ILE A 106 -6.87 8.07 29.43
N ARG A 107 -5.77 8.70 29.00
CA ARG A 107 -4.47 8.06 29.02
C ARG A 107 -3.71 8.32 30.32
N GLY A 108 -4.29 9.12 31.21
CA GLY A 108 -3.74 9.33 32.55
C GLY A 108 -2.65 10.39 32.59
N TYR A 109 -2.79 11.43 31.75
CA TYR A 109 -1.90 12.59 31.81
C TYR A 109 -2.62 13.75 32.46
N LYS A 110 -1.89 14.51 33.31
CA LYS A 110 -2.35 15.81 33.73
C LYS A 110 -2.28 16.76 32.55
N VAL A 111 -3.31 17.60 32.40
CA VAL A 111 -3.41 18.54 31.29
C VAL A 111 -3.69 19.91 31.89
N ILE A 112 -2.95 20.91 31.40
CA ILE A 112 -3.13 22.30 31.82
C ILE A 112 -3.50 23.10 30.58
N ILE A 113 -4.69 23.70 30.60
CA ILE A 113 -5.17 24.54 29.51
C ILE A 113 -5.15 25.99 30.02
N VAL A 114 -4.48 26.85 29.26
CA VAL A 114 -4.34 28.26 29.61
C VAL A 114 -5.14 29.09 28.61
N MET A 115 -6.04 29.94 29.10
CA MET A 115 -6.76 30.83 28.21
C MET A 115 -7.16 32.13 28.92
N PRO A 116 -7.35 33.23 28.14
CA PRO A 116 -7.90 34.46 28.70
C PRO A 116 -9.29 34.23 29.31
N GLU A 117 -9.52 34.92 30.44
CA GLU A 117 -10.77 34.81 31.16
C GLU A 117 -11.92 35.37 30.33
N SER A 118 -11.64 36.07 29.22
CA SER A 118 -12.68 36.67 28.39
C SER A 118 -13.31 35.67 27.40
N MET A 119 -12.71 34.48 27.25
CA MET A 119 -13.26 33.47 26.35
C MET A 119 -14.52 32.86 26.95
N SER A 120 -15.33 32.25 26.09
CA SER A 120 -16.63 31.71 26.48
C SER A 120 -16.50 30.77 27.69
N ILE A 121 -17.44 30.96 28.64
CA ILE A 121 -17.52 30.11 29.81
C ILE A 121 -17.83 28.67 29.36
N GLU A 122 -18.55 28.48 28.24
CA GLU A 122 -18.85 27.14 27.76
C GLU A 122 -17.57 26.37 27.40
N ARG A 123 -16.62 27.04 26.73
CA ARG A 123 -15.35 26.42 26.34
C ARG A 123 -14.51 26.10 27.59
N ARG A 124 -14.51 27.05 28.52
CA ARG A 124 -13.83 26.87 29.79
C ARG A 124 -14.38 25.62 30.49
N CYS A 125 -15.71 25.54 30.57
CA CYS A 125 -16.41 24.45 31.22
C CYS A 125 -16.05 23.11 30.57
N LEU A 126 -16.03 23.03 29.24
CA LEU A 126 -15.70 21.78 28.57
C LEU A 126 -14.30 21.27 28.97
N MET A 127 -13.30 22.15 29.05
CA MET A 127 -11.96 21.72 29.47
C MET A 127 -12.04 21.10 30.87
N ARG A 128 -12.76 21.78 31.77
CA ARG A 128 -12.81 21.37 33.17
C ARG A 128 -13.60 20.06 33.34
N ILE A 129 -14.63 19.85 32.51
CA ILE A 129 -15.40 18.62 32.56
C ILE A 129 -14.49 17.41 32.38
N PHE A 130 -13.45 17.52 31.55
CA PHE A 130 -12.48 16.43 31.32
C PHE A 130 -11.30 16.48 32.28
N GLY A 131 -11.41 17.27 33.36
CA GLY A 131 -10.44 17.25 34.44
C GLY A 131 -9.17 18.02 34.11
N ALA A 132 -9.15 18.84 33.04
CA ALA A 132 -8.00 19.70 32.81
C ALA A 132 -7.95 20.76 33.91
N GLU A 133 -6.73 21.15 34.29
CA GLU A 133 -6.53 22.33 35.09
C GLU A 133 -6.62 23.53 34.15
N VAL A 134 -7.58 24.44 34.41
CA VAL A 134 -7.78 25.58 33.54
C VAL A 134 -7.18 26.79 34.24
N ILE A 135 -6.19 27.39 33.57
CA ILE A 135 -5.52 28.57 34.08
C ILE A 135 -6.08 29.74 33.26
N LEU A 136 -6.73 30.66 33.97
CA LEU A 136 -7.30 31.83 33.34
C LEU A 136 -6.36 33.02 33.46
N THR A 137 -6.19 33.74 32.35
CA THR A 137 -5.27 34.86 32.30
C THR A 137 -6.10 36.12 32.07
N PRO A 138 -5.62 37.28 32.56
CA PRO A 138 -6.40 38.53 32.50
C PRO A 138 -6.86 38.90 31.10
N ALA A 139 -8.11 39.31 31.00
CA ALA A 139 -8.69 39.74 29.72
C ALA A 139 -7.84 40.84 29.08
N ALA A 140 -7.32 41.76 29.92
CA ALA A 140 -6.55 42.88 29.41
C ALA A 140 -5.26 42.48 28.71
N LEU A 141 -4.75 41.25 28.97
CA LEU A 141 -3.51 40.80 28.37
C LEU A 141 -3.74 40.02 27.07
N GLY A 142 -4.97 39.60 26.82
CA GLY A 142 -5.28 38.87 25.59
C GLY A 142 -4.56 37.52 25.52
N MET A 143 -4.37 37.03 24.28
CA MET A 143 -3.73 35.75 24.02
C MET A 143 -2.26 35.82 24.42
N LYS A 144 -1.65 37.01 24.32
CA LYS A 144 -0.25 37.16 24.71
C LYS A 144 -0.06 36.71 26.16
N GLY A 145 -1.02 37.09 27.03
CA GLY A 145 -0.96 36.78 28.45
C GLY A 145 -0.96 35.26 28.71
N ALA A 146 -1.78 34.56 27.90
CA ALA A 146 -1.89 33.11 27.99
C ALA A 146 -0.61 32.45 27.49
N LEU A 147 -0.06 32.96 26.38
CA LEU A 147 1.20 32.41 25.87
C LEU A 147 2.36 32.59 26.85
N GLU A 148 2.42 33.78 27.48
CA GLU A 148 3.45 34.05 28.49
C GLU A 148 3.33 33.10 29.68
N ALA A 149 2.10 32.87 30.17
CA ALA A 149 1.84 31.96 31.27
C ALA A 149 2.30 30.54 30.91
N VAL A 150 2.00 30.11 29.66
CA VAL A 150 2.42 28.79 29.21
C VAL A 150 3.95 28.69 29.25
N ASN A 151 4.63 29.73 28.74
CA ASN A 151 6.09 29.71 28.69
C ASN A 151 6.67 29.50 30.10
N ARG A 152 6.09 30.18 31.08
CA ARG A 152 6.57 30.09 32.45
C ARG A 152 6.33 28.69 33.01
N ILE A 153 5.15 28.14 32.74
CA ILE A 153 4.80 26.84 33.28
C ILE A 153 5.75 25.79 32.69
N VAL A 154 5.98 25.82 31.38
CA VAL A 154 6.77 24.80 30.72
C VAL A 154 8.24 24.95 31.13
N SER A 155 8.74 26.18 31.20
CA SER A 155 10.14 26.44 31.54
C SER A 155 10.47 26.01 32.96
N ASN A 156 9.51 26.16 33.90
CA ASN A 156 9.79 25.99 35.31
C ASN A 156 9.52 24.57 35.83
N ASN A 157 8.85 23.72 35.05
CA ASN A 157 8.57 22.37 35.50
C ASN A 157 9.21 21.40 34.51
N PRO A 158 10.24 20.62 34.90
CA PRO A 158 10.93 19.76 33.94
C PRO A 158 10.02 18.69 33.32
N ASP A 159 8.90 18.38 33.98
CA ASP A 159 7.98 17.36 33.48
C ASP A 159 6.87 17.94 32.61
N ALA A 160 6.78 19.27 32.52
CA ALA A 160 5.80 19.92 31.66
C ALA A 160 6.33 19.96 30.23
N VAL A 161 5.43 19.75 29.25
CA VAL A 161 5.74 19.93 27.85
C VAL A 161 4.68 20.83 27.23
N SER A 162 5.08 21.52 26.17
CA SER A 162 4.18 22.37 25.39
C SER A 162 3.55 21.48 24.33
N ALA A 163 2.21 21.43 24.27
CA ALA A 163 1.52 20.68 23.24
C ALA A 163 1.78 21.29 21.87
N ASN A 164 1.91 22.63 21.84
CA ASN A 164 2.09 23.36 20.60
C ASN A 164 3.35 22.91 19.88
N GLN A 165 4.44 22.64 20.62
CA GLN A 165 5.66 22.12 20.01
C GLN A 165 5.44 20.77 19.30
N PHE A 166 4.55 19.94 19.85
CA PHE A 166 4.25 18.66 19.22
C PHE A 166 3.24 18.85 18.09
N ALA A 167 2.25 19.71 18.34
CA ALA A 167 1.25 20.02 17.34
C ALA A 167 1.93 20.47 16.04
N THR A 168 2.98 21.30 16.18
CA THR A 168 3.69 21.82 15.03
C THR A 168 4.36 20.68 14.28
N LYS A 169 4.86 19.67 15.00
CA LYS A 169 5.58 18.59 14.38
C LYS A 169 4.64 17.59 13.71
N TYR A 170 3.44 17.34 14.30
CA TYR A 170 2.63 16.18 13.98
C TYR A 170 1.33 16.49 13.21
N ASN A 171 1.02 17.78 13.03
CA ASN A 171 -0.30 18.24 12.58
C ASN A 171 -0.55 17.85 11.13
N ALA A 172 0.25 18.33 10.19
CA ALA A 172 0.06 17.95 8.79
C ALA A 172 0.23 16.45 8.64
N GLN A 173 1.16 15.84 9.41
CA GLN A 173 1.44 14.43 9.31
C GLN A 173 0.16 13.61 9.55
N ILE A 174 -0.58 13.92 10.62
CA ILE A 174 -1.75 13.10 10.94
C ILE A 174 -2.78 13.15 9.79
N HIS A 175 -2.94 14.31 9.15
CA HIS A 175 -3.90 14.44 8.05
C HIS A 175 -3.40 13.75 6.78
N GLU A 176 -2.08 13.66 6.63
CA GLU A 176 -1.51 12.93 5.50
C GLU A 176 -1.72 11.43 5.69
N GLU A 177 -1.74 10.98 6.94
CA GLU A 177 -1.81 9.57 7.31
C GLU A 177 -3.24 9.08 7.48
N THR A 178 -4.21 9.99 7.75
CA THR A 178 -5.56 9.55 8.10
C THR A 178 -6.61 10.21 7.22
N THR A 179 -6.80 11.52 7.38
CA THR A 179 -7.85 12.27 6.69
C THR A 179 -7.77 12.09 5.16
N GLY A 180 -6.56 12.33 4.63
CA GLY A 180 -6.31 12.21 3.21
C GLY A 180 -6.65 10.82 2.68
N PRO A 181 -6.01 9.74 3.21
CA PRO A 181 -6.30 8.38 2.77
C PRO A 181 -7.76 7.98 2.86
N GLU A 182 -8.44 8.43 3.94
CA GLU A 182 -9.86 8.19 4.07
C GLU A 182 -10.63 8.82 2.90
N ILE A 183 -10.36 10.09 2.58
CA ILE A 183 -11.04 10.81 1.51
C ILE A 183 -10.84 10.06 0.18
N TRP A 184 -9.62 9.56 0.00
CA TRP A 184 -9.26 8.90 -1.23
C TRP A 184 -10.05 7.60 -1.37
N ARG A 185 -10.17 6.85 -0.26
CA ARG A 185 -10.92 5.60 -0.24
C ARG A 185 -12.43 5.88 -0.43
N GLN A 186 -12.94 6.88 0.31
CA GLN A 186 -14.38 7.13 0.31
C GLN A 186 -14.87 7.60 -1.06
N THR A 187 -14.05 8.36 -1.79
CA THR A 187 -14.41 8.87 -3.11
C THR A 187 -13.99 7.90 -4.22
N LYS A 188 -13.38 6.77 -3.84
CA LYS A 188 -12.90 5.75 -4.76
C LYS A 188 -11.92 6.35 -5.76
N GLY A 189 -11.05 7.24 -5.27
CA GLY A 189 -9.98 7.80 -6.08
C GLY A 189 -10.47 8.89 -7.03
N HIS A 190 -11.59 9.54 -6.69
CA HIS A 190 -12.16 10.58 -7.52
C HIS A 190 -12.21 11.89 -6.73
N VAL A 191 -11.15 12.69 -6.84
CA VAL A 191 -11.11 14.04 -6.27
C VAL A 191 -10.58 14.99 -7.33
N ASP A 192 -11.40 15.96 -7.78
CA ASP A 192 -10.97 16.96 -8.73
C ASP A 192 -10.53 18.26 -8.05
N CYS A 193 -11.10 18.49 -6.87
CA CYS A 193 -10.84 19.71 -6.12
CA CYS A 193 -10.85 19.71 -6.11
C CYS A 193 -10.97 19.41 -4.63
N PHE A 194 -10.13 20.06 -3.82
CA PHE A 194 -10.23 19.95 -2.37
C PHE A 194 -10.17 21.36 -1.78
N VAL A 195 -11.13 21.68 -0.90
CA VAL A 195 -11.36 22.99 -0.38
C VAL A 195 -11.35 22.90 1.14
N ALA A 196 -10.53 23.70 1.82
CA ALA A 196 -10.55 23.71 3.25
C ALA A 196 -10.07 25.05 3.78
N GLY A 197 -10.65 25.46 4.90
CA GLY A 197 -10.19 26.65 5.57
C GLY A 197 -8.86 26.37 6.26
N VAL A 198 -8.10 27.43 6.49
CA VAL A 198 -6.82 27.32 7.17
C VAL A 198 -6.96 27.87 8.58
N GLY A 199 -6.82 26.98 9.58
CA GLY A 199 -6.66 27.38 10.96
C GLY A 199 -5.20 27.24 11.35
N THR A 200 -4.83 26.01 11.73
CA THR A 200 -3.45 25.61 11.91
C THR A 200 -2.81 25.31 10.56
N GLY A 201 -3.60 24.98 9.55
CA GLY A 201 -3.05 24.61 8.26
C GLY A 201 -2.87 23.11 8.11
N GLY A 202 -3.10 22.35 9.18
CA GLY A 202 -2.83 20.91 9.18
C GLY A 202 -3.67 20.16 8.16
N THR A 203 -4.99 20.42 8.19
CA THR A 203 -5.89 19.64 7.34
C THR A 203 -5.55 19.84 5.87
N ILE A 204 -5.47 21.09 5.41
CA ILE A 204 -5.27 21.33 3.99
C ILE A 204 -3.88 20.82 3.59
N THR A 205 -2.87 21.03 4.42
CA THR A 205 -1.51 20.66 4.07
C THR A 205 -1.38 19.14 3.96
N GLY A 206 -1.89 18.43 4.97
CA GLY A 206 -1.74 16.98 5.04
C GLY A 206 -2.57 16.31 3.93
N VAL A 207 -3.81 16.80 3.70
CA VAL A 207 -4.60 16.23 2.63
C VAL A 207 -3.95 16.50 1.27
N ALA A 208 -3.50 17.73 1.02
CA ALA A 208 -2.90 18.05 -0.28
C ALA A 208 -1.63 17.24 -0.50
N ARG A 209 -0.84 17.02 0.56
CA ARG A 209 0.37 16.19 0.50
C ARG A 209 0.00 14.77 0.08
N TYR A 210 -1.04 14.23 0.72
CA TYR A 210 -1.49 12.89 0.39
C TYR A 210 -1.95 12.79 -1.05
N LEU A 211 -2.80 13.74 -1.50
CA LEU A 211 -3.35 13.69 -2.84
C LEU A 211 -2.23 13.77 -3.88
N LYS A 212 -1.23 14.64 -3.62
CA LYS A 212 -0.07 14.71 -4.50
C LYS A 212 0.66 13.36 -4.56
N SER A 213 0.80 12.71 -3.41
CA SER A 213 1.57 11.47 -3.30
C SER A 213 0.88 10.32 -4.02
N VAL A 214 -0.44 10.38 -4.25
CA VAL A 214 -1.11 9.30 -4.97
C VAL A 214 -1.33 9.66 -6.43
N GLY A 215 -0.72 10.77 -6.89
CA GLY A 215 -0.79 11.15 -8.30
C GLY A 215 -2.10 11.83 -8.66
N CYS A 216 -2.83 12.29 -7.64
CA CYS A 216 -4.09 13.00 -7.85
C CYS A 216 -3.79 14.45 -8.17
N GLY A 217 -4.30 14.93 -9.31
CA GLY A 217 -4.00 16.28 -9.78
C GLY A 217 -5.00 17.33 -9.28
N ALA A 218 -5.75 17.01 -8.22
CA ALA A 218 -6.80 17.89 -7.72
C ALA A 218 -6.26 19.29 -7.45
N THR A 219 -7.07 20.30 -7.79
CA THR A 219 -6.79 21.68 -7.42
C THR A 219 -7.12 21.88 -5.95
N ILE A 220 -6.28 22.66 -5.27
CA ILE A 220 -6.34 22.83 -3.83
C ILE A 220 -6.69 24.29 -3.56
N PHE A 221 -7.79 24.51 -2.83
CA PHE A 221 -8.27 25.83 -2.49
C PHE A 221 -8.24 25.99 -0.98
N ALA A 222 -7.55 27.03 -0.50
CA ALA A 222 -7.60 27.44 0.89
C ALA A 222 -8.71 28.49 1.02
N VAL A 223 -9.41 28.44 2.18
CA VAL A 223 -10.47 29.38 2.45
C VAL A 223 -10.02 30.22 3.65
N GLU A 224 -10.24 31.53 3.58
CA GLU A 224 -9.91 32.40 4.69
C GLU A 224 -10.96 33.51 4.79
N PRO A 225 -11.07 34.16 5.98
CA PRO A 225 -12.05 35.23 6.18
C PRO A 225 -11.65 36.46 5.37
N ALA A 226 -12.64 37.04 4.68
CA ALA A 226 -12.42 38.30 3.98
C ALA A 226 -11.95 39.37 4.97
N GLU A 227 -12.41 39.23 6.22
CA GLU A 227 -12.11 40.21 7.27
C GLU A 227 -10.70 40.02 7.86
N SER A 228 -10.03 38.90 7.56
CA SER A 228 -8.71 38.63 8.11
C SER A 228 -7.86 37.85 7.12
N PRO A 229 -7.62 38.40 5.91
CA PRO A 229 -7.06 37.64 4.80
C PRO A 229 -5.53 37.60 4.80
N VAL A 230 -4.97 36.96 5.83
CA VAL A 230 -3.53 36.98 6.08
C VAL A 230 -2.80 36.02 5.13
N LEU A 231 -3.44 34.90 4.75
CA LEU A 231 -2.84 33.99 3.78
C LEU A 231 -2.72 34.67 2.42
N SER A 232 -3.57 35.67 2.15
CA SER A 232 -3.59 36.40 0.89
C SER A 232 -2.60 37.58 0.96
N PHE A 248 -1.77 35.11 11.45
CA PHE A 248 -0.40 34.83 10.95
C PHE A 248 -0.46 33.57 10.08
N VAL A 249 0.62 33.34 9.33
CA VAL A 249 0.74 32.13 8.54
C VAL A 249 1.33 31.04 9.43
N PRO A 250 0.58 29.97 9.78
CA PRO A 250 1.12 28.93 10.66
C PRO A 250 2.27 28.18 10.00
N GLU A 251 3.24 27.77 10.82
CA GLU A 251 4.39 27.00 10.36
C GLU A 251 3.96 25.68 9.69
N VAL A 252 2.82 25.14 10.16
CA VAL A 252 2.31 23.87 9.65
C VAL A 252 1.91 24.02 8.19
N PHE A 253 1.38 25.19 7.83
CA PHE A 253 0.79 25.43 6.51
C PHE A 253 1.85 25.47 5.40
N GLU A 254 1.62 24.76 4.29
CA GLU A 254 2.56 24.76 3.16
C GLU A 254 1.91 25.37 1.93
N ALA A 255 2.17 26.66 1.73
CA ALA A 255 1.53 27.46 0.70
C ALA A 255 1.79 26.90 -0.72
N ALA A 256 2.90 26.15 -0.92
CA ALA A 256 3.22 25.68 -2.27
C ALA A 256 2.21 24.65 -2.77
N LEU A 257 1.46 24.03 -1.84
CA LEU A 257 0.49 23.00 -2.19
C LEU A 257 -0.86 23.61 -2.57
N VAL A 258 -1.02 24.92 -2.35
CA VAL A 258 -2.30 25.59 -2.56
C VAL A 258 -2.33 26.34 -3.90
N ASP A 259 -3.36 26.08 -4.70
CA ASP A 259 -3.51 26.67 -6.02
C ASP A 259 -4.17 28.05 -5.95
N GLU A 260 -5.18 28.20 -5.09
CA GLU A 260 -5.99 29.41 -5.04
C GLU A 260 -6.52 29.62 -3.64
N VAL A 261 -6.71 30.90 -3.26
CA VAL A 261 -7.31 31.28 -1.99
C VAL A 261 -8.69 31.86 -2.29
N ILE A 262 -9.73 31.34 -1.59
CA ILE A 262 -11.06 31.92 -1.65
C ILE A 262 -11.29 32.69 -0.35
N GLN A 263 -11.68 33.96 -0.49
CA GLN A 263 -12.08 34.75 0.67
C GLN A 263 -13.60 34.64 0.83
N VAL A 264 -14.04 34.43 2.07
CA VAL A 264 -15.45 34.33 2.41
C VAL A 264 -15.71 35.29 3.56
N SER A 265 -16.78 36.08 3.44
CA SER A 265 -17.13 37.01 4.51
C SER A 265 -17.78 36.25 5.68
N GLY A 266 -17.71 36.85 6.87
CA GLY A 266 -18.50 36.37 7.99
C GLY A 266 -19.97 36.16 7.63
N ASP A 267 -20.59 37.13 6.93
CA ASP A 267 -22.01 37.04 6.63
C ASP A 267 -22.29 35.84 5.74
N GLU A 268 -21.42 35.58 4.75
CA GLU A 268 -21.60 34.45 3.85
C GLU A 268 -21.47 33.12 4.61
N ALA A 269 -20.51 33.04 5.50
CA ALA A 269 -20.26 31.84 6.30
C ALA A 269 -21.45 31.56 7.23
N ILE A 270 -21.96 32.62 7.88
CA ILE A 270 -23.09 32.49 8.81
C ILE A 270 -24.35 32.08 8.07
N ASP A 271 -24.62 32.73 6.93
CA ASP A 271 -25.82 32.44 6.16
C ASP A 271 -25.81 30.97 5.74
N THR A 272 -24.64 30.49 5.30
CA THR A 272 -24.52 29.12 4.83
C THR A 272 -24.72 28.14 6.00
N ALA A 273 -24.10 28.43 7.15
CA ALA A 273 -24.22 27.55 8.31
C ALA A 273 -25.66 27.53 8.87
N GLN A 274 -26.41 28.63 8.71
CA GLN A 274 -27.79 28.69 9.13
C GLN A 274 -28.72 27.93 8.18
N LYS A 275 -28.32 27.80 6.90
CA LYS A 275 -29.16 27.12 5.93
C LYS A 275 -28.90 25.63 5.88
N LEU A 276 -27.65 25.21 6.11
CA LEU A 276 -27.26 23.82 5.97
C LEU A 276 -28.14 22.89 6.81
N PRO A 277 -28.51 23.23 8.07
CA PRO A 277 -29.39 22.36 8.84
C PRO A 277 -30.74 22.11 8.18
N ARG A 278 -31.30 23.13 7.52
CA ARG A 278 -32.60 23.03 6.88
C ARG A 278 -32.52 22.32 5.52
N THR A 279 -31.50 22.64 4.73
CA THR A 279 -31.41 22.04 3.41
C THR A 279 -30.98 20.57 3.48
N ASP A 280 -30.00 20.28 4.34
CA ASP A 280 -29.28 19.00 4.27
C ASP A 280 -29.18 18.32 5.64
N GLY A 281 -29.69 18.95 6.70
CA GLY A 281 -29.54 18.35 8.03
C GLY A 281 -28.09 18.32 8.53
N ILE A 282 -27.28 19.26 8.04
CA ILE A 282 -25.89 19.41 8.39
C ILE A 282 -25.77 20.56 9.41
N PHE A 283 -25.27 20.22 10.60
CA PHE A 283 -25.24 21.14 11.73
C PHE A 283 -23.79 21.41 12.10
N CYS A 284 -23.27 22.56 11.69
CA CYS A 284 -21.83 22.81 11.80
C CYS A 284 -21.57 24.22 12.32
N GLY A 285 -20.28 24.49 12.50
CA GLY A 285 -19.82 25.80 12.93
C GLY A 285 -19.61 26.78 11.76
N PHE A 286 -18.98 27.90 12.11
CA PHE A 286 -18.62 28.97 11.20
C PHE A 286 -17.76 28.47 10.04
N SER A 287 -16.77 27.63 10.35
CA SER A 287 -15.79 27.20 9.36
C SER A 287 -16.44 26.27 8.33
N GLY A 288 -17.36 25.43 8.78
CA GLY A 288 -18.11 24.56 7.88
C GLY A 288 -18.93 25.40 6.90
N GLY A 289 -19.54 26.48 7.41
CA GLY A 289 -20.32 27.40 6.59
C GLY A 289 -19.44 28.04 5.50
N ALA A 290 -18.23 28.46 5.90
CA ALA A 290 -17.28 29.10 5.00
C ALA A 290 -16.84 28.13 3.90
N ASN A 291 -16.54 26.90 4.33
CA ASN A 291 -16.02 25.89 3.41
C ASN A 291 -17.07 25.55 2.37
N VAL A 292 -18.33 25.36 2.80
CA VAL A 292 -19.39 24.97 1.88
C VAL A 292 -19.73 26.13 0.96
N TYR A 293 -19.72 27.35 1.48
CA TYR A 293 -19.93 28.53 0.65
C TYR A 293 -18.88 28.59 -0.48
N ALA A 294 -17.62 28.39 -0.11
CA ALA A 294 -16.51 28.38 -1.06
C ALA A 294 -16.67 27.27 -2.10
N ALA A 295 -17.01 26.05 -1.64
CA ALA A 295 -17.23 24.93 -2.55
C ALA A 295 -18.32 25.24 -3.57
N LEU A 296 -19.42 25.87 -3.11
CA LEU A 296 -20.54 26.22 -3.97
C LEU A 296 -20.12 27.30 -4.98
N GLN A 297 -19.27 28.24 -4.57
CA GLN A 297 -18.76 29.24 -5.49
C GLN A 297 -17.89 28.62 -6.58
N ILE A 298 -16.99 27.70 -6.22
CA ILE A 298 -16.16 26.96 -7.17
C ILE A 298 -17.03 26.13 -8.12
N ALA A 299 -18.05 25.48 -7.56
CA ALA A 299 -18.90 24.56 -8.30
C ALA A 299 -19.71 25.27 -9.40
N LYS A 300 -19.87 26.58 -9.27
CA LYS A 300 -20.65 27.36 -10.24
C LYS A 300 -19.80 27.71 -11.46
N ARG A 301 -18.49 27.44 -11.42
CA ARG A 301 -17.62 27.75 -12.55
C ARG A 301 -17.89 26.74 -13.65
N PRO A 302 -18.02 27.17 -14.93
CA PRO A 302 -18.36 26.24 -16.00
C PRO A 302 -17.41 25.05 -16.10
N GLU A 303 -16.11 25.31 -15.87
CA GLU A 303 -15.09 24.28 -16.03
C GLU A 303 -15.20 23.23 -14.93
N MET A 304 -15.99 23.51 -13.88
CA MET A 304 -16.09 22.56 -12.78
C MET A 304 -17.29 21.63 -12.96
N ALA A 305 -18.06 21.83 -14.04
CA ALA A 305 -19.22 20.99 -14.27
C ALA A 305 -18.79 19.52 -14.30
N GLY A 306 -19.54 18.70 -13.57
CA GLY A 306 -19.34 17.26 -13.54
C GLY A 306 -18.14 16.82 -12.68
N LYS A 307 -17.42 17.76 -12.06
CA LYS A 307 -16.27 17.47 -11.25
C LYS A 307 -16.69 17.17 -9.80
N THR A 308 -15.84 16.43 -9.08
CA THR A 308 -16.07 16.15 -7.67
C THR A 308 -15.18 17.07 -6.82
N ILE A 309 -15.85 17.87 -5.98
CA ILE A 309 -15.24 18.83 -5.10
C ILE A 309 -15.42 18.29 -3.68
N VAL A 310 -14.33 18.16 -2.92
CA VAL A 310 -14.40 17.64 -1.57
C VAL A 310 -14.10 18.79 -0.61
N THR A 311 -14.87 18.91 0.47
CA THR A 311 -14.54 19.90 1.48
C THR A 311 -14.79 19.26 2.85
N VAL A 312 -14.59 20.05 3.91
CA VAL A 312 -14.55 19.53 5.25
C VAL A 312 -15.58 20.31 6.08
N ILE A 313 -16.31 19.58 6.92
CA ILE A 313 -17.11 20.18 7.98
C ILE A 313 -16.31 19.97 9.27
N PRO A 314 -15.57 20.99 9.75
CA PRO A 314 -14.62 20.78 10.83
C PRO A 314 -15.23 20.50 12.20
N SER A 315 -16.43 21.04 12.49
CA SER A 315 -16.95 20.89 13.85
C SER A 315 -18.47 20.87 13.89
N TYR A 316 -18.99 20.21 14.93
CA TYR A 316 -20.43 20.11 15.13
C TYR A 316 -21.00 21.43 15.64
N GLY A 317 -22.23 21.75 15.21
CA GLY A 317 -22.83 23.06 15.42
C GLY A 317 -23.20 23.35 16.88
N GLU A 318 -23.38 22.32 17.70
CA GLU A 318 -23.98 22.53 19.00
C GLU A 318 -23.08 23.37 19.91
N ARG A 319 -21.76 23.27 19.69
CA ARG A 319 -20.78 24.04 20.44
C ARG A 319 -20.91 25.54 20.17
N TYR A 320 -21.68 25.93 19.13
CA TYR A 320 -21.77 27.33 18.73
C TYR A 320 -23.16 27.94 18.93
N LEU A 321 -24.02 27.22 19.64
CA LEU A 321 -25.40 27.64 19.81
CA LEU A 321 -25.41 27.63 19.83
C LEU A 321 -25.48 28.99 20.51
N SER A 322 -24.53 29.28 21.41
CA SER A 322 -24.59 30.53 22.15
C SER A 322 -23.85 31.69 21.46
N THR A 323 -23.29 31.45 20.26
CA THR A 323 -22.43 32.41 19.61
C THR A 323 -23.25 33.22 18.61
N ALA A 324 -22.59 34.13 17.88
CA ALA A 324 -23.23 34.93 16.85
C ALA A 324 -23.72 34.07 15.68
N LEU A 325 -23.22 32.84 15.55
CA LEU A 325 -23.63 32.00 14.45
C LEU A 325 -25.16 31.82 14.42
N TYR A 326 -25.80 31.62 15.57
CA TYR A 326 -27.21 31.31 15.61
C TYR A 326 -28.01 32.34 16.41
N SER A 327 -27.43 33.51 16.70
CA SER A 327 -28.08 34.48 17.58
C SER A 327 -29.38 35.04 16.98
N SER A 328 -29.44 35.15 15.65
CA SER A 328 -30.66 35.61 14.98
C SER A 328 -31.82 34.64 15.21
N ILE A 329 -31.52 33.33 15.21
CA ILE A 329 -32.55 32.33 15.46
C ILE A 329 -32.89 32.37 16.96
N LYS A 330 -31.89 32.57 17.82
CA LYS A 330 -32.12 32.65 19.25
C LYS A 330 -33.08 33.81 19.55
N ASP A 331 -32.86 34.94 18.89
CA ASP A 331 -33.73 36.12 19.07
C ASP A 331 -35.16 35.83 18.64
N GLU A 332 -35.30 35.11 17.51
CA GLU A 332 -36.59 34.71 16.97
C GLU A 332 -37.38 33.87 17.98
N VAL A 333 -36.75 32.79 18.52
CA VAL A 333 -37.52 31.91 19.37
C VAL A 333 -37.73 32.58 20.74
N PHE A 334 -36.86 33.49 21.15
CA PHE A 334 -37.04 34.20 22.41
C PHE A 334 -38.36 34.98 22.41
N ALA A 335 -38.72 35.50 21.22
CA ALA A 335 -39.82 36.42 21.05
C ALA A 335 -41.14 35.73 20.68
N LEU A 336 -41.12 34.39 20.57
CA LEU A 336 -42.32 33.66 20.18
C LEU A 336 -43.46 33.95 21.16
N LYS A 337 -44.65 34.09 20.59
CA LYS A 337 -45.89 34.25 21.35
C LYS A 337 -46.27 32.92 21.96
N VAL A 338 -46.92 32.98 23.13
CA VAL A 338 -47.44 31.82 23.82
C VAL A 338 -48.95 31.76 23.59
N LEU A 339 -49.48 30.57 23.24
CA LEU A 339 -50.91 30.35 23.12
C LEU A 339 -51.61 30.73 24.43
N SER A 340 -52.83 31.28 24.33
CA SER A 340 -53.70 31.43 25.47
C SER A 340 -54.31 30.06 25.77
N ALA A 341 -54.79 29.88 27.00
CA ALA A 341 -55.60 28.73 27.36
C ALA A 341 -56.85 28.60 26.47
N ALA A 342 -57.40 29.73 25.99
CA ALA A 342 -58.59 29.74 25.16
C ALA A 342 -58.34 29.15 23.76
N ASP A 343 -57.07 29.15 23.31
CA ASP A 343 -56.71 28.62 22.00
C ASP A 343 -56.30 27.14 22.09
N ILE A 344 -56.64 26.47 23.19
CA ILE A 344 -56.36 25.05 23.37
C ILE A 344 -57.71 24.34 23.56
N PHE B 18 -23.88 -0.04 3.56
CA PHE B 18 -22.55 0.36 3.04
C PHE B 18 -21.63 0.67 4.22
N ASP B 19 -20.33 0.45 4.01
CA ASP B 19 -19.32 0.80 4.99
C ASP B 19 -19.03 2.29 4.85
N PRO B 20 -19.29 3.14 5.86
CA PRO B 20 -19.02 4.58 5.74
C PRO B 20 -17.54 4.91 5.60
N ARG B 21 -16.67 3.97 5.99
CA ARG B 21 -15.24 4.20 5.89
C ARG B 21 -14.81 4.21 4.43
N ASN B 22 -15.59 3.58 3.53
CA ASN B 22 -15.17 3.30 2.16
C ASN B 22 -16.08 3.89 1.08
N ASN B 23 -17.12 4.68 1.44
CA ASN B 23 -18.13 5.14 0.50
C ASN B 23 -18.59 6.52 0.96
N VAL B 24 -19.27 7.26 0.11
CA VAL B 24 -19.90 8.54 0.47
C VAL B 24 -21.39 8.27 0.70
N ALA B 25 -21.89 8.71 1.86
CA ALA B 25 -23.30 8.52 2.19
C ALA B 25 -24.18 9.39 1.31
N PRO B 26 -25.40 8.92 0.92
CA PRO B 26 -26.33 9.71 0.12
C PRO B 26 -26.94 10.90 0.82
N SER B 27 -27.03 10.83 2.17
CA SER B 27 -27.73 11.82 2.96
CA SER B 27 -27.70 11.85 2.96
C SER B 27 -27.39 11.60 4.42
N MET B 28 -27.67 12.60 5.26
CA MET B 28 -27.33 12.49 6.69
C MET B 28 -28.17 11.42 7.38
N ASP B 29 -29.40 11.16 6.92
CA ASP B 29 -30.24 10.17 7.57
C ASP B 29 -29.72 8.76 7.29
N ALA B 30 -28.82 8.61 6.31
CA ALA B 30 -28.22 7.33 6.01
C ALA B 30 -27.11 7.00 7.01
N LEU B 31 -26.72 7.96 7.87
CA LEU B 31 -25.66 7.73 8.83
C LEU B 31 -26.20 7.45 10.24
N ILE B 32 -27.53 7.33 10.36
CA ILE B 32 -28.16 7.01 11.64
C ILE B 32 -27.93 5.53 11.98
N GLY B 33 -27.68 5.27 13.24
CA GLY B 33 -27.47 3.89 13.72
C GLY B 33 -26.08 3.37 13.41
N GLU B 34 -25.89 2.06 13.60
CA GLU B 34 -24.59 1.41 13.51
C GLU B 34 -23.57 2.20 14.32
N THR B 35 -23.96 2.53 15.56
CA THR B 35 -23.13 3.32 16.43
C THR B 35 -22.04 2.43 17.04
N PRO B 36 -20.94 3.05 17.49
CA PRO B 36 -19.86 2.31 18.16
C PRO B 36 -20.23 1.92 19.57
N ALA B 37 -19.39 1.09 20.15
CA ALA B 37 -19.50 0.64 21.53
C ALA B 37 -18.10 0.65 22.12
N VAL B 38 -18.01 0.87 23.44
CA VAL B 38 -16.75 1.03 24.13
C VAL B 38 -16.86 0.33 25.47
N TYR B 39 -15.74 -0.27 25.95
CA TYR B 39 -15.72 -0.79 27.31
C TYR B 39 -15.60 0.34 28.31
N LEU B 40 -16.33 0.21 29.42
CA LEU B 40 -16.08 1.04 30.57
C LEU B 40 -14.92 0.43 31.35
N LYS B 41 -13.84 1.20 31.56
CA LYS B 41 -12.60 0.65 32.08
C LYS B 41 -12.31 1.22 33.45
N ARG B 42 -11.85 2.46 33.54
CA ARG B 42 -11.37 2.98 34.81
C ARG B 42 -12.49 3.01 35.84
N MET B 43 -13.71 3.41 35.46
CA MET B 43 -14.77 3.51 36.43
C MET B 43 -15.25 2.14 36.89
N ASN B 44 -15.03 1.11 36.07
CA ASN B 44 -15.51 -0.23 36.37
C ASN B 44 -14.50 -0.97 37.27
N ASP B 45 -14.78 -1.01 38.56
CA ASP B 45 -13.92 -1.71 39.51
C ASP B 45 -14.47 -3.10 39.83
N THR B 46 -15.42 -3.60 39.03
CA THR B 46 -16.14 -4.83 39.34
C THR B 46 -15.57 -6.00 38.55
N ALA B 47 -16.10 -7.20 38.84
CA ALA B 47 -15.67 -8.41 38.14
C ALA B 47 -16.44 -8.64 36.84
N ALA B 48 -17.41 -7.77 36.53
CA ALA B 48 -18.15 -7.86 35.28
C ALA B 48 -17.50 -6.97 34.21
N THR B 49 -17.77 -7.30 32.95
CA THR B 49 -17.39 -6.46 31.80
C THR B 49 -18.60 -5.56 31.49
N ILE B 50 -18.35 -4.26 31.33
CA ILE B 50 -19.42 -3.32 31.00
C ILE B 50 -19.12 -2.71 29.64
N VAL B 51 -20.10 -2.84 28.74
CA VAL B 51 -20.05 -2.31 27.39
C VAL B 51 -21.08 -1.18 27.29
N LEU B 52 -20.63 -0.05 26.77
CA LEU B 52 -21.49 1.10 26.54
C LEU B 52 -21.79 1.18 25.05
N LYS B 53 -23.09 1.17 24.71
CA LYS B 53 -23.55 1.39 23.35
C LYS B 53 -23.74 2.90 23.18
N LEU B 54 -23.00 3.49 22.24
CA LEU B 54 -22.80 4.92 22.20
C LEU B 54 -23.80 5.58 21.24
N GLU B 55 -25.05 5.72 21.70
CA GLU B 55 -26.11 6.36 20.91
C GLU B 55 -25.87 7.85 20.78
N CYS B 56 -25.03 8.40 21.66
CA CYS B 56 -24.53 9.75 21.60
C CYS B 56 -23.80 10.04 20.30
N GLU B 57 -23.37 9.00 19.55
CA GLU B 57 -22.63 9.20 18.31
C GLU B 57 -23.51 9.29 17.06
N ASN B 58 -24.82 9.11 17.18
CA ASN B 58 -25.75 9.38 16.07
C ASN B 58 -25.57 10.82 15.56
N PRO B 59 -26.01 11.11 14.31
CA PRO B 59 -25.81 12.43 13.72
C PRO B 59 -26.36 13.63 14.51
N MET B 60 -27.51 13.47 15.16
CA MET B 60 -28.05 14.54 15.97
C MET B 60 -27.86 14.22 17.46
N ALA B 61 -26.89 13.35 17.76
CA ALA B 61 -26.25 13.19 19.06
C ALA B 61 -27.16 12.53 20.11
N SER B 62 -28.10 11.68 19.68
CA SER B 62 -28.92 10.95 20.62
C SER B 62 -29.54 9.74 19.96
N VAL B 63 -30.04 8.85 20.83
CA VAL B 63 -30.77 7.65 20.46
C VAL B 63 -32.01 7.97 19.65
N LYS B 64 -32.59 9.19 19.83
CA LYS B 64 -33.86 9.53 19.20
C LYS B 64 -33.71 9.69 17.69
N ASP B 65 -32.49 9.77 17.16
CA ASP B 65 -32.33 9.74 15.72
C ASP B 65 -32.98 8.47 15.15
N ARG B 66 -32.84 7.34 15.86
CA ARG B 66 -33.37 6.07 15.38
C ARG B 66 -34.90 6.08 15.37
N LEU B 67 -35.50 6.62 16.42
CA LEU B 67 -36.93 6.69 16.56
C LEU B 67 -37.49 7.61 15.46
N ALA B 68 -36.87 8.76 15.23
CA ALA B 68 -37.32 9.67 14.18
C ALA B 68 -37.19 9.00 12.81
N TYR B 69 -36.07 8.31 12.56
CA TYR B 69 -35.89 7.61 11.30
C TYR B 69 -37.03 6.59 11.08
N ALA B 70 -37.31 5.79 12.11
CA ALA B 70 -38.35 4.75 12.06
C ALA B 70 -39.70 5.36 11.77
N ILE B 71 -40.03 6.47 12.45
CA ILE B 71 -41.31 7.11 12.25
C ILE B 71 -41.46 7.53 10.78
N TYR B 72 -40.49 8.23 10.19
CA TYR B 72 -40.63 8.65 8.80
C TYR B 72 -40.59 7.45 7.85
N ASP B 73 -39.65 6.52 8.05
CA ASP B 73 -39.48 5.38 7.15
C ASP B 73 -40.72 4.48 7.16
N LYS B 74 -41.18 4.10 8.37
CA LYS B 74 -42.24 3.11 8.50
C LYS B 74 -43.60 3.75 8.22
N ALA B 75 -43.81 5.00 8.63
CA ALA B 75 -45.07 5.67 8.35
C ALA B 75 -45.28 5.81 6.85
N GLU B 76 -44.20 6.10 6.11
CA GLU B 76 -44.32 6.24 4.67
C GLU B 76 -44.59 4.88 4.04
N LYS B 77 -43.93 3.82 4.52
CA LYS B 77 -44.18 2.47 4.02
C LYS B 77 -45.60 1.99 4.32
N GLU B 78 -46.25 2.54 5.35
CA GLU B 78 -47.64 2.21 5.66
C GLU B 78 -48.61 3.19 5.02
N GLY B 79 -48.10 4.23 4.35
CA GLY B 79 -48.93 5.25 3.71
C GLY B 79 -49.66 6.17 4.70
N LYS B 80 -49.12 6.25 5.92
CA LYS B 80 -49.70 7.04 6.98
C LYS B 80 -49.17 8.47 6.93
N ILE B 81 -48.07 8.67 6.20
CA ILE B 81 -47.69 9.99 5.75
C ILE B 81 -47.46 9.94 4.26
N ILE B 82 -47.74 11.10 3.66
CA ILE B 82 -47.67 11.30 2.23
C ILE B 82 -46.78 12.50 1.99
N PRO B 83 -45.68 12.33 1.22
CA PRO B 83 -44.70 13.39 1.06
C PRO B 83 -45.32 14.63 0.41
N GLY B 84 -44.96 15.82 0.93
CA GLY B 84 -45.48 17.08 0.43
C GLY B 84 -46.92 17.34 0.86
N LYS B 85 -47.52 16.42 1.63
CA LYS B 85 -48.83 16.62 2.22
C LYS B 85 -48.74 16.56 3.74
N SER B 86 -48.19 15.46 4.30
CA SER B 86 -48.29 15.24 5.73
C SER B 86 -47.46 16.25 6.52
N VAL B 87 -47.98 16.61 7.69
CA VAL B 87 -47.29 17.44 8.66
C VAL B 87 -47.10 16.60 9.92
N ILE B 88 -45.85 16.47 10.40
CA ILE B 88 -45.55 15.70 11.58
C ILE B 88 -45.61 16.60 12.81
N VAL B 89 -46.35 16.17 13.84
CA VAL B 89 -46.57 16.95 15.05
CA VAL B 89 -46.59 16.94 15.05
C VAL B 89 -46.15 16.13 16.27
N GLU B 90 -45.49 16.77 17.26
CA GLU B 90 -45.21 16.10 18.53
C GLU B 90 -45.10 17.14 19.64
N ALA B 91 -45.50 16.73 20.85
CA ALA B 91 -45.33 17.54 22.05
C ALA B 91 -44.04 17.10 22.72
N THR B 92 -42.99 17.92 22.64
CA THR B 92 -41.67 17.56 23.14
C THR B 92 -40.77 18.79 23.14
N SER B 93 -39.89 18.90 24.14
CA SER B 93 -38.77 19.82 24.07
C SER B 93 -37.45 19.04 24.07
N GLY B 94 -37.54 17.72 23.90
CA GLY B 94 -36.42 16.82 24.06
C GLY B 94 -35.82 16.39 22.73
N ASN B 95 -35.00 15.33 22.83
CA ASN B 95 -34.26 14.85 21.68
C ASN B 95 -35.19 14.35 20.59
N THR B 96 -36.37 13.86 20.97
CA THR B 96 -37.33 13.42 19.96
C THR B 96 -37.73 14.55 19.00
N GLY B 97 -37.94 15.75 19.53
CA GLY B 97 -38.29 16.89 18.69
C GLY B 97 -37.16 17.30 17.75
N ILE B 98 -35.93 17.30 18.25
CA ILE B 98 -34.76 17.65 17.46
C ILE B 98 -34.64 16.67 16.29
N ALA B 99 -34.75 15.40 16.61
CA ALA B 99 -34.57 14.35 15.61
C ALA B 99 -35.70 14.37 14.59
N LEU B 100 -36.94 14.59 15.04
CA LEU B 100 -38.07 14.72 14.11
C LEU B 100 -37.86 15.92 13.18
N ALA B 101 -37.40 17.06 13.73
CA ALA B 101 -37.19 18.24 12.89
C ALA B 101 -36.08 18.00 11.86
N HIS B 102 -35.00 17.34 12.30
CA HIS B 102 -33.85 17.04 11.47
C HIS B 102 -34.24 16.17 10.27
N ILE B 103 -34.86 15.03 10.51
CA ILE B 103 -35.19 14.11 9.41
C ILE B 103 -36.32 14.67 8.57
N GLY B 104 -37.26 15.36 9.22
CA GLY B 104 -38.32 16.04 8.50
C GLY B 104 -37.81 17.00 7.41
N THR B 105 -36.89 17.89 7.78
CA THR B 105 -36.39 18.88 6.85
C THR B 105 -35.62 18.17 5.72
N ILE B 106 -34.90 17.09 6.03
CA ILE B 106 -34.16 16.34 5.01
C ILE B 106 -35.14 15.74 4.00
N ARG B 107 -36.26 15.18 4.49
CA ARG B 107 -37.19 14.46 3.64
C ARG B 107 -38.28 15.36 3.05
N GLY B 108 -38.31 16.62 3.45
CA GLY B 108 -39.24 17.59 2.88
C GLY B 108 -40.62 17.57 3.52
N TYR B 109 -40.70 17.20 4.82
CA TYR B 109 -41.95 17.27 5.56
C TYR B 109 -41.93 18.47 6.48
N LYS B 110 -43.09 19.15 6.60
CA LYS B 110 -43.26 20.16 7.63
C LYS B 110 -43.36 19.45 8.99
N VAL B 111 -42.77 20.10 10.02
CA VAL B 111 -42.75 19.55 11.36
C VAL B 111 -43.23 20.63 12.31
N ILE B 112 -44.12 20.26 13.23
CA ILE B 112 -44.63 21.17 14.24
C ILE B 112 -44.27 20.59 15.59
N ILE B 113 -43.50 21.34 16.38
CA ILE B 113 -43.13 20.90 17.72
C ILE B 113 -43.86 21.81 18.71
N VAL B 114 -44.57 21.17 19.64
CA VAL B 114 -45.36 21.85 20.65
C VAL B 114 -44.67 21.66 22.00
N MET B 115 -44.43 22.75 22.72
CA MET B 115 -43.82 22.61 24.03
C MET B 115 -44.35 23.71 24.95
N PRO B 116 -44.41 23.43 26.28
CA PRO B 116 -44.67 24.49 27.26
C PRO B 116 -43.63 25.60 27.14
N GLU B 117 -44.10 26.83 27.35
CA GLU B 117 -43.27 28.02 27.25
C GLU B 117 -42.10 27.98 28.23
N SER B 118 -42.14 27.08 29.23
CA SER B 118 -41.13 27.04 30.30
C SER B 118 -39.92 26.18 29.95
N MET B 119 -40.01 25.41 28.84
CA MET B 119 -38.93 24.51 28.47
C MET B 119 -37.74 25.31 27.95
N SER B 120 -36.54 24.70 27.97
CA SER B 120 -35.30 25.41 27.63
C SER B 120 -35.40 26.19 26.31
N ILE B 121 -34.96 27.44 26.35
CA ILE B 121 -34.81 28.25 25.14
C ILE B 121 -33.82 27.59 24.18
N GLU B 122 -32.79 26.88 24.69
CA GLU B 122 -31.82 26.24 23.82
C GLU B 122 -32.50 25.15 22.97
N ARG B 123 -33.40 24.38 23.57
CA ARG B 123 -34.11 23.31 22.87
C ARG B 123 -35.07 23.92 21.85
N ARG B 124 -35.75 25.00 22.21
CA ARG B 124 -36.61 25.74 21.31
C ARG B 124 -35.81 26.16 20.07
N CYS B 125 -34.64 26.79 20.31
CA CYS B 125 -33.76 27.21 19.25
C CYS B 125 -33.35 26.05 18.31
N LEU B 126 -32.98 24.90 18.88
CA LEU B 126 -32.57 23.77 18.07
C LEU B 126 -33.69 23.29 17.14
N MET B 127 -34.94 23.22 17.62
CA MET B 127 -36.06 22.84 16.76
C MET B 127 -36.14 23.80 15.55
N ARG B 128 -35.97 25.09 15.82
CA ARG B 128 -36.14 26.10 14.78
C ARG B 128 -34.96 26.10 13.81
N ILE B 129 -33.75 25.80 14.30
CA ILE B 129 -32.58 25.68 13.44
C ILE B 129 -32.85 24.67 12.31
N PHE B 130 -33.58 23.56 12.60
CA PHE B 130 -33.90 22.55 11.61
C PHE B 130 -35.24 22.84 10.91
N GLY B 131 -35.77 24.06 11.04
CA GLY B 131 -36.92 24.52 10.28
C GLY B 131 -38.29 24.06 10.80
N ALA B 132 -38.34 23.44 11.98
CA ALA B 132 -39.63 23.11 12.59
C ALA B 132 -40.36 24.40 12.97
N GLU B 133 -41.68 24.33 12.91
CA GLU B 133 -42.53 25.34 13.54
C GLU B 133 -42.62 25.01 15.03
N VAL B 134 -42.47 26.03 15.88
CA VAL B 134 -42.55 25.85 17.32
C VAL B 134 -43.82 26.53 17.84
N ILE B 135 -44.67 25.76 18.52
CA ILE B 135 -45.85 26.26 19.19
C ILE B 135 -45.60 26.21 20.70
N LEU B 136 -45.82 27.33 21.40
CA LEU B 136 -45.62 27.36 22.83
C LEU B 136 -46.96 27.32 23.55
N THR B 137 -47.05 26.47 24.59
CA THR B 137 -48.28 26.38 25.37
C THR B 137 -48.05 26.95 26.77
N PRO B 138 -49.11 27.52 27.38
CA PRO B 138 -48.96 28.18 28.68
C PRO B 138 -48.48 27.23 29.76
N ALA B 139 -47.47 27.66 30.50
CA ALA B 139 -46.76 26.80 31.43
C ALA B 139 -47.72 26.36 32.52
N ALA B 140 -48.72 27.17 32.88
CA ALA B 140 -49.68 26.80 33.90
C ALA B 140 -50.51 25.57 33.53
N LEU B 141 -50.58 25.18 32.24
CA LEU B 141 -51.29 23.97 31.84
C LEU B 141 -50.38 22.75 31.78
N GLY B 142 -49.06 22.95 31.86
CA GLY B 142 -48.13 21.83 31.93
C GLY B 142 -48.09 21.07 30.62
N MET B 143 -47.70 19.79 30.71
CA MET B 143 -47.60 18.89 29.58
C MET B 143 -49.00 18.60 29.04
N LYS B 144 -50.02 18.60 29.91
CA LYS B 144 -51.38 18.37 29.45
C LYS B 144 -51.73 19.41 28.39
N GLY B 145 -51.34 20.66 28.60
CA GLY B 145 -51.63 21.75 27.67
C GLY B 145 -50.98 21.55 26.29
N ALA B 146 -49.76 21.01 26.30
CA ALA B 146 -49.07 20.70 25.06
C ALA B 146 -49.74 19.52 24.35
N LEU B 147 -50.14 18.50 25.10
CA LEU B 147 -50.85 17.37 24.50
C LEU B 147 -52.21 17.78 23.95
N GLU B 148 -52.94 18.65 24.65
CA GLU B 148 -54.22 19.17 24.16
C GLU B 148 -54.04 19.95 22.84
N ALA B 149 -53.01 20.79 22.77
CA ALA B 149 -52.69 21.51 21.53
C ALA B 149 -52.38 20.55 20.39
N VAL B 150 -51.63 19.46 20.66
CA VAL B 150 -51.38 18.44 19.64
C VAL B 150 -52.71 17.83 19.17
N ASN B 151 -53.58 17.49 20.11
CA ASN B 151 -54.87 16.87 19.79
C ASN B 151 -55.72 17.84 18.94
N ARG B 152 -55.66 19.12 19.24
CA ARG B 152 -56.37 20.14 18.46
C ARG B 152 -55.80 20.21 17.03
N ILE B 153 -54.47 20.14 16.88
CA ILE B 153 -53.84 20.16 15.58
C ILE B 153 -54.28 18.96 14.77
N VAL B 154 -54.26 17.76 15.36
CA VAL B 154 -54.52 16.55 14.60
C VAL B 154 -56.02 16.49 14.24
N SER B 155 -56.88 16.90 15.18
CA SER B 155 -58.32 16.90 14.97
C SER B 155 -58.74 17.88 13.88
N ASN B 156 -58.08 19.05 13.81
CA ASN B 156 -58.52 20.17 12.99
C ASN B 156 -57.73 20.26 11.70
N ASN B 157 -56.64 19.48 11.58
CA ASN B 157 -55.79 19.57 10.40
C ASN B 157 -55.73 18.18 9.77
N PRO B 158 -56.37 17.98 8.59
CA PRO B 158 -56.48 16.65 8.01
C PRO B 158 -55.13 16.06 7.65
N ASP B 159 -54.11 16.92 7.50
CA ASP B 159 -52.81 16.48 7.01
C ASP B 159 -51.88 16.15 8.19
N ALA B 160 -52.30 16.47 9.42
CA ALA B 160 -51.39 16.35 10.56
C ALA B 160 -51.38 14.91 11.07
N VAL B 161 -50.17 14.43 11.40
CA VAL B 161 -49.99 13.09 11.93
C VAL B 161 -49.14 13.26 13.18
N SER B 162 -49.61 12.71 14.30
CA SER B 162 -48.84 12.72 15.54
C SER B 162 -47.71 11.69 15.47
N ALA B 163 -46.51 12.08 15.89
CA ALA B 163 -45.42 11.14 16.06
C ALA B 163 -45.74 10.06 17.09
N ASN B 164 -46.49 10.44 18.13
CA ASN B 164 -47.06 9.50 19.09
C ASN B 164 -45.96 8.63 19.73
N GLN B 165 -44.89 9.28 20.19
CA GLN B 165 -43.64 8.61 20.52
C GLN B 165 -43.81 7.59 21.65
N PHE B 166 -44.78 7.82 22.56
CA PHE B 166 -44.98 6.94 23.70
C PHE B 166 -45.84 5.73 23.38
N ALA B 167 -46.38 5.63 22.18
CA ALA B 167 -47.33 4.58 21.85
C ALA B 167 -47.09 3.93 20.51
N THR B 168 -46.28 4.54 19.61
CA THR B 168 -46.17 4.06 18.24
C THR B 168 -45.48 2.69 18.20
N LYS B 169 -46.00 1.76 17.36
CA LYS B 169 -45.34 0.45 17.23
C LYS B 169 -43.94 0.56 16.61
N TYR B 170 -43.68 1.68 15.92
CA TYR B 170 -42.43 1.86 15.19
C TYR B 170 -41.22 1.93 16.12
N ASN B 171 -41.47 2.28 17.40
CA ASN B 171 -40.42 2.62 18.35
C ASN B 171 -39.66 1.35 18.74
N ALA B 172 -40.34 0.40 19.38
CA ALA B 172 -39.68 -0.85 19.75
C ALA B 172 -39.19 -1.56 18.49
N GLN B 173 -39.93 -1.45 17.40
CA GLN B 173 -39.54 -2.13 16.16
C GLN B 173 -38.14 -1.71 15.70
N ILE B 174 -37.85 -0.40 15.68
CA ILE B 174 -36.56 0.03 15.16
C ILE B 174 -35.41 -0.53 16.03
N HIS B 175 -35.61 -0.60 17.35
CA HIS B 175 -34.59 -1.12 18.26
C HIS B 175 -34.44 -2.63 18.12
N GLU B 176 -35.52 -3.32 17.76
CA GLU B 176 -35.45 -4.76 17.53
C GLU B 176 -34.69 -5.06 16.25
N GLU B 177 -34.76 -4.14 15.28
CA GLU B 177 -34.18 -4.30 13.95
C GLU B 177 -32.77 -3.79 13.85
N THR B 178 -32.35 -2.85 14.73
CA THR B 178 -31.09 -2.16 14.54
C THR B 178 -30.26 -2.22 15.83
N THR B 179 -30.70 -1.54 16.89
CA THR B 179 -29.93 -1.45 18.13
C THR B 179 -29.58 -2.84 18.70
N GLY B 180 -30.59 -3.71 18.81
CA GLY B 180 -30.41 -5.05 19.34
C GLY B 180 -29.40 -5.86 18.54
N PRO B 181 -29.63 -6.05 17.22
CA PRO B 181 -28.67 -6.78 16.38
C PRO B 181 -27.26 -6.18 16.41
N GLU B 182 -27.15 -4.83 16.48
CA GLU B 182 -25.84 -4.22 16.62
C GLU B 182 -25.12 -4.69 17.90
N ILE B 183 -25.81 -4.64 19.04
CA ILE B 183 -25.24 -5.04 20.30
C ILE B 183 -24.79 -6.50 20.26
N TRP B 184 -25.64 -7.34 19.64
CA TRP B 184 -25.35 -8.75 19.49
C TRP B 184 -24.07 -8.95 18.68
N ARG B 185 -23.92 -8.20 17.57
CA ARG B 185 -22.75 -8.29 16.72
C ARG B 185 -21.51 -7.76 17.42
N GLN B 186 -21.65 -6.61 18.10
CA GLN B 186 -20.49 -5.95 18.70
C GLN B 186 -19.90 -6.82 19.82
N THR B 187 -20.74 -7.50 20.58
CA THR B 187 -20.32 -8.35 21.69
C THR B 187 -20.05 -9.79 21.23
N LYS B 188 -20.23 -10.07 19.95
CA LYS B 188 -20.08 -11.41 19.36
C LYS B 188 -20.94 -12.44 20.10
N GLY B 189 -22.17 -12.06 20.41
CA GLY B 189 -23.13 -12.93 21.03
C GLY B 189 -22.91 -13.15 22.52
N HIS B 190 -22.22 -12.21 23.19
CA HIS B 190 -21.98 -12.27 24.62
C HIS B 190 -22.73 -11.11 25.30
N VAL B 191 -24.02 -11.28 25.52
CA VAL B 191 -24.82 -10.31 26.26
C VAL B 191 -25.52 -11.08 27.36
N ASP B 192 -25.05 -10.86 28.59
CA ASP B 192 -25.60 -11.55 29.74
C ASP B 192 -26.66 -10.68 30.43
N CYS B 193 -26.53 -9.36 30.26
CA CYS B 193 -27.41 -8.41 30.90
CA CYS B 193 -27.40 -8.41 30.92
C CYS B 193 -27.53 -7.18 30.03
N PHE B 194 -28.75 -6.62 29.97
CA PHE B 194 -28.95 -5.36 29.29
C PHE B 194 -29.69 -4.39 30.23
N VAL B 195 -29.16 -3.17 30.37
CA VAL B 195 -29.60 -2.18 31.32
C VAL B 195 -29.94 -0.90 30.55
N ALA B 196 -31.14 -0.38 30.73
CA ALA B 196 -31.48 0.86 30.00
C ALA B 196 -32.56 1.60 30.76
N GLY B 197 -32.38 2.91 30.87
CA GLY B 197 -33.41 3.79 31.36
C GLY B 197 -34.57 3.85 30.37
N VAL B 198 -35.77 4.03 30.92
CA VAL B 198 -36.99 4.03 30.17
C VAL B 198 -37.48 5.47 30.07
N GLY B 199 -37.49 5.98 28.84
CA GLY B 199 -38.17 7.20 28.48
C GLY B 199 -39.49 6.86 27.79
N THR B 200 -39.44 6.55 26.49
CA THR B 200 -40.54 5.94 25.78
C THR B 200 -40.59 4.44 26.07
N GLY B 201 -39.45 3.84 26.42
CA GLY B 201 -39.41 2.40 26.62
C GLY B 201 -39.06 1.63 25.34
N GLY B 202 -38.83 2.35 24.24
CA GLY B 202 -38.54 1.71 22.95
C GLY B 202 -37.22 0.92 22.97
N THR B 203 -36.16 1.53 23.50
CA THR B 203 -34.84 0.93 23.50
C THR B 203 -34.87 -0.41 24.25
N ILE B 204 -35.34 -0.42 25.50
CA ILE B 204 -35.29 -1.64 26.28
C ILE B 204 -36.22 -2.69 25.68
N THR B 205 -37.38 -2.28 25.21
CA THR B 205 -38.36 -3.22 24.70
C THR B 205 -37.83 -3.89 23.43
N GLY B 206 -37.33 -3.08 22.49
CA GLY B 206 -36.87 -3.60 21.20
C GLY B 206 -35.62 -4.45 21.36
N VAL B 207 -34.68 -4.00 22.21
CA VAL B 207 -33.46 -4.79 22.44
C VAL B 207 -33.84 -6.13 23.11
N ALA B 208 -34.70 -6.10 24.15
CA ALA B 208 -35.08 -7.33 24.81
C ALA B 208 -35.79 -8.28 23.83
N ARG B 209 -36.64 -7.75 22.96
CA ARG B 209 -37.34 -8.55 21.94
C ARG B 209 -36.34 -9.25 21.02
N TYR B 210 -35.31 -8.50 20.59
CA TYR B 210 -34.32 -9.08 19.71
C TYR B 210 -33.55 -10.19 20.45
N LEU B 211 -33.10 -9.89 21.68
CA LEU B 211 -32.27 -10.84 22.42
C LEU B 211 -33.07 -12.12 22.68
N LYS B 212 -34.37 -11.97 22.98
CA LYS B 212 -35.24 -13.13 23.17
C LYS B 212 -35.29 -13.95 21.87
N SER B 213 -35.39 -13.27 20.74
CA SER B 213 -35.56 -13.93 19.45
C SER B 213 -34.32 -14.74 19.04
N VAL B 214 -33.13 -14.39 19.55
CA VAL B 214 -31.94 -15.14 19.19
C VAL B 214 -31.56 -16.15 20.27
N GLY B 215 -32.45 -16.34 21.26
CA GLY B 215 -32.28 -17.38 22.26
C GLY B 215 -31.33 -16.93 23.36
N CYS B 216 -31.09 -15.63 23.45
CA CYS B 216 -30.22 -15.06 24.46
C CYS B 216 -31.03 -14.91 25.75
N GLY B 217 -30.52 -15.50 26.83
CA GLY B 217 -31.19 -15.48 28.11
C GLY B 217 -30.77 -14.31 28.99
N ALA B 218 -30.29 -13.23 28.38
CA ALA B 218 -29.87 -12.04 29.11
C ALA B 218 -30.98 -11.57 30.05
N THR B 219 -30.56 -11.14 31.26
CA THR B 219 -31.46 -10.47 32.18
C THR B 219 -31.60 -9.02 31.74
N ILE B 220 -32.80 -8.47 31.90
CA ILE B 220 -33.18 -7.16 31.35
C ILE B 220 -33.56 -6.27 32.53
N PHE B 221 -32.84 -5.16 32.68
CA PHE B 221 -33.04 -4.23 33.79
C PHE B 221 -33.45 -2.85 33.24
N ALA B 222 -34.61 -2.35 33.71
CA ALA B 222 -35.06 -1.01 33.39
C ALA B 222 -34.58 -0.06 34.47
N VAL B 223 -34.25 1.17 34.10
CA VAL B 223 -33.79 2.15 35.06
C VAL B 223 -34.84 3.27 35.10
N GLU B 224 -35.16 3.76 36.31
CA GLU B 224 -36.04 4.92 36.43
C GLU B 224 -35.58 5.78 37.60
N PRO B 225 -36.01 7.05 37.68
CA PRO B 225 -35.62 7.93 38.78
C PRO B 225 -36.27 7.49 40.09
N ALA B 226 -35.48 7.48 41.15
CA ALA B 226 -35.99 7.24 42.49
C ALA B 226 -37.06 8.28 42.83
N GLU B 227 -36.95 9.48 42.23
CA GLU B 227 -37.89 10.58 42.44
C GLU B 227 -39.21 10.39 41.69
N SER B 228 -39.29 9.45 40.74
CA SER B 228 -40.48 9.24 39.93
C SER B 228 -40.62 7.77 39.57
N PRO B 229 -40.70 6.85 40.58
CA PRO B 229 -40.56 5.42 40.34
C PRO B 229 -41.84 4.71 39.96
N VAL B 230 -42.39 5.09 38.79
N VAL B 230 -42.39 5.09 38.79
CA VAL B 230 -43.70 4.66 38.37
CA VAL B 230 -43.71 4.65 38.38
C VAL B 230 -43.67 3.21 37.88
C VAL B 230 -43.67 3.21 37.88
N LEU B 231 -42.57 2.79 37.25
CA LEU B 231 -42.44 1.40 36.81
C LEU B 231 -42.39 0.47 38.01
N SER B 232 -41.97 0.98 39.17
CA SER B 232 -41.85 0.20 40.39
C SER B 232 -43.15 0.22 41.18
N GLY B 233 -44.18 0.93 40.67
CA GLY B 233 -45.46 1.04 41.33
C GLY B 233 -45.55 2.26 42.25
N GLY B 234 -44.58 3.18 42.17
CA GLY B 234 -44.58 4.39 42.97
C GLY B 234 -45.30 5.56 42.27
N LYS B 235 -45.21 6.75 42.87
CA LYS B 235 -45.94 7.92 42.42
C LYS B 235 -45.05 8.77 41.50
N PRO B 236 -45.62 9.43 40.46
CA PRO B 236 -44.84 10.34 39.62
C PRO B 236 -44.38 11.56 40.40
N GLY B 237 -43.28 12.14 39.93
CA GLY B 237 -42.75 13.35 40.53
C GLY B 237 -41.72 14.01 39.61
N PRO B 238 -41.39 15.29 39.89
CA PRO B 238 -40.34 15.99 39.16
C PRO B 238 -38.98 15.41 39.48
N HIS B 239 -38.11 15.39 38.47
CA HIS B 239 -36.75 14.91 38.64
C HIS B 239 -35.87 15.53 37.57
N ARG B 240 -34.54 15.39 37.74
CA ARG B 240 -33.58 16.06 36.89
C ARG B 240 -33.06 15.16 35.77
N ILE B 241 -33.50 13.90 35.69
CA ILE B 241 -32.83 12.96 34.79
C ILE B 241 -33.50 13.04 33.43
N GLN B 242 -33.11 14.06 32.67
CA GLN B 242 -33.76 14.33 31.40
C GLN B 242 -33.67 13.11 30.49
N GLY B 243 -34.76 12.79 29.79
CA GLY B 243 -34.76 11.64 28.90
C GLY B 243 -35.50 10.43 29.43
N ILE B 244 -35.61 10.29 30.77
CA ILE B 244 -36.29 9.14 31.35
C ILE B 244 -37.35 9.65 32.34
N GLY B 245 -38.15 8.72 32.87
CA GLY B 245 -39.10 9.04 33.93
C GLY B 245 -40.23 9.98 33.45
N ALA B 246 -41.03 9.53 32.50
CA ALA B 246 -42.08 10.34 31.88
C ALA B 246 -43.21 10.62 32.88
N GLY B 247 -43.29 9.84 33.98
CA GLY B 247 -44.35 10.06 34.98
C GLY B 247 -45.59 9.18 34.75
N PHE B 248 -45.51 8.34 33.71
CA PHE B 248 -46.48 7.30 33.45
C PHE B 248 -45.75 6.13 32.79
N VAL B 249 -46.43 4.99 32.69
CA VAL B 249 -45.91 3.82 32.02
C VAL B 249 -46.23 3.94 30.54
N PRO B 250 -45.23 4.12 29.65
CA PRO B 250 -45.53 4.27 28.22
C PRO B 250 -46.12 3.00 27.62
N GLU B 251 -47.03 3.17 26.66
CA GLU B 251 -47.64 2.04 25.94
C GLU B 251 -46.58 1.21 25.22
N VAL B 252 -45.49 1.86 24.80
CA VAL B 252 -44.43 1.20 24.04
C VAL B 252 -43.76 0.15 24.93
N PHE B 253 -43.64 0.45 26.24
CA PHE B 253 -42.88 -0.38 27.17
C PHE B 253 -43.58 -1.72 27.41
N GLU B 254 -42.83 -2.83 27.32
CA GLU B 254 -43.39 -4.15 27.57
C GLU B 254 -42.80 -4.71 28.86
N ALA B 255 -43.58 -4.57 29.96
CA ALA B 255 -43.11 -4.95 31.28
C ALA B 255 -42.75 -6.44 31.35
N ALA B 256 -43.39 -7.29 30.51
CA ALA B 256 -43.17 -8.73 30.59
C ALA B 256 -41.74 -9.12 30.22
N LEU B 257 -41.05 -8.24 29.46
CA LEU B 257 -39.71 -8.54 28.99
C LEU B 257 -38.65 -8.15 30.02
N VAL B 258 -39.07 -7.43 31.07
CA VAL B 258 -38.17 -6.82 32.03
C VAL B 258 -38.13 -7.64 33.32
N ASP B 259 -36.91 -7.96 33.77
CA ASP B 259 -36.69 -8.79 34.94
C ASP B 259 -36.73 -7.96 36.23
N GLU B 260 -36.17 -6.74 36.19
CA GLU B 260 -36.05 -5.92 37.40
C GLU B 260 -36.03 -4.45 36.98
N VAL B 261 -36.51 -3.58 37.86
CA VAL B 261 -36.38 -2.14 37.73
C VAL B 261 -35.38 -1.65 38.77
N ILE B 262 -34.38 -0.88 38.34
CA ILE B 262 -33.41 -0.23 39.21
C ILE B 262 -33.75 1.25 39.34
N GLN B 263 -33.88 1.72 40.58
CA GLN B 263 -34.09 3.13 40.81
C GLN B 263 -32.74 3.82 41.03
N VAL B 264 -32.57 4.98 40.40
CA VAL B 264 -31.38 5.80 40.53
C VAL B 264 -31.83 7.21 40.90
N SER B 265 -31.18 7.81 41.91
CA SER B 265 -31.53 9.18 42.28
C SER B 265 -30.95 10.16 41.28
N GLY B 266 -31.55 11.36 41.17
CA GLY B 266 -30.90 12.46 40.46
C GLY B 266 -29.44 12.65 40.86
N ASP B 267 -29.15 12.66 42.17
CA ASP B 267 -27.81 12.91 42.65
C ASP B 267 -26.83 11.83 42.15
N GLU B 268 -27.26 10.57 42.14
CA GLU B 268 -26.42 9.46 41.72
C GLU B 268 -26.13 9.57 40.22
N ALA B 269 -27.16 9.91 39.44
CA ALA B 269 -27.05 10.04 38.00
C ALA B 269 -26.09 11.18 37.65
N ILE B 270 -26.26 12.32 38.32
CA ILE B 270 -25.44 13.50 38.08
C ILE B 270 -23.98 13.23 38.46
N ASP B 271 -23.76 12.63 39.64
CA ASP B 271 -22.41 12.31 40.08
C ASP B 271 -21.68 11.44 39.07
N THR B 272 -22.40 10.43 38.57
CA THR B 272 -21.83 9.51 37.61
C THR B 272 -21.52 10.23 36.29
N ALA B 273 -22.47 11.04 35.80
CA ALA B 273 -22.27 11.77 34.55
C ALA B 273 -21.13 12.77 34.63
N GLN B 274 -20.89 13.34 35.83
CA GLN B 274 -19.80 14.28 36.02
C GLN B 274 -18.44 13.56 36.08
N LYS B 275 -18.41 12.30 36.48
CA LYS B 275 -17.16 11.56 36.62
C LYS B 275 -16.78 10.84 35.32
N LEU B 276 -17.78 10.39 34.55
CA LEU B 276 -17.54 9.62 33.33
C LEU B 276 -16.57 10.31 32.37
N PRO B 277 -16.66 11.63 32.14
CA PRO B 277 -15.71 12.30 31.27
C PRO B 277 -14.25 12.15 31.72
N ARG B 278 -14.03 12.19 33.04
CA ARG B 278 -12.68 12.14 33.58
C ARG B 278 -12.16 10.70 33.67
N THR B 279 -13.03 9.74 34.03
CA THR B 279 -12.57 8.37 34.18
C THR B 279 -12.37 7.72 32.81
N ASP B 280 -13.30 7.96 31.87
CA ASP B 280 -13.36 7.15 30.65
C ASP B 280 -13.53 8.00 29.40
N GLY B 281 -13.57 9.33 29.54
CA GLY B 281 -13.73 10.19 28.37
C GLY B 281 -15.12 10.05 27.73
N ILE B 282 -16.12 9.69 28.54
CA ILE B 282 -17.50 9.57 28.08
C ILE B 282 -18.24 10.85 28.48
N PHE B 283 -18.73 11.59 27.47
CA PHE B 283 -19.37 12.88 27.69
C PHE B 283 -20.84 12.76 27.35
N CYS B 284 -21.68 12.67 28.40
CA CYS B 284 -23.06 12.29 28.19
C CYS B 284 -23.96 13.13 29.10
N GLY B 285 -25.27 12.92 28.92
CA GLY B 285 -26.27 13.57 29.75
C GLY B 285 -26.56 12.85 31.06
N PHE B 286 -27.62 13.31 31.71
CA PHE B 286 -28.14 12.74 32.93
C PHE B 286 -28.46 11.25 32.78
N SER B 287 -29.07 10.85 31.65
CA SER B 287 -29.59 9.51 31.51
C SER B 287 -28.42 8.53 31.33
N GLY B 288 -27.34 8.95 30.66
CA GLY B 288 -26.15 8.12 30.56
C GLY B 288 -25.55 7.87 31.93
N GLY B 289 -25.55 8.90 32.77
CA GLY B 289 -25.10 8.75 34.13
C GLY B 289 -25.94 7.74 34.92
N ALA B 290 -27.26 7.80 34.76
CA ALA B 290 -28.19 6.91 35.42
C ALA B 290 -27.98 5.47 34.97
N ASN B 291 -27.81 5.29 33.67
CA ASN B 291 -27.62 3.97 33.10
C ASN B 291 -26.33 3.34 33.63
N VAL B 292 -25.25 4.10 33.64
CA VAL B 292 -23.96 3.59 34.06
C VAL B 292 -23.97 3.31 35.57
N TYR B 293 -24.62 4.20 36.35
CA TYR B 293 -24.76 3.98 37.78
C TYR B 293 -25.46 2.66 38.06
N ALA B 294 -26.57 2.44 37.34
CA ALA B 294 -27.34 1.22 37.46
C ALA B 294 -26.53 -0.01 37.08
N ALA B 295 -25.80 0.07 35.96
CA ALA B 295 -25.00 -1.03 35.46
C ALA B 295 -23.93 -1.42 36.50
N LEU B 296 -23.32 -0.42 37.14
CA LEU B 296 -22.28 -0.64 38.15
C LEU B 296 -22.89 -1.25 39.40
N GLN B 297 -24.13 -0.87 39.74
CA GLN B 297 -24.80 -1.48 40.89
C GLN B 297 -25.09 -2.97 40.64
N ILE B 298 -25.60 -3.29 39.45
CA ILE B 298 -25.84 -4.67 39.02
C ILE B 298 -24.53 -5.48 38.97
N ALA B 299 -23.48 -4.84 38.46
CA ALA B 299 -22.19 -5.48 38.23
C ALA B 299 -21.53 -5.95 39.52
N LYS B 300 -21.95 -5.39 40.67
CA LYS B 300 -21.38 -5.76 41.96
C LYS B 300 -21.92 -7.11 42.45
N ARG B 301 -23.01 -7.59 41.84
CA ARG B 301 -23.65 -8.84 42.25
C ARG B 301 -22.74 -10.02 41.88
N PRO B 302 -22.61 -11.02 42.78
CA PRO B 302 -21.67 -12.13 42.53
C PRO B 302 -21.97 -12.87 41.24
N GLU B 303 -23.26 -12.99 40.88
CA GLU B 303 -23.64 -13.75 39.70
C GLU B 303 -23.23 -13.01 38.43
N MET B 304 -22.81 -11.76 38.55
CA MET B 304 -22.43 -11.00 37.37
C MET B 304 -20.92 -11.10 37.15
N ALA B 305 -20.19 -11.78 38.04
CA ALA B 305 -18.75 -11.93 37.83
C ALA B 305 -18.51 -12.63 36.50
N GLY B 306 -17.62 -12.05 35.69
CA GLY B 306 -17.22 -12.60 34.41
C GLY B 306 -18.27 -12.45 33.31
N LYS B 307 -19.38 -11.77 33.61
CA LYS B 307 -20.47 -11.62 32.67
C LYS B 307 -20.32 -10.29 31.93
N THR B 308 -20.96 -10.18 30.77
CA THR B 308 -20.97 -8.96 29.99
C THR B 308 -22.31 -8.26 30.15
N ILE B 309 -22.24 -7.03 30.69
CA ILE B 309 -23.39 -6.18 30.91
C ILE B 309 -23.31 -5.07 29.87
N VAL B 310 -24.39 -4.88 29.11
CA VAL B 310 -24.45 -3.82 28.12
C VAL B 310 -25.42 -2.75 28.60
N THR B 311 -25.00 -1.48 28.48
CA THR B 311 -25.95 -0.40 28.71
C THR B 311 -25.75 0.61 27.60
N VAL B 312 -26.54 1.70 27.66
CA VAL B 312 -26.61 2.66 26.61
C VAL B 312 -26.18 4.03 27.14
N ILE B 313 -25.43 4.77 26.33
CA ILE B 313 -25.22 6.21 26.54
C ILE B 313 -26.14 6.92 25.55
N PRO B 314 -27.32 7.41 26.01
CA PRO B 314 -28.34 7.87 25.08
C PRO B 314 -28.02 9.15 24.33
N SER B 315 -27.24 10.05 24.92
CA SER B 315 -27.07 11.36 24.31
C SER B 315 -25.73 12.00 24.70
N TYR B 316 -25.26 12.85 23.79
CA TYR B 316 -23.98 13.52 23.94
C TYR B 316 -24.12 14.65 24.96
N GLY B 317 -23.06 14.88 25.73
CA GLY B 317 -23.10 15.79 26.87
C GLY B 317 -23.26 17.27 26.51
N GLU B 318 -22.91 17.66 25.28
CA GLU B 318 -22.84 19.09 25.00
C GLU B 318 -24.21 19.77 25.09
N ARG B 319 -25.27 18.98 24.83
CA ARG B 319 -26.64 19.47 24.90
C ARG B 319 -27.04 19.77 26.37
N TYR B 320 -26.18 19.43 27.33
CA TYR B 320 -26.51 19.56 28.74
C TYR B 320 -25.66 20.61 29.44
N LEU B 321 -24.79 21.31 28.70
CA LEU B 321 -23.87 22.26 29.32
C LEU B 321 -24.61 23.33 30.10
N SER B 322 -25.77 23.76 29.58
CA SER B 322 -26.49 24.86 30.21
C SER B 322 -27.50 24.37 31.25
N THR B 323 -27.53 23.06 31.55
CA THR B 323 -28.49 22.49 32.49
C THR B 323 -27.83 22.38 33.86
N ALA B 324 -28.57 21.82 34.82
CA ALA B 324 -28.06 21.57 36.18
C ALA B 324 -26.94 20.53 36.18
N LEU B 325 -26.83 19.73 35.11
CA LEU B 325 -25.84 18.66 35.10
C LEU B 325 -24.43 19.19 35.40
N TYR B 326 -24.07 20.31 34.79
CA TYR B 326 -22.72 20.84 34.91
C TYR B 326 -22.80 22.24 35.53
N VAL B 338 -46.15 17.07 36.28
CA VAL B 338 -44.68 17.10 35.99
C VAL B 338 -44.47 17.46 34.52
N LEU B 339 -43.32 18.07 34.24
CA LEU B 339 -42.91 18.39 32.89
C LEU B 339 -42.03 17.28 32.29
N SER B 340 -41.85 16.15 33.01
CA SER B 340 -40.82 15.17 32.69
C SER B 340 -41.01 14.60 31.29
N ALA B 341 -42.25 14.38 30.89
CA ALA B 341 -42.55 13.76 29.60
C ALA B 341 -42.12 14.69 28.46
N ALA B 342 -42.14 16.01 28.71
CA ALA B 342 -41.77 16.98 27.68
C ALA B 342 -40.27 16.95 27.39
N ASP B 343 -39.43 16.44 28.32
CA ASP B 343 -37.99 16.35 28.13
C ASP B 343 -37.57 15.06 27.43
N ILE B 344 -38.52 14.35 26.78
CA ILE B 344 -38.20 13.15 26.02
C ILE B 344 -38.38 13.42 24.51
N VAL C 15 24.75 -22.02 -1.81
CA VAL C 15 24.24 -20.69 -1.36
C VAL C 15 23.35 -20.94 -0.13
N GLN C 16 23.03 -19.86 0.58
CA GLN C 16 22.32 -19.96 1.85
C GLN C 16 23.35 -19.95 2.99
N GLU C 17 24.49 -20.60 2.77
CA GLU C 17 25.48 -20.87 3.82
C GLU C 17 26.70 -19.96 3.68
N PHE C 18 27.00 -19.48 2.45
CA PHE C 18 28.13 -18.58 2.24
C PHE C 18 27.70 -17.36 1.40
N ASP C 19 28.39 -16.23 1.61
CA ASP C 19 28.16 -15.03 0.83
C ASP C 19 28.95 -15.19 -0.47
N PRO C 20 28.32 -15.25 -1.66
CA PRO C 20 29.06 -15.42 -2.91
C PRO C 20 29.94 -14.23 -3.27
N ARG C 21 29.67 -13.07 -2.66
CA ARG C 21 30.49 -11.89 -2.93
C ARG C 21 31.89 -12.07 -2.33
N ASN C 22 32.02 -12.92 -1.30
CA ASN C 22 33.19 -12.98 -0.45
C ASN C 22 33.89 -14.34 -0.42
N ASN C 23 33.46 -15.32 -1.23
CA ASN C 23 33.94 -16.69 -1.18
C ASN C 23 33.92 -17.25 -2.60
N VAL C 24 34.62 -18.36 -2.83
CA VAL C 24 34.52 -19.06 -4.12
C VAL C 24 33.55 -20.21 -3.96
N ALA C 25 32.57 -20.29 -4.87
CA ALA C 25 31.57 -21.34 -4.82
C ALA C 25 32.18 -22.69 -5.19
N PRO C 26 31.71 -23.82 -4.61
CA PRO C 26 32.27 -25.14 -4.97
C PRO C 26 31.84 -25.62 -6.36
N SER C 27 30.71 -25.08 -6.86
CA SER C 27 30.14 -25.46 -8.13
C SER C 27 29.02 -24.48 -8.48
N MET C 28 28.58 -24.51 -9.73
CA MET C 28 27.58 -23.56 -10.20
C MET C 28 26.23 -23.83 -9.55
N ASP C 29 25.91 -25.08 -9.15
CA ASP C 29 24.63 -25.34 -8.53
C ASP C 29 24.56 -24.74 -7.12
N ALA C 30 25.70 -24.36 -6.56
CA ALA C 30 25.72 -23.70 -5.27
C ALA C 30 25.35 -22.22 -5.40
N LEU C 31 25.24 -21.70 -6.61
CA LEU C 31 24.89 -20.29 -6.83
C LEU C 31 23.41 -20.10 -7.19
N ILE C 32 22.63 -21.18 -7.14
CA ILE C 32 21.21 -21.12 -7.38
C ILE C 32 20.50 -20.49 -6.19
N GLY C 33 19.51 -19.63 -6.50
CA GLY C 33 18.71 -19.00 -5.46
C GLY C 33 19.43 -17.81 -4.82
N GLU C 34 18.87 -17.30 -3.72
CA GLU C 34 19.32 -16.05 -3.11
C GLU C 34 19.45 -14.96 -4.17
N THR C 35 18.43 -14.87 -5.02
CA THR C 35 18.42 -13.89 -6.11
C THR C 35 18.13 -12.49 -5.57
N PRO C 36 18.56 -11.44 -6.29
CA PRO C 36 18.27 -10.06 -5.88
C PRO C 36 16.81 -9.67 -6.12
N ALA C 37 16.43 -8.55 -5.52
CA ALA C 37 15.14 -7.92 -5.73
C ALA C 37 15.40 -6.43 -6.00
N VAL C 38 14.51 -5.81 -6.77
CA VAL C 38 14.69 -4.41 -7.18
C VAL C 38 13.33 -3.73 -7.16
N TYR C 39 13.30 -2.44 -6.81
CA TYR C 39 12.09 -1.65 -6.94
C TYR C 39 11.84 -1.32 -8.39
N LEU C 40 10.57 -1.36 -8.78
CA LEU C 40 10.13 -0.83 -10.05
C LEU C 40 10.03 0.68 -9.89
N LYS C 41 10.69 1.42 -10.80
CA LYS C 41 10.93 2.84 -10.61
C LYS C 41 10.16 3.62 -11.65
N ARG C 42 10.75 3.84 -12.84
CA ARG C 42 10.15 4.72 -13.81
C ARG C 42 8.79 4.19 -14.27
N MET C 43 8.64 2.88 -14.44
CA MET C 43 7.37 2.37 -14.93
C MET C 43 6.28 2.47 -13.87
N ASN C 44 6.68 2.57 -12.60
CA ASN C 44 5.69 2.64 -11.53
C ASN C 44 5.27 4.09 -11.31
N ASP C 45 4.15 4.47 -11.90
CA ASP C 45 3.60 5.81 -11.73
C ASP C 45 2.45 5.78 -10.72
N THR C 46 2.37 4.71 -9.89
CA THR C 46 1.24 4.54 -8.99
C THR C 46 1.64 4.95 -7.58
N ALA C 47 0.68 4.89 -6.66
CA ALA C 47 0.90 5.23 -5.26
C ALA C 47 1.42 4.03 -4.46
N ALA C 48 1.54 2.85 -5.08
CA ALA C 48 2.04 1.66 -4.40
C ALA C 48 3.54 1.48 -4.65
N THR C 49 4.19 0.70 -3.77
CA THR C 49 5.58 0.28 -3.94
C THR C 49 5.55 -1.09 -4.60
N ILE C 50 6.32 -1.25 -5.71
CA ILE C 50 6.36 -2.52 -6.42
C ILE C 50 7.80 -3.06 -6.37
N VAL C 51 7.93 -4.28 -5.85
CA VAL C 51 9.20 -4.97 -5.66
C VAL C 51 9.23 -6.18 -6.61
N LEU C 52 10.31 -6.28 -7.41
CA LEU C 52 10.46 -7.38 -8.35
CA LEU C 52 10.46 -7.39 -8.35
C LEU C 52 11.49 -8.37 -7.81
N LYS C 53 11.09 -9.64 -7.66
CA LYS C 53 12.03 -10.71 -7.29
C LYS C 53 12.65 -11.27 -8.59
N LEU C 54 13.96 -11.16 -8.72
CA LEU C 54 14.65 -11.36 -10.01
C LEU C 54 15.15 -12.80 -10.17
N GLU C 55 14.22 -13.71 -10.47
CA GLU C 55 14.54 -15.11 -10.72
C GLU C 55 15.31 -15.29 -12.04
N CYS C 56 15.21 -14.28 -12.91
CA CYS C 56 16.01 -14.19 -14.11
C CYS C 56 17.52 -14.18 -13.82
N GLU C 57 17.93 -13.89 -12.57
CA GLU C 57 19.34 -13.83 -12.22
C GLU C 57 19.95 -15.16 -11.77
N ASN C 58 19.14 -16.24 -11.69
CA ASN C 58 19.69 -17.58 -11.44
C ASN C 58 20.72 -17.95 -12.51
N PRO C 59 21.63 -18.91 -12.23
CA PRO C 59 22.68 -19.30 -13.19
C PRO C 59 22.21 -19.71 -14.59
N MET C 60 21.07 -20.42 -14.70
CA MET C 60 20.54 -20.77 -16.02
C MET C 60 19.37 -19.85 -16.39
N ALA C 61 19.25 -18.72 -15.69
CA ALA C 61 18.47 -17.54 -16.14
C ALA C 61 16.95 -17.73 -16.01
N SER C 62 16.50 -18.59 -15.10
CA SER C 62 15.09 -18.69 -14.79
C SER C 62 14.88 -19.26 -13.40
N VAL C 63 13.63 -19.09 -12.93
CA VAL C 63 13.13 -19.64 -11.69
C VAL C 63 13.29 -21.18 -11.62
N LYS C 64 13.32 -21.86 -12.79
CA LYS C 64 13.32 -23.32 -12.83
C LYS C 64 14.64 -23.90 -12.31
N ASP C 65 15.69 -23.08 -12.19
CA ASP C 65 16.89 -23.55 -11.52
C ASP C 65 16.58 -24.09 -10.12
N ARG C 66 15.64 -23.42 -9.41
CA ARG C 66 15.33 -23.85 -8.05
C ARG C 66 14.64 -25.23 -8.03
N LEU C 67 13.71 -25.42 -8.98
CA LEU C 67 13.02 -26.70 -9.09
C LEU C 67 14.00 -27.83 -9.39
N ALA C 68 14.89 -27.62 -10.36
CA ALA C 68 15.90 -28.60 -10.73
C ALA C 68 16.80 -28.92 -9.53
N TYR C 69 17.24 -27.89 -8.80
CA TYR C 69 18.05 -28.08 -7.63
C TYR C 69 17.35 -28.97 -6.60
N ALA C 70 16.08 -28.67 -6.31
CA ALA C 70 15.28 -29.44 -5.35
C ALA C 70 15.18 -30.90 -5.76
N ILE C 71 14.93 -31.13 -7.05
CA ILE C 71 14.81 -32.49 -7.54
C ILE C 71 16.10 -33.28 -7.26
N TYR C 72 17.26 -32.75 -7.66
CA TYR C 72 18.51 -33.46 -7.43
C TYR C 72 18.85 -33.58 -5.93
N ASP C 73 18.71 -32.47 -5.19
CA ASP C 73 19.11 -32.43 -3.80
C ASP C 73 18.24 -33.38 -2.96
N LYS C 74 16.91 -33.27 -3.10
CA LYS C 74 15.98 -33.95 -2.22
C LYS C 74 15.86 -35.42 -2.63
N ALA C 75 15.87 -35.71 -3.96
CA ALA C 75 15.82 -37.11 -4.37
C ALA C 75 17.06 -37.87 -3.86
N GLU C 76 18.22 -37.22 -3.90
CA GLU C 76 19.45 -37.84 -3.42
C GLU C 76 19.37 -38.08 -1.90
N LYS C 77 18.88 -37.09 -1.15
CA LYS C 77 18.74 -37.23 0.30
C LYS C 77 17.71 -38.30 0.67
N GLU C 78 16.78 -38.64 -0.23
CA GLU C 78 15.83 -39.71 0.01
C GLU C 78 16.33 -41.04 -0.55
N GLY C 79 17.51 -41.05 -1.19
CA GLY C 79 18.12 -42.25 -1.72
C GLY C 79 17.44 -42.73 -2.99
N LYS C 80 16.71 -41.84 -3.68
CA LYS C 80 15.96 -42.24 -4.85
C LYS C 80 16.83 -42.14 -6.10
N ILE C 81 17.94 -41.39 -6.03
CA ILE C 81 18.86 -41.30 -7.16
C ILE C 81 20.28 -41.35 -6.64
N ILE C 82 21.18 -41.86 -7.49
CA ILE C 82 22.57 -42.04 -7.19
C ILE C 82 23.36 -41.53 -8.39
N PRO C 83 24.30 -40.55 -8.19
CA PRO C 83 25.15 -40.09 -9.28
C PRO C 83 25.92 -41.23 -9.94
N GLY C 84 26.00 -41.18 -11.26
CA GLY C 84 26.72 -42.22 -12.02
C GLY C 84 25.87 -43.46 -12.24
N LYS C 85 24.68 -43.54 -11.62
CA LYS C 85 23.77 -44.66 -11.81
C LYS C 85 22.42 -44.19 -12.35
N SER C 86 21.78 -43.24 -11.68
CA SER C 86 20.41 -42.86 -12.02
C SER C 86 20.38 -42.09 -13.34
N VAL C 87 19.30 -42.28 -14.11
CA VAL C 87 19.07 -41.52 -15.33
C VAL C 87 17.82 -40.67 -15.17
N ILE C 88 17.98 -39.35 -15.32
CA ILE C 88 16.90 -38.39 -15.06
C ILE C 88 16.19 -38.10 -16.37
N VAL C 89 14.86 -38.30 -16.42
CA VAL C 89 14.13 -38.22 -17.68
C VAL C 89 12.96 -37.27 -17.53
N GLU C 90 12.77 -36.35 -18.49
CA GLU C 90 11.73 -35.35 -18.43
C GLU C 90 11.23 -34.98 -19.82
N ALA C 91 9.93 -34.78 -19.91
CA ALA C 91 9.31 -34.24 -21.13
C ALA C 91 9.16 -32.75 -20.96
N THR C 92 9.95 -31.98 -21.72
CA THR C 92 9.92 -30.52 -21.62
C THR C 92 10.71 -29.93 -22.77
N SER C 93 10.31 -28.72 -23.20
CA SER C 93 11.12 -27.97 -24.15
C SER C 93 11.59 -26.65 -23.53
N GLY C 94 11.39 -26.51 -22.22
CA GLY C 94 11.48 -25.19 -21.63
C GLY C 94 12.58 -25.13 -20.57
N ASN C 95 12.46 -24.13 -19.69
CA ASN C 95 13.52 -23.82 -18.74
C ASN C 95 13.76 -24.97 -17.78
N THR C 96 12.72 -25.77 -17.52
CA THR C 96 12.89 -26.89 -16.59
C THR C 96 13.91 -27.89 -17.14
N GLY C 97 13.85 -28.16 -18.45
CA GLY C 97 14.80 -29.10 -19.06
C GLY C 97 16.22 -28.57 -19.07
N ILE C 98 16.39 -27.25 -19.31
CA ILE C 98 17.70 -26.62 -19.32
C ILE C 98 18.33 -26.80 -17.93
N ALA C 99 17.56 -26.49 -16.91
CA ALA C 99 18.03 -26.52 -15.53
C ALA C 99 18.34 -27.96 -15.10
N LEU C 100 17.49 -28.93 -15.49
CA LEU C 100 17.77 -30.32 -15.19
C LEU C 100 19.06 -30.79 -15.88
N ALA C 101 19.26 -30.38 -17.15
CA ALA C 101 20.45 -30.79 -17.89
C ALA C 101 21.71 -30.21 -17.24
N HIS C 102 21.60 -28.92 -16.85
CA HIS C 102 22.71 -28.21 -16.25
C HIS C 102 23.18 -28.87 -14.96
N ILE C 103 22.29 -29.07 -13.99
CA ILE C 103 22.67 -29.60 -12.69
C ILE C 103 23.05 -31.08 -12.83
N GLY C 104 22.35 -31.79 -13.72
CA GLY C 104 22.68 -33.18 -13.99
C GLY C 104 24.14 -33.37 -14.42
N THR C 105 24.58 -32.60 -15.43
CA THR C 105 25.94 -32.73 -15.93
C THR C 105 26.95 -32.37 -14.84
N ILE C 106 26.65 -31.36 -14.00
CA ILE C 106 27.54 -30.97 -12.92
C ILE C 106 27.73 -32.13 -11.94
N ARG C 107 26.62 -32.80 -11.60
CA ARG C 107 26.64 -33.80 -10.55
C ARG C 107 26.91 -35.21 -11.09
N GLY C 108 27.01 -35.36 -12.41
CA GLY C 108 27.40 -36.63 -13.03
C GLY C 108 26.22 -37.59 -13.22
N TYR C 109 25.03 -37.03 -13.51
CA TYR C 109 23.88 -37.84 -13.91
C TYR C 109 23.68 -37.73 -15.42
N LYS C 110 23.31 -38.85 -16.06
CA LYS C 110 22.77 -38.81 -17.41
C LYS C 110 21.38 -38.18 -17.35
N VAL C 111 21.06 -37.34 -18.33
CA VAL C 111 19.80 -36.64 -18.42
C VAL C 111 19.23 -36.86 -19.81
N ILE C 112 17.95 -37.23 -19.86
CA ILE C 112 17.24 -37.45 -21.10
C ILE C 112 16.09 -36.43 -21.15
N ILE C 113 16.10 -35.58 -22.16
CA ILE C 113 15.03 -34.60 -22.37
C ILE C 113 14.26 -35.03 -23.62
N VAL C 114 12.96 -35.19 -23.45
CA VAL C 114 12.07 -35.61 -24.53
C VAL C 114 11.17 -34.44 -24.92
N MET C 115 11.13 -34.11 -26.23
CA MET C 115 10.21 -33.06 -26.69
C MET C 115 9.75 -33.33 -28.12
N PRO C 116 8.60 -32.77 -28.56
CA PRO C 116 8.20 -32.86 -29.96
C PRO C 116 9.23 -32.23 -30.90
N GLU C 117 9.39 -32.85 -32.07
CA GLU C 117 10.34 -32.44 -33.08
C GLU C 117 9.96 -31.06 -33.65
N SER C 118 8.77 -30.55 -33.33
CA SER C 118 8.32 -29.25 -33.84
C SER C 118 8.87 -28.08 -33.01
N MET C 119 9.51 -28.37 -31.87
CA MET C 119 10.12 -27.31 -31.08
C MET C 119 11.36 -26.77 -31.79
N SER C 120 11.73 -25.53 -31.46
CA SER C 120 12.79 -24.84 -32.17
C SER C 120 14.10 -25.60 -31.97
N ILE C 121 14.96 -25.51 -33.00
CA ILE C 121 16.34 -25.97 -32.92
C ILE C 121 17.06 -25.29 -31.75
N GLU C 122 16.76 -24.03 -31.42
CA GLU C 122 17.40 -23.33 -30.32
C GLU C 122 17.12 -24.02 -28.98
N ARG C 123 15.87 -24.46 -28.76
CA ARG C 123 15.50 -25.17 -27.53
C ARG C 123 16.21 -26.52 -27.44
N ARG C 124 16.23 -27.21 -28.59
CA ARG C 124 16.93 -28.47 -28.72
C ARG C 124 18.41 -28.27 -28.32
N CYS C 125 19.02 -27.26 -28.93
CA CYS C 125 20.42 -26.93 -28.78
CA CYS C 125 20.42 -26.93 -28.78
C CYS C 125 20.76 -26.66 -27.33
N LEU C 126 19.93 -25.88 -26.62
CA LEU C 126 20.23 -25.56 -25.23
C LEU C 126 20.37 -26.84 -24.36
N MET C 127 19.45 -27.80 -24.54
CA MET C 127 19.54 -29.06 -23.78
C MET C 127 20.85 -29.79 -24.09
N ARG C 128 21.18 -29.86 -25.39
CA ARG C 128 22.33 -30.61 -25.87
C ARG C 128 23.66 -29.97 -25.46
N ILE C 129 23.68 -28.62 -25.37
CA ILE C 129 24.87 -27.91 -24.89
C ILE C 129 25.32 -28.47 -23.54
N PHE C 130 24.37 -28.83 -22.67
CA PHE C 130 24.67 -29.35 -21.33
C PHE C 130 24.75 -30.87 -21.32
N GLY C 131 24.84 -31.50 -22.48
CA GLY C 131 25.12 -32.92 -22.58
C GLY C 131 23.91 -33.82 -22.33
N ALA C 132 22.70 -33.23 -22.30
CA ALA C 132 21.50 -34.03 -22.24
C ALA C 132 21.34 -34.80 -23.55
N GLU C 133 20.78 -35.99 -23.45
CA GLU C 133 20.31 -36.71 -24.62
C GLU C 133 18.94 -36.14 -24.95
N VAL C 134 18.76 -35.68 -26.19
CA VAL C 134 17.51 -35.11 -26.62
C VAL C 134 16.80 -36.12 -27.50
N ILE C 135 15.60 -36.52 -27.06
CA ILE C 135 14.75 -37.44 -27.80
C ILE C 135 13.63 -36.62 -28.40
N LEU C 136 13.48 -36.70 -29.73
CA LEU C 136 12.43 -35.98 -30.41
C LEU C 136 11.26 -36.92 -30.72
N THR C 137 10.03 -36.45 -30.48
CA THR C 137 8.82 -37.22 -30.72
C THR C 137 8.04 -36.58 -31.86
N PRO C 138 7.22 -37.38 -32.59
CA PRO C 138 6.51 -36.88 -33.77
C PRO C 138 5.63 -35.67 -33.48
N ALA C 139 5.75 -34.65 -34.33
CA ALA C 139 4.98 -33.42 -34.18
C ALA C 139 3.48 -33.71 -34.04
N ALA C 140 2.96 -34.68 -34.79
CA ALA C 140 1.53 -34.96 -34.78
C ALA C 140 1.02 -35.46 -33.43
N LEU C 141 1.90 -35.94 -32.54
CA LEU C 141 1.48 -36.45 -31.24
C LEU C 141 1.55 -35.37 -30.16
N GLY C 142 2.20 -34.24 -30.44
CA GLY C 142 2.26 -33.15 -29.48
C GLY C 142 3.01 -33.54 -28.20
N MET C 143 2.70 -32.82 -27.10
CA MET C 143 3.39 -33.06 -25.85
C MET C 143 3.01 -34.42 -25.27
N LYS C 144 1.80 -34.90 -25.59
CA LYS C 144 1.36 -36.20 -25.14
C LYS C 144 2.33 -37.27 -25.62
N GLY C 145 2.80 -37.16 -26.87
CA GLY C 145 3.77 -38.11 -27.43
C GLY C 145 5.08 -38.18 -26.64
N ALA C 146 5.52 -37.01 -26.18
CA ALA C 146 6.72 -36.86 -25.39
C ALA C 146 6.50 -37.48 -24.00
N LEU C 147 5.35 -37.20 -23.39
CA LEU C 147 5.02 -37.77 -22.08
C LEU C 147 4.96 -39.30 -22.13
N GLU C 148 4.35 -39.83 -23.21
CA GLU C 148 4.26 -41.28 -23.37
C GLU C 148 5.64 -41.93 -23.50
N ALA C 149 6.54 -41.30 -24.29
CA ALA C 149 7.90 -41.74 -24.47
C ALA C 149 8.64 -41.79 -23.14
N VAL C 150 8.46 -40.72 -22.33
CA VAL C 150 9.07 -40.67 -21.02
C VAL C 150 8.61 -41.85 -20.17
N ASN C 151 7.29 -42.10 -20.17
CA ASN C 151 6.75 -43.18 -19.35
C ASN C 151 7.39 -44.53 -19.69
N ARG C 152 7.59 -44.78 -20.98
CA ARG C 152 8.20 -46.00 -21.45
C ARG C 152 9.67 -46.10 -21.00
N ILE C 153 10.38 -44.97 -21.12
CA ILE C 153 11.79 -44.96 -20.77
C ILE C 153 11.96 -45.25 -19.28
N VAL C 154 11.15 -44.60 -18.45
CA VAL C 154 11.28 -44.71 -17.00
C VAL C 154 10.86 -46.11 -16.55
N SER C 155 9.78 -46.64 -17.13
CA SER C 155 9.24 -47.93 -16.73
C SER C 155 10.20 -49.06 -17.09
N ASN C 156 10.95 -48.93 -18.21
CA ASN C 156 11.73 -50.02 -18.75
C ASN C 156 13.18 -50.05 -18.27
N ASN C 157 13.65 -48.99 -17.61
CA ASN C 157 15.02 -48.94 -17.11
C ASN C 157 14.95 -48.79 -15.60
N PRO C 158 15.39 -49.79 -14.80
CA PRO C 158 15.25 -49.70 -13.34
C PRO C 158 16.02 -48.52 -12.73
N ASP C 159 17.02 -47.99 -13.46
CA ASP C 159 17.83 -46.89 -12.94
C ASP C 159 17.26 -45.53 -13.37
N ALA C 160 16.24 -45.51 -14.23
CA ALA C 160 15.69 -44.27 -14.72
C ALA C 160 14.62 -43.77 -13.74
N VAL C 161 14.51 -42.44 -13.61
CA VAL C 161 13.49 -41.81 -12.82
C VAL C 161 12.88 -40.65 -13.64
N SER C 162 11.62 -40.37 -13.31
CA SER C 162 10.87 -39.30 -13.94
C SER C 162 11.09 -38.05 -13.10
N ALA C 163 11.61 -36.98 -13.71
CA ALA C 163 11.79 -35.73 -12.99
C ALA C 163 10.43 -35.12 -12.62
N ASN C 164 9.42 -35.36 -13.47
CA ASN C 164 8.10 -34.76 -13.28
C ASN C 164 7.49 -35.25 -11.97
N GLN C 165 7.67 -36.53 -11.66
CA GLN C 165 7.18 -37.11 -10.42
C GLN C 165 7.86 -36.48 -9.20
N PHE C 166 9.15 -36.10 -9.33
CA PHE C 166 9.82 -35.43 -8.22
C PHE C 166 9.42 -33.95 -8.17
N ALA C 167 9.32 -33.36 -9.36
CA ALA C 167 8.92 -31.96 -9.48
C ALA C 167 7.61 -31.77 -8.75
N THR C 168 6.64 -32.70 -8.90
CA THR C 168 5.34 -32.53 -8.28
C THR C 168 5.49 -32.56 -6.76
N LYS C 169 6.41 -33.38 -6.24
CA LYS C 169 6.59 -33.51 -4.81
C LYS C 169 7.32 -32.30 -4.21
N TYR C 170 8.30 -31.73 -4.94
CA TYR C 170 9.30 -30.83 -4.39
C TYR C 170 9.14 -29.37 -4.84
N ASN C 171 8.22 -29.08 -5.76
CA ASN C 171 8.09 -27.80 -6.44
C ASN C 171 7.64 -26.69 -5.47
N ALA C 172 6.44 -26.84 -4.90
CA ALA C 172 5.99 -25.85 -3.92
C ALA C 172 6.93 -25.79 -2.73
N GLN C 173 7.48 -26.96 -2.34
CA GLN C 173 8.34 -27.03 -1.18
C GLN C 173 9.54 -26.10 -1.35
N ILE C 174 10.22 -26.13 -2.51
CA ILE C 174 11.44 -25.37 -2.65
C ILE C 174 11.15 -23.87 -2.53
N HIS C 175 10.00 -23.42 -3.04
CA HIS C 175 9.65 -22.01 -2.97
C HIS C 175 9.25 -21.62 -1.54
N GLU C 176 8.71 -22.58 -0.78
CA GLU C 176 8.38 -22.31 0.62
C GLU C 176 9.66 -22.19 1.45
N GLU C 177 10.72 -22.91 1.04
CA GLU C 177 11.98 -22.99 1.77
C GLU C 177 12.98 -21.91 1.36
N THR C 178 12.87 -21.37 0.13
CA THR C 178 13.93 -20.49 -0.38
C THR C 178 13.34 -19.16 -0.87
N THR C 179 12.55 -19.19 -1.94
CA THR C 179 12.00 -17.97 -2.54
C THR C 179 11.23 -17.13 -1.52
N GLY C 180 10.29 -17.77 -0.82
CA GLY C 180 9.46 -17.08 0.17
C GLY C 180 10.31 -16.43 1.26
N PRO C 181 11.14 -17.19 1.99
CA PRO C 181 12.00 -16.61 3.03
C PRO C 181 12.93 -15.49 2.54
N GLU C 182 13.46 -15.62 1.30
CA GLU C 182 14.26 -14.56 0.73
C GLU C 182 13.42 -13.28 0.58
N ILE C 183 12.21 -13.38 0.03
CA ILE C 183 11.35 -12.21 -0.18
C ILE C 183 11.04 -11.55 1.17
N TRP C 184 10.82 -12.39 2.18
CA TRP C 184 10.49 -11.91 3.51
C TRP C 184 11.65 -11.12 4.09
N ARG C 185 12.88 -11.65 3.95
CA ARG C 185 14.09 -10.96 4.38
C ARG C 185 14.32 -9.66 3.60
N GLN C 186 14.22 -9.76 2.26
CA GLN C 186 14.55 -8.63 1.39
C GLN C 186 13.61 -7.44 1.63
N THR C 187 12.33 -7.70 1.90
CA THR C 187 11.34 -6.65 2.13
C THR C 187 11.26 -6.27 3.62
N LYS C 188 12.10 -6.89 4.44
CA LYS C 188 12.14 -6.64 5.88
C LYS C 188 10.78 -6.89 6.51
N GLY C 189 10.09 -7.95 6.07
CA GLY C 189 8.82 -8.36 6.62
C GLY C 189 7.66 -7.47 6.19
N HIS C 190 7.78 -6.82 5.03
CA HIS C 190 6.76 -5.90 4.54
C HIS C 190 6.27 -6.39 3.19
N VAL C 191 5.20 -7.22 3.20
CA VAL C 191 4.54 -7.69 1.99
C VAL C 191 3.03 -7.54 2.18
N ASP C 192 2.41 -6.66 1.40
CA ASP C 192 0.96 -6.48 1.45
C ASP C 192 0.26 -7.32 0.40
N CYS C 193 0.98 -7.58 -0.71
CA CYS C 193 0.42 -8.29 -1.84
CA CYS C 193 0.42 -8.28 -1.83
C CYS C 193 1.53 -9.09 -2.52
N PHE C 194 1.19 -10.30 -2.99
CA PHE C 194 2.11 -11.06 -3.81
C PHE C 194 1.40 -11.52 -5.07
N VAL C 195 2.04 -11.30 -6.22
CA VAL C 195 1.44 -11.48 -7.52
C VAL C 195 2.35 -12.38 -8.34
N ALA C 196 1.81 -13.46 -8.89
CA ALA C 196 2.63 -14.33 -9.71
C ALA C 196 1.75 -15.06 -10.72
N GLY C 197 2.26 -15.20 -11.94
CA GLY C 197 1.66 -16.08 -12.92
C GLY C 197 1.83 -17.54 -12.51
N VAL C 198 0.92 -18.39 -12.98
CA VAL C 198 0.96 -19.80 -12.67
C VAL C 198 1.43 -20.57 -13.89
N GLY C 199 2.62 -21.19 -13.81
CA GLY C 199 3.07 -22.16 -14.78
C GLY C 199 2.84 -23.57 -14.24
N THR C 200 3.80 -24.01 -13.43
CA THR C 200 3.67 -25.22 -12.62
C THR C 200 2.83 -24.93 -11.38
N GLY C 201 2.79 -23.66 -10.94
CA GLY C 201 2.09 -23.29 -9.73
C GLY C 201 3.00 -23.31 -8.52
N GLY C 202 4.25 -23.75 -8.67
CA GLY C 202 5.16 -23.89 -7.55
C GLY C 202 5.47 -22.58 -6.85
N THR C 203 5.81 -21.54 -7.63
CA THR C 203 6.21 -20.27 -7.03
C THR C 203 5.07 -19.68 -6.19
N ILE C 204 3.88 -19.51 -6.76
CA ILE C 204 2.81 -18.86 -6.02
C ILE C 204 2.43 -19.73 -4.81
N THR C 205 2.37 -21.04 -4.99
CA THR C 205 1.93 -21.92 -3.91
C THR C 205 2.91 -21.86 -2.73
N GLY C 206 4.21 -22.03 -3.04
CA GLY C 206 5.24 -22.10 -2.03
C GLY C 206 5.43 -20.75 -1.31
N VAL C 207 5.41 -19.66 -2.07
CA VAL C 207 5.53 -18.34 -1.46
C VAL C 207 4.30 -18.04 -0.61
N ALA C 208 3.08 -18.30 -1.11
CA ALA C 208 1.88 -18.02 -0.32
C ALA C 208 1.89 -18.84 0.98
N ARG C 209 2.33 -20.11 0.90
CA ARG C 209 2.41 -20.96 2.07
C ARG C 209 3.38 -20.38 3.09
N TYR C 210 4.54 -19.89 2.61
CA TYR C 210 5.52 -19.31 3.50
C TYR C 210 4.97 -18.08 4.19
N LEU C 211 4.35 -17.17 3.40
CA LEU C 211 3.86 -15.92 3.94
C LEU C 211 2.82 -16.23 5.02
N LYS C 212 1.93 -17.20 4.75
CA LYS C 212 0.91 -17.60 5.71
C LYS C 212 1.57 -18.11 7.00
N SER C 213 2.64 -18.90 6.86
CA SER C 213 3.30 -19.51 7.99
C SER C 213 3.98 -18.48 8.89
N VAL C 214 4.32 -17.29 8.39
CA VAL C 214 4.97 -16.29 9.23
C VAL C 214 3.95 -15.22 9.67
N GLY C 215 2.66 -15.46 9.41
CA GLY C 215 1.60 -14.59 9.92
C GLY C 215 1.39 -13.37 9.04
N CYS C 216 1.91 -13.43 7.81
CA CYS C 216 1.71 -12.35 6.86
C CYS C 216 0.36 -12.53 6.18
N GLY C 217 -0.48 -11.50 6.25
CA GLY C 217 -1.83 -11.58 5.69
C GLY C 217 -1.91 -10.98 4.29
N ALA C 218 -0.78 -10.99 3.56
CA ALA C 218 -0.74 -10.50 2.19
C ALA C 218 -1.82 -11.14 1.35
N THR C 219 -2.42 -10.32 0.47
CA THR C 219 -3.33 -10.80 -0.55
C THR C 219 -2.50 -11.45 -1.66
N ILE C 220 -3.02 -12.55 -2.20
CA ILE C 220 -2.30 -13.38 -3.15
C ILE C 220 -3.07 -13.33 -4.45
N PHE C 221 -2.40 -12.91 -5.53
CA PHE C 221 -2.99 -12.77 -6.84
C PHE C 221 -2.28 -13.73 -7.80
N ALA C 222 -3.05 -14.59 -8.47
CA ALA C 222 -2.54 -15.40 -9.57
C ALA C 222 -2.79 -14.64 -10.88
N VAL C 223 -1.86 -14.78 -11.83
CA VAL C 223 -2.00 -14.15 -13.12
C VAL C 223 -2.11 -15.27 -14.15
N GLU C 224 -3.03 -15.13 -15.10
CA GLU C 224 -3.11 -16.09 -16.19
C GLU C 224 -3.48 -15.39 -17.49
N PRO C 225 -3.26 -16.04 -18.66
CA PRO C 225 -3.58 -15.43 -19.95
C PRO C 225 -5.08 -15.32 -20.13
N ALA C 226 -5.54 -14.14 -20.58
CA ALA C 226 -6.93 -13.96 -20.94
C ALA C 226 -7.32 -14.96 -22.03
N GLU C 227 -6.35 -15.38 -22.85
CA GLU C 227 -6.57 -16.31 -23.95
C GLU C 227 -6.67 -17.77 -23.48
N SER C 228 -6.30 -18.07 -22.23
CA SER C 228 -6.34 -19.43 -21.71
C SER C 228 -6.65 -19.41 -20.21
N PRO C 229 -7.82 -18.87 -19.81
CA PRO C 229 -8.10 -18.55 -18.41
C PRO C 229 -8.67 -19.72 -17.61
N VAL C 230 -7.83 -20.75 -17.44
CA VAL C 230 -8.26 -22.01 -16.86
C VAL C 230 -8.38 -21.90 -15.34
N LEU C 231 -7.53 -21.09 -14.69
CA LEU C 231 -7.62 -20.90 -13.25
C LEU C 231 -8.92 -20.18 -12.91
N SER C 232 -9.48 -19.42 -13.87
CA SER C 232 -10.70 -18.65 -13.68
C SER C 232 -11.92 -19.50 -14.00
N GLY C 233 -11.70 -20.76 -14.42
CA GLY C 233 -12.79 -21.66 -14.79
C GLY C 233 -13.15 -21.56 -16.28
N GLY C 234 -12.27 -20.93 -17.08
CA GLY C 234 -12.47 -20.81 -18.51
C GLY C 234 -11.86 -21.98 -19.28
N LYS C 235 -11.89 -21.85 -20.61
CA LYS C 235 -11.44 -22.92 -21.51
C LYS C 235 -9.99 -22.71 -21.89
N PRO C 236 -9.18 -23.80 -22.00
CA PRO C 236 -7.80 -23.67 -22.48
C PRO C 236 -7.77 -23.23 -23.94
N GLY C 237 -6.68 -22.54 -24.29
CA GLY C 237 -6.49 -22.08 -25.66
C GLY C 237 -5.03 -21.73 -25.91
N PRO C 238 -4.63 -21.60 -27.21
CA PRO C 238 -3.29 -21.12 -27.55
C PRO C 238 -3.13 -19.66 -27.15
N HIS C 239 -1.92 -19.34 -26.71
CA HIS C 239 -1.60 -18.00 -26.23
C HIS C 239 -0.07 -17.87 -26.31
N ARG C 240 0.42 -16.63 -26.17
CA ARG C 240 1.82 -16.37 -26.43
C ARG C 240 2.64 -16.33 -25.15
N ILE C 241 2.02 -16.45 -23.97
CA ILE C 241 2.71 -16.11 -22.74
C ILE C 241 3.48 -17.33 -22.22
N GLN C 242 4.63 -17.58 -22.84
CA GLN C 242 5.46 -18.74 -22.53
C GLN C 242 5.81 -18.73 -21.04
N GLY C 243 5.70 -19.91 -20.43
CA GLY C 243 6.05 -20.07 -19.03
C GLY C 243 4.83 -20.20 -18.12
N ILE C 244 3.67 -19.66 -18.54
CA ILE C 244 2.45 -19.80 -17.76
C ILE C 244 1.34 -20.39 -18.64
N GLY C 245 0.20 -20.70 -18.03
CA GLY C 245 -0.97 -21.17 -18.77
C GLY C 245 -0.75 -22.49 -19.49
N ALA C 246 -0.54 -23.56 -18.72
CA ALA C 246 -0.19 -24.87 -19.23
C ALA C 246 -1.36 -25.51 -20.00
N GLY C 247 -2.58 -24.98 -19.86
CA GLY C 247 -3.76 -25.53 -20.52
C GLY C 247 -4.54 -26.47 -19.60
N PHE C 248 -4.03 -26.66 -18.38
CA PHE C 248 -4.66 -27.44 -17.33
C PHE C 248 -4.26 -26.82 -16.00
N VAL C 249 -4.96 -27.22 -14.94
CA VAL C 249 -4.61 -26.77 -13.60
C VAL C 249 -3.56 -27.74 -13.04
N PRO C 250 -2.29 -27.31 -12.82
CA PRO C 250 -1.29 -28.24 -12.30
C PRO C 250 -1.63 -28.67 -10.87
N GLU C 251 -1.30 -29.93 -10.56
CA GLU C 251 -1.54 -30.48 -9.23
C GLU C 251 -0.80 -29.69 -8.16
N VAL C 252 0.34 -29.10 -8.54
CA VAL C 252 1.18 -28.35 -7.59
C VAL C 252 0.41 -27.13 -7.10
N PHE C 253 -0.38 -26.50 -7.98
CA PHE C 253 -1.08 -25.25 -7.70
C PHE C 253 -2.19 -25.45 -6.66
N GLU C 254 -2.25 -24.59 -5.62
CA GLU C 254 -3.31 -24.69 -4.62
C GLU C 254 -4.17 -23.43 -4.66
N ALA C 255 -5.31 -23.53 -5.34
CA ALA C 255 -6.23 -22.41 -5.52
C ALA C 255 -6.71 -21.80 -4.20
N ALA C 256 -6.74 -22.57 -3.10
CA ALA C 256 -7.21 -22.09 -1.81
C ALA C 256 -6.37 -20.92 -1.29
N LEU C 257 -5.10 -20.84 -1.72
CA LEU C 257 -4.17 -19.83 -1.23
C LEU C 257 -4.34 -18.51 -1.97
N VAL C 258 -5.09 -18.53 -3.08
CA VAL C 258 -5.21 -17.40 -3.97
C VAL C 258 -6.51 -16.61 -3.69
N ASP C 259 -6.37 -15.28 -3.57
CA ASP C 259 -7.48 -14.39 -3.28
C ASP C 259 -8.18 -13.93 -4.56
N GLU C 260 -7.42 -13.67 -5.62
CA GLU C 260 -7.97 -13.13 -6.85
C GLU C 260 -7.11 -13.59 -8.02
N VAL C 261 -7.74 -13.76 -9.19
CA VAL C 261 -7.06 -14.07 -10.43
C VAL C 261 -7.12 -12.82 -11.31
N ILE C 262 -5.95 -12.39 -11.81
CA ILE C 262 -5.88 -11.31 -12.77
C ILE C 262 -5.62 -11.93 -14.14
N GLN C 263 -6.49 -11.61 -15.12
CA GLN C 263 -6.27 -12.04 -16.48
C GLN C 263 -5.50 -10.94 -17.20
N VAL C 264 -4.49 -11.35 -17.97
CA VAL C 264 -3.69 -10.42 -18.75
C VAL C 264 -3.66 -10.96 -20.17
N SER C 265 -3.92 -10.07 -21.14
CA SER C 265 -3.85 -10.47 -22.54
C SER C 265 -2.39 -10.63 -22.98
N GLY C 266 -2.17 -11.46 -24.01
CA GLY C 266 -0.87 -11.50 -24.66
C GLY C 266 -0.35 -10.11 -25.01
N ASP C 267 -1.22 -9.24 -25.58
CA ASP C 267 -0.79 -7.92 -26.01
C ASP C 267 -0.31 -7.08 -24.84
N GLU C 268 -1.02 -7.15 -23.70
CA GLU C 268 -0.66 -6.40 -22.51
C GLU C 268 0.70 -6.87 -21.97
N ALA C 269 0.90 -8.19 -21.94
CA ALA C 269 2.13 -8.79 -21.43
C ALA C 269 3.31 -8.40 -22.32
N ILE C 270 3.14 -8.50 -23.65
CA ILE C 270 4.18 -8.18 -24.62
C ILE C 270 4.55 -6.68 -24.53
N ASP C 271 3.52 -5.81 -24.48
CA ASP C 271 3.76 -4.38 -24.41
C ASP C 271 4.58 -4.04 -23.18
N THR C 272 4.23 -4.66 -22.04
CA THR C 272 4.91 -4.40 -20.79
C THR C 272 6.35 -4.89 -20.86
N ALA C 273 6.56 -6.10 -21.39
CA ALA C 273 7.90 -6.67 -21.50
C ALA C 273 8.79 -5.86 -22.45
N GLN C 274 8.19 -5.22 -23.47
CA GLN C 274 8.96 -4.38 -24.41
C GLN C 274 9.30 -3.04 -23.80
N LYS C 275 8.52 -2.57 -22.81
CA LYS C 275 8.79 -1.27 -22.20
C LYS C 275 9.75 -1.37 -21.02
N LEU C 276 9.68 -2.47 -20.29
CA LEU C 276 10.48 -2.65 -19.09
C LEU C 276 11.98 -2.45 -19.32
N PRO C 277 12.57 -2.92 -20.43
CA PRO C 277 13.99 -2.64 -20.69
C PRO C 277 14.32 -1.16 -20.77
N ARG C 278 13.42 -0.35 -21.35
CA ARG C 278 13.66 1.07 -21.52
C ARG C 278 13.37 1.86 -20.24
N THR C 279 12.30 1.49 -19.52
CA THR C 279 11.94 2.25 -18.34
C THR C 279 12.88 1.94 -17.18
N ASP C 280 13.22 0.66 -17.00
CA ASP C 280 13.85 0.20 -15.76
C ASP C 280 15.06 -0.69 -16.03
N GLY C 281 15.39 -0.96 -17.30
CA GLY C 281 16.49 -1.87 -17.58
C GLY C 281 16.22 -3.32 -17.17
N ILE C 282 14.95 -3.72 -17.15
CA ILE C 282 14.52 -5.07 -16.83
C ILE C 282 14.27 -5.80 -18.15
N PHE C 283 15.02 -6.90 -18.34
CA PHE C 283 14.98 -7.65 -19.58
C PHE C 283 14.43 -9.04 -19.30
N CYS C 284 13.16 -9.27 -19.59
CA CYS C 284 12.49 -10.48 -19.16
C CYS C 284 11.64 -11.08 -20.27
N GLY C 285 11.03 -12.22 -19.95
CA GLY C 285 10.15 -12.95 -20.86
C GLY C 285 8.71 -12.44 -20.79
N PHE C 286 7.83 -13.18 -21.46
CA PHE C 286 6.42 -12.92 -21.51
C PHE C 286 5.80 -12.89 -20.12
N SER C 287 6.19 -13.83 -19.25
CA SER C 287 5.55 -14.01 -17.96
C SER C 287 5.94 -12.86 -17.03
N GLY C 288 7.17 -12.35 -17.12
CA GLY C 288 7.57 -11.18 -16.37
C GLY C 288 6.71 -9.97 -16.78
N GLY C 289 6.46 -9.84 -18.08
CA GLY C 289 5.63 -8.75 -18.59
C GLY C 289 4.20 -8.82 -18.00
N ALA C 290 3.64 -10.05 -17.97
CA ALA C 290 2.31 -10.29 -17.46
C ALA C 290 2.24 -9.95 -15.97
N ASN C 291 3.26 -10.37 -15.24
CA ASN C 291 3.30 -10.19 -13.79
C ASN C 291 3.33 -8.69 -13.45
N VAL C 292 4.19 -7.95 -14.15
CA VAL C 292 4.33 -6.52 -13.89
C VAL C 292 3.06 -5.77 -14.31
N TYR C 293 2.48 -6.15 -15.44
CA TYR C 293 1.22 -5.53 -15.87
C TYR C 293 0.13 -5.71 -14.80
N ALA C 294 0.03 -6.94 -14.26
CA ALA C 294 -0.91 -7.25 -13.20
C ALA C 294 -0.65 -6.44 -11.94
N ALA C 295 0.62 -6.36 -11.53
CA ALA C 295 1.01 -5.59 -10.35
C ALA C 295 0.59 -4.13 -10.49
N LEU C 296 0.79 -3.56 -11.70
CA LEU C 296 0.48 -2.16 -11.96
C LEU C 296 -1.04 -1.96 -11.94
N GLN C 297 -1.81 -2.95 -12.40
CA GLN C 297 -3.26 -2.87 -12.34
C GLN C 297 -3.76 -2.86 -10.90
N ILE C 298 -3.21 -3.72 -10.05
CA ILE C 298 -3.54 -3.78 -8.63
C ILE C 298 -3.16 -2.46 -7.94
N ALA C 299 -1.97 -1.93 -8.30
CA ALA C 299 -1.40 -0.77 -7.64
C ALA C 299 -2.25 0.49 -7.87
N LYS C 300 -3.12 0.48 -8.89
CA LYS C 300 -3.96 1.61 -9.21
C LYS C 300 -5.18 1.67 -8.28
N ARG C 301 -5.45 0.59 -7.52
CA ARG C 301 -6.62 0.54 -6.65
C ARG C 301 -6.40 1.45 -5.45
N PRO C 302 -7.38 2.30 -5.04
CA PRO C 302 -7.14 3.23 -3.94
C PRO C 302 -6.66 2.56 -2.64
N GLU C 303 -7.18 1.37 -2.36
CA GLU C 303 -6.85 0.62 -1.16
C GLU C 303 -5.37 0.22 -1.13
N MET C 304 -4.73 0.23 -2.30
CA MET C 304 -3.37 -0.25 -2.41
C MET C 304 -2.37 0.90 -2.29
N ALA C 305 -2.87 2.14 -2.12
CA ALA C 305 -1.95 3.26 -1.98
C ALA C 305 -1.05 3.00 -0.78
N GLY C 306 0.25 3.19 -0.98
CA GLY C 306 1.25 3.05 0.08
C GLY C 306 1.57 1.60 0.46
N LYS C 307 0.96 0.64 -0.24
CA LYS C 307 1.19 -0.77 0.05
C LYS C 307 2.39 -1.30 -0.75
N THR C 308 3.02 -2.38 -0.25
CA THR C 308 4.10 -3.04 -0.95
C THR C 308 3.58 -4.29 -1.66
N ILE C 309 3.70 -4.28 -2.99
CA ILE C 309 3.28 -5.36 -3.87
C ILE C 309 4.56 -6.01 -4.39
N VAL C 310 4.68 -7.32 -4.19
CA VAL C 310 5.85 -8.07 -4.64
C VAL C 310 5.43 -8.95 -5.80
N THR C 311 6.24 -8.96 -6.87
CA THR C 311 5.96 -9.86 -7.97
C THR C 311 7.30 -10.43 -8.42
N VAL C 312 7.26 -11.29 -9.44
CA VAL C 312 8.40 -12.10 -9.81
C VAL C 312 8.71 -11.84 -11.28
N ILE C 313 10.00 -11.75 -11.60
CA ILE C 313 10.46 -11.79 -12.97
C ILE C 313 11.04 -13.20 -13.17
N PRO C 314 10.28 -14.13 -13.79
CA PRO C 314 10.68 -15.52 -13.82
C PRO C 314 11.90 -15.86 -14.70
N SER C 315 12.14 -15.11 -15.77
CA SER C 315 13.18 -15.50 -16.70
C SER C 315 13.80 -14.32 -17.44
N TYR C 316 15.07 -14.49 -17.83
CA TYR C 316 15.82 -13.47 -18.53
C TYR C 316 15.35 -13.38 -19.98
N GLY C 317 15.35 -12.16 -20.52
CA GLY C 317 14.75 -11.88 -21.82
C GLY C 317 15.49 -12.49 -23.00
N GLU C 318 16.78 -12.80 -22.84
CA GLU C 318 17.57 -13.14 -24.01
C GLU C 318 17.09 -14.42 -24.67
N ARG C 319 16.52 -15.30 -23.88
CA ARG C 319 16.00 -16.58 -24.34
C ARG C 319 14.78 -16.39 -25.22
N TYR C 320 14.25 -15.17 -25.32
CA TYR C 320 13.03 -14.89 -26.07
C TYR C 320 13.28 -13.99 -27.28
N LEU C 321 14.53 -13.72 -27.60
CA LEU C 321 14.87 -12.79 -28.65
C LEU C 321 14.31 -13.25 -30.00
N SER C 322 14.22 -14.55 -30.22
CA SER C 322 13.74 -15.04 -31.51
C SER C 322 12.22 -15.24 -31.55
N THR C 323 11.51 -14.91 -30.46
CA THR C 323 10.09 -15.22 -30.31
C THR C 323 9.27 -13.99 -30.71
N ALA C 324 7.95 -14.13 -30.61
CA ALA C 324 7.01 -13.04 -30.85
C ALA C 324 7.17 -11.90 -29.86
N LEU C 325 7.83 -12.12 -28.73
CA LEU C 325 7.97 -11.09 -27.73
C LEU C 325 8.65 -9.85 -28.31
N TYR C 326 9.70 -10.04 -29.11
CA TYR C 326 10.48 -8.91 -29.58
C TYR C 326 10.50 -8.83 -31.10
N SER C 327 9.56 -9.51 -31.78
CA SER C 327 9.62 -9.60 -33.23
C SER C 327 9.35 -8.23 -33.88
N SER C 328 8.53 -7.39 -33.23
CA SER C 328 8.27 -6.06 -33.78
C SER C 328 9.54 -5.21 -33.77
N ILE C 329 10.37 -5.37 -32.73
CA ILE C 329 11.63 -4.65 -32.65
C ILE C 329 12.63 -5.27 -33.65
N LYS C 330 12.57 -6.58 -33.83
CA LYS C 330 13.44 -7.27 -34.77
C LYS C 330 13.13 -6.78 -36.19
N ASP C 331 11.85 -6.62 -36.50
CA ASP C 331 11.42 -6.10 -37.80
C ASP C 331 11.95 -4.69 -38.03
N GLU C 332 11.89 -3.86 -36.97
CA GLU C 332 12.34 -2.48 -37.02
C GLU C 332 13.84 -2.41 -37.36
N VAL C 333 14.70 -3.16 -36.65
CA VAL C 333 16.13 -3.00 -36.88
C VAL C 333 16.51 -3.71 -38.18
N PHE C 334 15.73 -4.70 -38.61
CA PHE C 334 15.99 -5.39 -39.87
C PHE C 334 15.90 -4.41 -41.05
N ALA C 335 14.97 -3.45 -40.92
CA ALA C 335 14.60 -2.54 -42.00
C ALA C 335 15.41 -1.25 -41.98
N LEU C 336 16.30 -1.06 -40.99
CA LEU C 336 17.02 0.19 -40.87
C LEU C 336 17.83 0.44 -42.15
N LYS C 337 17.80 1.70 -42.58
CA LYS C 337 18.57 2.18 -43.71
C LYS C 337 20.04 2.32 -43.31
N VAL C 338 20.93 2.15 -44.29
CA VAL C 338 22.36 2.25 -44.10
C VAL C 338 22.84 3.59 -44.66
N LEU C 339 23.73 4.27 -43.95
CA LEU C 339 24.33 5.50 -44.42
C LEU C 339 25.05 5.26 -45.75
N SER C 340 25.01 6.26 -46.66
CA SER C 340 25.87 6.24 -47.83
C SER C 340 27.26 6.63 -47.38
N ALA C 341 28.28 6.25 -48.18
CA ALA C 341 29.64 6.71 -47.95
C ALA C 341 29.72 8.24 -48.00
N ALA C 342 28.85 8.88 -48.78
CA ALA C 342 28.83 10.33 -48.94
C ALA C 342 28.38 11.05 -47.66
N ASP C 343 27.64 10.36 -46.77
CA ASP C 343 27.16 10.95 -45.53
C ASP C 343 28.10 10.68 -44.35
N ILE C 344 29.35 10.28 -44.65
CA ILE C 344 30.36 10.04 -43.65
C ILE C 344 31.53 11.00 -43.93
N GLU D 17 27.85 -1.91 -1.13
CA GLU D 17 27.30 -1.24 0.09
C GLU D 17 26.29 -2.15 0.80
N PHE D 18 25.53 -2.97 0.05
CA PHE D 18 24.45 -3.77 0.64
C PHE D 18 24.52 -5.20 0.11
N ASP D 19 24.05 -6.15 0.93
CA ASP D 19 23.95 -7.55 0.51
C ASP D 19 22.66 -7.69 -0.30
N PRO D 20 22.72 -8.03 -1.61
CA PRO D 20 21.48 -8.15 -2.40
C PRO D 20 20.58 -9.31 -1.98
N ARG D 21 21.16 -10.26 -1.25
CA ARG D 21 20.38 -11.41 -0.78
C ARG D 21 19.36 -10.95 0.27
N ASN D 22 19.62 -9.82 0.94
CA ASN D 22 18.89 -9.41 2.13
C ASN D 22 18.22 -8.03 2.04
N ASN D 23 18.25 -7.35 0.88
CA ASN D 23 17.76 -5.99 0.74
C ASN D 23 17.10 -5.84 -0.64
N VAL D 24 16.34 -4.77 -0.87
CA VAL D 24 15.84 -4.45 -2.22
C VAL D 24 16.76 -3.41 -2.84
N ALA D 25 17.28 -3.67 -4.03
CA ALA D 25 18.15 -2.76 -4.73
C ALA D 25 17.30 -1.57 -5.25
N PRO D 26 17.85 -0.35 -5.30
CA PRO D 26 17.12 0.81 -5.82
C PRO D 26 16.92 0.84 -7.33
N SER D 27 17.78 0.09 -8.07
CA SER D 27 17.70 0.07 -9.52
C SER D 27 18.62 -1.02 -10.05
N MET D 28 18.47 -1.36 -11.32
CA MET D 28 19.22 -2.46 -11.91
C MET D 28 20.72 -2.15 -11.96
N ASP D 29 21.10 -0.87 -12.11
CA ASP D 29 22.52 -0.56 -12.21
C ASP D 29 23.20 -0.74 -10.85
N ALA D 30 22.41 -0.81 -9.77
CA ALA D 30 22.97 -1.01 -8.45
C ALA D 30 23.36 -2.47 -8.25
N LEU D 31 22.98 -3.37 -9.17
CA LEU D 31 23.31 -4.78 -9.04
C LEU D 31 24.50 -5.19 -9.91
N ILE D 32 25.16 -4.22 -10.53
CA ILE D 32 26.35 -4.47 -11.33
C ILE D 32 27.53 -4.75 -10.42
N GLY D 33 28.37 -5.69 -10.83
CA GLY D 33 29.55 -6.04 -10.07
C GLY D 33 29.24 -6.95 -8.89
N GLU D 34 30.24 -7.13 -8.01
CA GLU D 34 30.16 -8.07 -6.90
C GLU D 34 29.65 -9.42 -7.41
N THR D 35 30.23 -9.87 -8.53
CA THR D 35 29.85 -11.12 -9.15
C THR D 35 30.42 -12.30 -8.38
N PRO D 36 29.84 -13.49 -8.52
CA PRO D 36 30.35 -14.70 -7.87
C PRO D 36 31.60 -15.25 -8.54
N ALA D 37 32.25 -16.21 -7.87
CA ALA D 37 33.38 -16.92 -8.41
C ALA D 37 33.19 -18.41 -8.07
N VAL D 38 33.73 -19.29 -8.90
CA VAL D 38 33.52 -20.71 -8.77
C VAL D 38 34.83 -21.42 -9.12
N TYR D 39 35.12 -22.57 -8.45
CA TYR D 39 36.23 -23.40 -8.84
C TYR D 39 35.91 -24.14 -10.13
N LEU D 40 36.90 -24.21 -11.03
CA LEU D 40 36.85 -25.16 -12.13
C LEU D 40 37.32 -26.52 -11.58
N LYS D 41 36.48 -27.54 -11.67
CA LYS D 41 36.73 -28.81 -11.01
C LYS D 41 36.97 -29.89 -12.06
N ARG D 42 35.92 -30.40 -12.70
CA ARG D 42 36.08 -31.60 -13.52
C ARG D 42 37.04 -31.33 -14.68
N MET D 43 36.98 -30.17 -15.31
CA MET D 43 37.84 -29.91 -16.45
C MET D 43 39.31 -29.73 -16.02
N ASN D 44 39.53 -29.37 -14.75
CA ASN D 44 40.86 -29.07 -14.27
C ASN D 44 41.54 -30.36 -13.83
N ASP D 45 42.40 -30.93 -14.67
CA ASP D 45 43.12 -32.14 -14.30
C ASP D 45 44.54 -31.82 -13.85
N THR D 46 44.82 -30.55 -13.51
CA THR D 46 46.19 -30.11 -13.21
C THR D 46 46.39 -30.01 -11.70
N ALA D 47 47.62 -29.67 -11.32
CA ALA D 47 47.99 -29.54 -9.91
C ALA D 47 47.73 -28.13 -9.39
N ALA D 48 47.22 -27.22 -10.23
CA ALA D 48 46.86 -25.88 -9.81
C ALA D 48 45.37 -25.83 -9.47
N THR D 49 45.01 -24.84 -8.64
CA THR D 49 43.62 -24.52 -8.35
C THR D 49 43.20 -23.42 -9.33
N ILE D 50 42.06 -23.58 -10.00
CA ILE D 50 41.60 -22.57 -10.97
C ILE D 50 40.26 -22.00 -10.49
N VAL D 51 40.22 -20.67 -10.38
CA VAL D 51 39.06 -19.92 -9.93
C VAL D 51 38.53 -19.09 -11.11
N LEU D 52 37.25 -19.19 -11.40
CA LEU D 52 36.59 -18.43 -12.45
C LEU D 52 35.81 -17.29 -11.82
N LYS D 53 36.13 -16.06 -12.23
CA LYS D 53 35.37 -14.87 -11.87
C LYS D 53 34.23 -14.69 -12.87
N LEU D 54 33.00 -14.78 -12.41
CA LEU D 54 31.85 -15.01 -13.28
C LEU D 54 31.20 -13.65 -13.67
N GLU D 55 31.85 -12.94 -14.57
CA GLU D 55 31.34 -11.66 -15.08
C GLU D 55 30.09 -11.86 -15.93
N CYS D 56 29.90 -13.07 -16.43
CA CYS D 56 28.67 -13.50 -17.07
C CYS D 56 27.44 -13.32 -16.18
N GLU D 57 27.60 -13.15 -14.86
CA GLU D 57 26.46 -13.01 -13.96
C GLU D 57 26.03 -11.55 -13.71
N ASN D 58 26.71 -10.57 -14.31
CA ASN D 58 26.24 -9.19 -14.29
C ASN D 58 24.83 -9.11 -14.88
N PRO D 59 24.06 -8.03 -14.58
CA PRO D 59 22.68 -7.90 -15.06
C PRO D 59 22.47 -8.01 -16.57
N MET D 60 23.38 -7.46 -17.39
CA MET D 60 23.28 -7.56 -18.83
CA MET D 60 23.19 -7.67 -18.82
C MET D 60 24.26 -8.60 -19.36
N ALA D 61 24.72 -9.50 -18.48
CA ALA D 61 25.35 -10.79 -18.79
C ALA D 61 26.76 -10.66 -19.38
N SER D 62 27.50 -9.59 -19.01
CA SER D 62 28.89 -9.50 -19.40
C SER D 62 29.64 -8.55 -18.49
N VAL D 63 30.97 -8.64 -18.60
CA VAL D 63 31.89 -7.75 -17.92
C VAL D 63 31.66 -6.28 -18.30
N LYS D 64 31.11 -6.01 -19.47
CA LYS D 64 30.96 -4.63 -19.97
C LYS D 64 29.94 -3.84 -19.13
N ASP D 65 29.12 -4.51 -18.32
CA ASP D 65 28.27 -3.76 -17.41
C ASP D 65 29.13 -2.84 -16.51
N ARG D 66 30.31 -3.32 -16.12
CA ARG D 66 31.16 -2.53 -15.23
C ARG D 66 31.70 -1.30 -15.94
N LEU D 67 32.15 -1.47 -17.20
CA LEU D 67 32.68 -0.39 -17.99
C LEU D 67 31.59 0.67 -18.24
N ALA D 68 30.37 0.24 -18.58
CA ALA D 68 29.26 1.18 -18.80
C ALA D 68 28.96 1.93 -17.50
N TYR D 69 28.92 1.21 -16.38
CA TYR D 69 28.65 1.86 -15.09
C TYR D 69 29.69 2.96 -14.83
N ALA D 70 30.97 2.62 -15.00
CA ALA D 70 32.10 3.53 -14.77
C ALA D 70 31.96 4.77 -15.66
N ILE D 71 31.65 4.55 -16.94
CA ILE D 71 31.53 5.66 -17.87
C ILE D 71 30.44 6.62 -17.40
N TYR D 72 29.25 6.15 -17.07
CA TYR D 72 28.20 7.08 -16.65
C TYR D 72 28.51 7.70 -15.29
N ASP D 73 29.00 6.89 -14.33
CA ASP D 73 29.27 7.39 -12.99
C ASP D 73 30.39 8.45 -13.01
N LYS D 74 31.51 8.12 -13.68
CA LYS D 74 32.73 8.91 -13.61
C LYS D 74 32.64 10.09 -14.56
N ALA D 75 32.01 9.93 -15.72
CA ALA D 75 31.83 11.06 -16.63
C ALA D 75 30.95 12.10 -15.98
N GLU D 76 29.92 11.69 -15.23
CA GLU D 76 29.06 12.66 -14.56
C GLU D 76 29.85 13.35 -13.43
N LYS D 77 30.67 12.61 -12.68
CA LYS D 77 31.52 13.20 -11.66
C LYS D 77 32.54 14.19 -12.24
N GLU D 78 32.91 14.03 -13.53
CA GLU D 78 33.84 14.95 -14.17
C GLU D 78 33.09 16.05 -14.94
N GLY D 79 31.76 16.00 -14.94
CA GLY D 79 30.93 16.99 -15.62
C GLY D 79 30.99 16.88 -17.14
N LYS D 80 31.36 15.69 -17.65
CA LYS D 80 31.52 15.47 -19.08
C LYS D 80 30.18 15.08 -19.70
N ILE D 81 29.23 14.65 -18.86
CA ILE D 81 27.86 14.45 -19.29
C ILE D 81 26.91 15.04 -18.27
N ILE D 82 25.74 15.44 -18.78
CA ILE D 82 24.65 16.00 -18.01
C ILE D 82 23.37 15.33 -18.48
N PRO D 83 22.57 14.72 -17.59
CA PRO D 83 21.38 13.96 -17.99
C PRO D 83 20.35 14.62 -18.91
N GLY D 84 20.07 15.92 -18.77
CA GLY D 84 19.07 16.56 -19.62
C GLY D 84 19.57 16.81 -21.06
N LYS D 85 20.85 16.52 -21.31
CA LYS D 85 21.59 17.12 -22.41
C LYS D 85 22.37 16.05 -23.17
N SER D 86 23.28 15.34 -22.50
CA SER D 86 24.35 14.63 -23.18
C SER D 86 23.81 13.41 -23.90
N VAL D 87 24.46 13.11 -25.04
CA VAL D 87 24.18 11.90 -25.80
C VAL D 87 25.46 11.05 -25.78
N ILE D 88 25.34 9.77 -25.36
CA ILE D 88 26.48 8.88 -25.33
C ILE D 88 26.54 8.11 -26.65
N VAL D 89 27.71 8.10 -27.29
CA VAL D 89 27.91 7.52 -28.61
C VAL D 89 29.03 6.47 -28.53
N GLU D 90 28.85 5.33 -29.21
CA GLU D 90 29.95 4.38 -29.35
C GLU D 90 29.76 3.58 -30.64
N ALA D 91 30.89 3.24 -31.24
CA ALA D 91 30.93 2.34 -32.38
C ALA D 91 31.19 0.92 -31.86
N THR D 92 30.15 0.09 -31.89
CA THR D 92 30.23 -1.25 -31.31
C THR D 92 29.00 -2.04 -31.72
N SER D 93 29.17 -3.34 -31.95
CA SER D 93 28.06 -4.27 -32.01
C SER D 93 28.14 -5.28 -30.88
N GLY D 94 29.03 -5.02 -29.92
CA GLY D 94 29.36 -5.98 -28.86
C GLY D 94 28.67 -5.61 -27.53
N ASN D 95 29.19 -6.23 -26.48
CA ASN D 95 28.60 -6.11 -25.17
C ASN D 95 28.67 -4.69 -24.67
N THR D 96 29.68 -3.93 -25.12
CA THR D 96 29.82 -2.55 -24.68
C THR D 96 28.58 -1.74 -25.07
N GLY D 97 28.06 -1.97 -26.28
CA GLY D 97 26.89 -1.23 -26.75
C GLY D 97 25.65 -1.56 -25.94
N ILE D 98 25.47 -2.87 -25.63
CA ILE D 98 24.31 -3.31 -24.87
C ILE D 98 24.34 -2.65 -23.49
N ALA D 99 25.49 -2.69 -22.86
CA ALA D 99 25.66 -2.18 -21.50
C ALA D 99 25.50 -0.66 -21.46
N LEU D 100 26.03 0.05 -22.47
CA LEU D 100 25.84 1.50 -22.57
C LEU D 100 24.37 1.83 -22.76
N ALA D 101 23.66 1.07 -23.61
CA ALA D 101 22.25 1.32 -23.84
C ALA D 101 21.43 1.08 -22.57
N HIS D 102 21.76 -0.02 -21.87
CA HIS D 102 21.06 -0.39 -20.66
C HIS D 102 21.15 0.69 -19.58
N ILE D 103 22.37 1.11 -19.24
CA ILE D 103 22.54 2.10 -18.17
C ILE D 103 22.05 3.47 -18.61
N GLY D 104 22.28 3.78 -19.89
CA GLY D 104 21.77 5.02 -20.45
C GLY D 104 20.27 5.21 -20.26
N THR D 105 19.48 4.21 -20.64
CA THR D 105 18.03 4.32 -20.56
C THR D 105 17.61 4.41 -19.09
N ILE D 106 18.30 3.71 -18.17
CA ILE D 106 17.99 3.78 -16.75
C ILE D 106 18.18 5.21 -16.26
N ARG D 107 19.29 5.84 -16.66
CA ARG D 107 19.70 7.13 -16.09
C ARG D 107 19.14 8.30 -16.89
N GLY D 108 18.46 8.02 -18.03
CA GLY D 108 17.80 9.05 -18.80
C GLY D 108 18.74 9.78 -19.76
N TYR D 109 19.77 9.08 -20.25
CA TYR D 109 20.62 9.59 -21.32
C TYR D 109 20.26 8.95 -22.64
N LYS D 110 20.21 9.76 -23.70
CA LYS D 110 20.12 9.21 -25.05
C LYS D 110 21.42 8.52 -25.40
N VAL D 111 21.32 7.39 -26.13
CA VAL D 111 22.45 6.58 -26.48
C VAL D 111 22.39 6.33 -27.98
N ILE D 112 23.53 6.48 -28.67
CA ILE D 112 23.62 6.20 -30.09
C ILE D 112 24.69 5.12 -30.28
N ILE D 113 24.28 3.99 -30.86
CA ILE D 113 25.19 2.90 -31.16
C ILE D 113 25.35 2.87 -32.69
N VAL D 114 26.63 2.92 -33.10
CA VAL D 114 26.99 2.94 -34.51
C VAL D 114 27.66 1.61 -34.82
N MET D 115 27.19 0.94 -35.89
CA MET D 115 27.85 -0.29 -36.28
C MET D 115 27.78 -0.46 -37.80
N PRO D 116 28.75 -1.18 -38.38
CA PRO D 116 28.64 -1.60 -39.78
C PRO D 116 27.38 -2.43 -40.00
N GLU D 117 26.76 -2.24 -41.18
CA GLU D 117 25.55 -2.94 -41.56
C GLU D 117 25.74 -4.47 -41.54
N SER D 118 26.98 -4.96 -41.51
CA SER D 118 27.27 -6.39 -41.60
C SER D 118 27.24 -7.09 -40.24
N MET D 119 27.19 -6.32 -39.14
CA MET D 119 27.26 -6.93 -37.81
C MET D 119 25.93 -7.61 -37.47
N SER D 120 25.95 -8.53 -36.48
CA SER D 120 24.80 -9.35 -36.14
C SER D 120 23.50 -8.55 -35.95
N ILE D 121 22.44 -9.00 -36.61
CA ILE D 121 21.09 -8.50 -36.41
C ILE D 121 20.65 -8.70 -34.96
N GLU D 122 21.11 -9.78 -34.29
CA GLU D 122 20.70 -10.03 -32.90
C GLU D 122 21.22 -8.90 -31.99
N ARG D 123 22.48 -8.49 -32.22
CA ARG D 123 23.10 -7.43 -31.44
C ARG D 123 22.42 -6.08 -31.74
N ARG D 124 22.11 -5.84 -33.00
CA ARG D 124 21.38 -4.65 -33.41
C ARG D 124 20.06 -4.55 -32.64
N CYS D 125 19.33 -5.67 -32.62
CA CYS D 125 18.06 -5.75 -31.93
C CYS D 125 18.19 -5.44 -30.41
N LEU D 126 19.21 -6.03 -29.78
CA LEU D 126 19.45 -5.80 -28.36
C LEU D 126 19.66 -4.33 -28.04
N MET D 127 20.43 -3.60 -28.87
CA MET D 127 20.64 -2.17 -28.64
C MET D 127 19.28 -1.45 -28.62
N ARG D 128 18.43 -1.79 -29.60
CA ARG D 128 17.16 -1.12 -29.75
C ARG D 128 16.17 -1.48 -28.63
N ILE D 129 16.23 -2.71 -28.12
CA ILE D 129 15.38 -3.13 -27.02
C ILE D 129 15.58 -2.18 -25.82
N PHE D 130 16.80 -1.68 -25.60
CA PHE D 130 17.11 -0.74 -24.53
C PHE D 130 17.01 0.72 -24.96
N GLY D 131 16.37 0.98 -26.10
CA GLY D 131 16.04 2.33 -26.52
C GLY D 131 17.20 3.11 -27.14
N ALA D 132 18.35 2.49 -27.41
CA ALA D 132 19.41 3.17 -28.14
C ALA D 132 18.95 3.46 -29.56
N GLU D 133 19.44 4.56 -30.11
CA GLU D 133 19.39 4.79 -31.55
C GLU D 133 20.49 3.97 -32.22
N VAL D 134 20.17 3.32 -33.34
CA VAL D 134 21.14 2.52 -34.07
C VAL D 134 21.41 3.18 -35.41
N ILE D 135 22.68 3.49 -35.66
CA ILE D 135 23.16 4.00 -36.94
C ILE D 135 23.95 2.91 -37.64
N LEU D 136 23.62 2.61 -38.91
CA LEU D 136 24.35 1.60 -39.66
C LEU D 136 25.29 2.23 -40.68
N THR D 137 26.54 1.73 -40.76
CA THR D 137 27.53 2.29 -41.69
C THR D 137 27.85 1.27 -42.79
N PRO D 138 28.33 1.72 -43.97
CA PRO D 138 28.61 0.81 -45.10
C PRO D 138 29.62 -0.27 -44.78
N ALA D 139 29.30 -1.52 -45.13
CA ALA D 139 30.19 -2.65 -44.95
C ALA D 139 31.55 -2.38 -45.60
N ALA D 140 31.57 -1.69 -46.75
CA ALA D 140 32.83 -1.49 -47.47
C ALA D 140 33.80 -0.60 -46.70
N LEU D 141 33.31 0.18 -45.73
CA LEU D 141 34.16 1.06 -44.94
C LEU D 141 34.63 0.37 -43.66
N GLY D 142 34.02 -0.75 -43.27
CA GLY D 142 34.40 -1.49 -42.08
C GLY D 142 34.28 -0.68 -40.80
N MET D 143 35.11 -1.02 -39.80
CA MET D 143 35.09 -0.35 -38.51
CA MET D 143 35.15 -0.36 -38.50
C MET D 143 35.53 1.11 -38.68
N LYS D 144 36.40 1.39 -39.65
CA LYS D 144 36.84 2.76 -39.85
C LYS D 144 35.64 3.64 -40.15
N GLY D 145 34.69 3.14 -40.93
CA GLY D 145 33.49 3.88 -41.30
C GLY D 145 32.58 4.16 -40.11
N ALA D 146 32.50 3.21 -39.18
CA ALA D 146 31.75 3.39 -37.94
C ALA D 146 32.44 4.43 -37.05
N LEU D 147 33.78 4.36 -36.95
CA LEU D 147 34.52 5.33 -36.16
C LEU D 147 34.42 6.73 -36.76
N GLU D 148 34.44 6.85 -38.08
CA GLU D 148 34.30 8.13 -38.76
C GLU D 148 32.91 8.72 -38.50
N ALA D 149 31.85 7.89 -38.55
CA ALA D 149 30.50 8.32 -38.21
C ALA D 149 30.44 8.82 -36.77
N VAL D 150 31.10 8.13 -35.82
CA VAL D 150 31.15 8.61 -34.45
C VAL D 150 31.85 9.98 -34.41
N ASN D 151 32.97 10.12 -35.09
CA ASN D 151 33.72 11.38 -35.11
C ASN D 151 32.86 12.51 -35.68
N ARG D 152 32.07 12.22 -36.70
CA ARG D 152 31.17 13.19 -37.29
C ARG D 152 30.09 13.59 -36.29
N ILE D 153 29.54 12.62 -35.54
CA ILE D 153 28.56 12.89 -34.52
C ILE D 153 29.15 13.81 -33.45
N VAL D 154 30.33 13.49 -32.93
CA VAL D 154 30.90 14.23 -31.81
C VAL D 154 31.31 15.64 -32.28
N SER D 155 31.84 15.75 -33.51
CA SER D 155 32.27 17.03 -34.06
C SER D 155 31.07 17.96 -34.30
N ASN D 156 29.96 17.40 -34.76
CA ASN D 156 28.83 18.19 -35.26
C ASN D 156 27.72 18.30 -34.21
N ASN D 157 27.82 17.54 -33.11
CA ASN D 157 26.79 17.56 -32.08
C ASN D 157 27.45 17.95 -30.78
N PRO D 158 27.22 19.18 -30.25
CA PRO D 158 27.95 19.65 -29.08
C PRO D 158 27.63 18.82 -27.84
N ASP D 159 26.51 18.09 -27.86
CA ASP D 159 26.06 17.34 -26.69
C ASP D 159 26.58 15.91 -26.73
N ALA D 160 27.20 15.48 -27.85
CA ALA D 160 27.60 14.08 -27.99
C ALA D 160 28.94 13.85 -27.31
N VAL D 161 29.06 12.71 -26.59
CA VAL D 161 30.28 12.33 -25.93
C VAL D 161 30.54 10.87 -26.30
N SER D 162 31.73 10.58 -26.80
CA SER D 162 32.14 9.23 -27.15
C SER D 162 32.47 8.45 -25.86
N ALA D 163 31.99 7.21 -25.79
CA ALA D 163 32.37 6.30 -24.71
C ALA D 163 33.87 6.01 -24.73
N ASN D 164 34.46 5.92 -25.93
CA ASN D 164 35.90 5.87 -26.11
C ASN D 164 36.49 4.66 -25.35
N GLN D 165 35.86 3.50 -25.56
CA GLN D 165 36.11 2.33 -24.71
C GLN D 165 37.56 1.85 -24.75
N PHE D 166 38.27 2.08 -25.87
CA PHE D 166 39.63 1.62 -26.04
C PHE D 166 40.66 2.55 -25.42
N ALA D 167 40.24 3.72 -24.94
CA ALA D 167 41.19 4.71 -24.46
C ALA D 167 40.78 5.35 -23.12
N THR D 168 39.53 5.18 -22.67
CA THR D 168 39.06 5.97 -21.53
C THR D 168 39.76 5.52 -20.27
N LYS D 169 40.20 6.48 -19.43
CA LYS D 169 40.80 6.12 -18.15
C LYS D 169 39.83 5.40 -17.22
N TYR D 170 38.51 5.59 -17.45
CA TYR D 170 37.50 5.01 -16.59
C TYR D 170 37.52 3.47 -16.61
N ASN D 171 38.05 2.89 -17.70
CA ASN D 171 37.98 1.46 -17.94
C ASN D 171 38.85 0.68 -16.95
N ALA D 172 40.18 0.88 -17.00
CA ALA D 172 41.04 0.19 -16.05
C ALA D 172 40.69 0.64 -14.63
N GLN D 173 40.24 1.90 -14.46
CA GLN D 173 39.91 2.39 -13.11
C GLN D 173 38.83 1.50 -12.46
N ILE D 174 37.76 1.18 -13.19
CA ILE D 174 36.66 0.46 -12.58
C ILE D 174 37.12 -0.93 -12.13
N HIS D 175 38.00 -1.58 -12.91
CA HIS D 175 38.49 -2.90 -12.56
C HIS D 175 39.48 -2.86 -11.40
N GLU D 176 40.19 -1.73 -11.26
CA GLU D 176 41.09 -1.54 -10.12
C GLU D 176 40.29 -1.38 -8.83
N GLU D 177 39.10 -0.80 -8.96
CA GLU D 177 38.28 -0.41 -7.82
C GLU D 177 37.30 -1.50 -7.42
N THR D 178 36.93 -2.40 -8.37
CA THR D 178 35.84 -3.33 -8.10
C THR D 178 36.29 -4.77 -8.35
N THR D 179 36.58 -5.12 -9.63
CA THR D 179 36.90 -6.48 -10.00
C THR D 179 38.10 -7.03 -9.21
N GLY D 180 39.19 -6.26 -9.19
CA GLY D 180 40.40 -6.65 -8.49
C GLY D 180 40.15 -6.90 -7.02
N PRO D 181 39.64 -5.91 -6.26
CA PRO D 181 39.33 -6.12 -4.85
C PRO D 181 38.37 -7.28 -4.57
N GLU D 182 37.37 -7.49 -5.45
CA GLU D 182 36.49 -8.64 -5.32
C GLU D 182 37.28 -9.95 -5.41
N ILE D 183 38.15 -10.10 -6.41
CA ILE D 183 38.95 -11.31 -6.57
C ILE D 183 39.82 -11.56 -5.34
N TRP D 184 40.39 -10.47 -4.84
CA TRP D 184 41.25 -10.53 -3.66
C TRP D 184 40.46 -11.04 -2.45
N ARG D 185 39.26 -10.53 -2.26
CA ARG D 185 38.39 -10.90 -1.15
C ARG D 185 37.91 -12.34 -1.32
N GLN D 186 37.47 -12.69 -2.54
CA GLN D 186 36.88 -14.01 -2.77
C GLN D 186 37.91 -15.12 -2.55
N THR D 187 39.17 -14.89 -2.92
CA THR D 187 40.24 -15.87 -2.76
C THR D 187 40.95 -15.74 -1.42
N LYS D 188 40.50 -14.80 -0.59
CA LYS D 188 41.11 -14.52 0.72
C LYS D 188 42.61 -14.23 0.60
N GLY D 189 42.97 -13.45 -0.42
CA GLY D 189 44.33 -13.00 -0.64
C GLY D 189 45.25 -14.09 -1.21
N HIS D 190 44.67 -15.08 -1.92
CA HIS D 190 45.42 -16.14 -2.56
C HIS D 190 45.22 -16.04 -4.06
N VAL D 191 45.98 -15.15 -4.69
CA VAL D 191 46.03 -15.06 -6.14
C VAL D 191 47.49 -15.15 -6.56
N ASP D 192 47.85 -16.27 -7.19
CA ASP D 192 49.21 -16.48 -7.64
C ASP D 192 49.39 -16.07 -9.09
N CYS D 193 48.28 -16.13 -9.84
CA CYS D 193 48.27 -15.87 -11.26
CA CYS D 193 48.29 -15.81 -11.26
C CYS D 193 46.92 -15.28 -11.66
N PHE D 194 46.93 -14.33 -12.57
CA PHE D 194 45.71 -13.81 -13.16
C PHE D 194 45.81 -13.84 -14.69
N VAL D 195 44.81 -14.45 -15.34
CA VAL D 195 44.80 -14.72 -16.76
C VAL D 195 43.54 -14.06 -17.35
N ALA D 196 43.70 -13.20 -18.37
CA ALA D 196 42.52 -12.62 -18.97
C ALA D 196 42.82 -12.22 -20.41
N GLY D 197 41.86 -12.52 -21.29
CA GLY D 197 41.89 -12.04 -22.64
C GLY D 197 41.73 -10.53 -22.69
N VAL D 198 42.35 -9.92 -23.69
CA VAL D 198 42.38 -8.48 -23.85
C VAL D 198 41.46 -8.11 -25.00
N GLY D 199 40.41 -7.36 -24.67
CA GLY D 199 39.58 -6.67 -25.65
C GLY D 199 39.98 -5.19 -25.67
N THR D 200 39.44 -4.44 -24.69
CA THR D 200 39.91 -3.09 -24.40
C THR D 200 41.17 -3.14 -23.55
N GLY D 201 41.36 -4.23 -22.80
CA GLY D 201 42.48 -4.33 -21.89
C GLY D 201 42.16 -3.79 -20.49
N GLY D 202 40.94 -3.32 -20.28
CA GLY D 202 40.52 -2.78 -18.99
C GLY D 202 40.64 -3.80 -17.84
N THR D 203 40.08 -4.98 -18.05
CA THR D 203 40.04 -5.99 -17.00
C THR D 203 41.46 -6.35 -16.51
N ILE D 204 42.33 -6.71 -17.44
CA ILE D 204 43.65 -7.17 -17.04
C ILE D 204 44.44 -6.02 -16.41
N THR D 205 44.29 -4.82 -16.97
CA THR D 205 45.10 -3.69 -16.52
C THR D 205 44.66 -3.31 -15.12
N GLY D 206 43.34 -3.17 -14.91
CA GLY D 206 42.82 -2.72 -13.63
C GLY D 206 43.08 -3.76 -12.53
N VAL D 207 42.86 -5.04 -12.84
CA VAL D 207 43.12 -6.10 -11.86
C VAL D 207 44.62 -6.14 -11.53
N ALA D 208 45.51 -6.06 -12.53
CA ALA D 208 46.94 -6.13 -12.28
C ALA D 208 47.39 -4.91 -11.43
N ARG D 209 46.81 -3.74 -11.69
CA ARG D 209 47.13 -2.54 -10.93
C ARG D 209 46.74 -2.74 -9.46
N TYR D 210 45.55 -3.31 -9.23
CA TYR D 210 45.09 -3.53 -7.88
C TYR D 210 46.00 -4.53 -7.17
N LEU D 211 46.33 -5.66 -7.84
CA LEU D 211 47.12 -6.70 -7.22
C LEU D 211 48.50 -6.15 -6.84
N LYS D 212 49.08 -5.33 -7.73
CA LYS D 212 50.34 -4.67 -7.44
C LYS D 212 50.22 -3.79 -6.20
N SER D 213 49.12 -3.05 -6.08
N SER D 213 49.09 -3.07 -6.07
CA SER D 213 48.94 -2.09 -5.01
CA SER D 213 48.86 -2.09 -5.02
C SER D 213 48.81 -2.76 -3.65
C SER D 213 48.70 -2.73 -3.65
N VAL D 214 48.38 -4.03 -3.60
CA VAL D 214 48.23 -4.71 -2.31
C VAL D 214 49.43 -5.61 -2.03
N GLY D 215 50.47 -5.53 -2.86
CA GLY D 215 51.71 -6.25 -2.63
C GLY D 215 51.61 -7.71 -3.04
N CYS D 216 50.62 -8.00 -3.89
CA CYS D 216 50.45 -9.34 -4.43
C CYS D 216 51.39 -9.52 -5.61
N GLY D 217 52.24 -10.55 -5.56
CA GLY D 217 53.24 -10.76 -6.61
C GLY D 217 52.75 -11.68 -7.73
N ALA D 218 51.42 -11.76 -7.90
CA ALA D 218 50.82 -12.62 -8.92
C ALA D 218 51.43 -12.33 -10.30
N THR D 219 51.66 -13.39 -11.06
CA THR D 219 52.05 -13.30 -12.47
CA THR D 219 52.06 -13.25 -12.44
C THR D 219 50.79 -13.03 -13.28
N ILE D 220 50.94 -12.18 -14.30
CA ILE D 220 49.82 -11.64 -15.07
C ILE D 220 49.99 -12.10 -16.51
N PHE D 221 48.98 -12.81 -17.03
CA PHE D 221 49.01 -13.38 -18.37
C PHE D 221 47.85 -12.80 -19.20
N ALA D 222 48.19 -12.15 -20.32
CA ALA D 222 47.18 -11.69 -21.29
C ALA D 222 46.92 -12.81 -22.29
N VAL D 223 45.69 -12.88 -22.78
CA VAL D 223 45.34 -13.89 -23.77
C VAL D 223 44.95 -13.15 -25.04
N GLU D 224 45.36 -13.66 -26.21
CA GLU D 224 44.93 -13.07 -27.47
C GLU D 224 44.80 -14.20 -28.50
N PRO D 225 44.10 -13.96 -29.64
CA PRO D 225 43.93 -14.97 -30.67
C PRO D 225 45.24 -15.24 -31.38
N ALA D 226 45.55 -16.53 -31.60
CA ALA D 226 46.67 -16.94 -32.43
C ALA D 226 46.53 -16.33 -33.82
N GLU D 227 45.27 -16.11 -34.25
CA GLU D 227 44.94 -15.56 -35.56
C GLU D 227 45.17 -14.05 -35.65
N SER D 228 45.35 -13.35 -34.50
CA SER D 228 45.53 -11.92 -34.48
C SER D 228 46.43 -11.50 -33.34
N PRO D 229 47.69 -12.00 -33.32
CA PRO D 229 48.55 -11.92 -32.13
C PRO D 229 49.35 -10.63 -32.04
N VAL D 230 48.62 -9.51 -31.90
CA VAL D 230 49.23 -8.18 -31.99
C VAL D 230 49.97 -7.83 -30.70
N LEU D 231 49.48 -8.31 -29.54
CA LEU D 231 50.18 -8.06 -28.28
C LEU D 231 51.53 -8.77 -28.27
N SER D 232 51.63 -9.84 -29.06
CA SER D 232 52.85 -10.65 -29.13
C SER D 232 53.80 -10.09 -30.20
N GLY D 233 53.40 -9.00 -30.89
CA GLY D 233 54.21 -8.41 -31.93
C GLY D 233 53.88 -8.92 -33.33
N GLY D 234 52.79 -9.68 -33.47
CA GLY D 234 52.35 -10.20 -34.75
C GLY D 234 51.38 -9.26 -35.50
N LYS D 235 50.82 -9.77 -36.60
CA LYS D 235 49.99 -9.01 -37.50
C LYS D 235 48.52 -9.21 -37.19
N PRO D 236 47.67 -8.16 -37.31
CA PRO D 236 46.23 -8.33 -37.11
C PRO D 236 45.61 -9.21 -38.18
N GLY D 237 44.51 -9.86 -37.82
CA GLY D 237 43.76 -10.70 -38.72
C GLY D 237 42.38 -11.03 -38.17
N PRO D 238 41.45 -11.50 -39.02
CA PRO D 238 40.12 -11.89 -38.58
C PRO D 238 40.19 -13.18 -37.75
N HIS D 239 39.30 -13.27 -36.78
CA HIS D 239 39.23 -14.41 -35.89
C HIS D 239 37.84 -14.49 -35.28
N ARG D 240 37.53 -15.64 -34.66
CA ARG D 240 36.19 -15.91 -34.20
C ARG D 240 36.00 -15.64 -32.71
N ILE D 241 37.04 -15.19 -32.02
CA ILE D 241 36.95 -15.09 -30.56
C ILE D 241 36.38 -13.72 -30.18
N GLN D 242 35.04 -13.63 -30.29
CA GLN D 242 34.36 -12.37 -30.07
C GLN D 242 34.73 -11.82 -28.69
N GLY D 243 34.97 -10.51 -28.61
CA GLY D 243 35.28 -9.86 -27.35
C GLY D 243 36.76 -9.58 -27.12
N ILE D 244 37.67 -10.31 -27.79
CA ILE D 244 39.09 -10.07 -27.64
C ILE D 244 39.71 -9.85 -29.04
N GLY D 245 40.99 -9.49 -29.06
CA GLY D 245 41.74 -9.39 -30.30
C GLY D 245 41.20 -8.28 -31.21
N ALA D 246 41.28 -7.04 -30.72
CA ALA D 246 40.73 -5.88 -31.44
C ALA D 246 41.52 -5.60 -32.71
N GLY D 247 42.74 -6.17 -32.86
CA GLY D 247 43.55 -5.92 -34.06
C GLY D 247 44.55 -4.79 -33.88
N PHE D 248 44.59 -4.23 -32.67
CA PHE D 248 45.54 -3.18 -32.32
C PHE D 248 45.78 -3.25 -30.82
N VAL D 249 46.80 -2.54 -30.34
CA VAL D 249 47.05 -2.49 -28.91
C VAL D 249 46.24 -1.34 -28.33
N PRO D 250 45.21 -1.59 -27.48
CA PRO D 250 44.41 -0.49 -26.94
C PRO D 250 45.23 0.40 -26.02
N GLU D 251 44.89 1.68 -26.02
CA GLU D 251 45.50 2.67 -25.15
C GLU D 251 45.26 2.31 -23.67
N VAL D 252 44.14 1.67 -23.37
CA VAL D 252 43.77 1.30 -22.02
C VAL D 252 44.79 0.30 -21.47
N PHE D 253 45.28 -0.59 -22.35
CA PHE D 253 46.12 -1.71 -21.95
C PHE D 253 47.50 -1.22 -21.50
N GLU D 254 48.02 -1.75 -20.36
CA GLU D 254 49.35 -1.39 -19.88
C GLU D 254 50.27 -2.59 -19.94
N ALA D 255 51.06 -2.65 -21.01
CA ALA D 255 51.89 -3.82 -21.29
C ALA D 255 52.90 -4.07 -20.17
N ALA D 256 53.30 -3.02 -19.45
CA ALA D 256 54.34 -3.19 -18.41
C ALA D 256 53.86 -4.08 -17.26
N LEU D 257 52.53 -4.20 -17.09
CA LEU D 257 51.96 -4.96 -15.98
C LEU D 257 51.87 -6.45 -16.31
N VAL D 258 52.07 -6.78 -17.59
CA VAL D 258 51.83 -8.12 -18.10
C VAL D 258 53.15 -8.88 -18.22
N ASP D 259 53.17 -10.10 -17.68
CA ASP D 259 54.37 -10.94 -17.66
C ASP D 259 54.51 -11.73 -18.96
N GLU D 260 53.40 -12.25 -19.49
CA GLU D 260 53.45 -13.10 -20.67
C GLU D 260 52.11 -13.00 -21.40
N VAL D 261 52.16 -13.21 -22.72
CA VAL D 261 50.98 -13.26 -23.58
C VAL D 261 50.83 -14.70 -24.04
N ILE D 262 49.63 -15.27 -23.87
CA ILE D 262 49.30 -16.61 -24.33
C ILE D 262 48.42 -16.47 -25.56
N GLN D 263 48.81 -17.14 -26.65
CA GLN D 263 47.99 -17.17 -27.85
C GLN D 263 47.10 -18.41 -27.80
N VAL D 264 45.81 -18.23 -28.13
CA VAL D 264 44.85 -19.31 -28.20
C VAL D 264 44.18 -19.24 -29.57
N SER D 265 44.06 -20.39 -30.24
CA SER D 265 43.39 -20.41 -31.53
C SER D 265 41.86 -20.35 -31.35
N GLY D 266 41.16 -19.88 -32.39
CA GLY D 266 39.71 -20.03 -32.44
C GLY D 266 39.24 -21.44 -32.10
N ASP D 267 39.86 -22.46 -32.69
CA ASP D 267 39.42 -23.82 -32.48
C ASP D 267 39.58 -24.25 -31.02
N GLU D 268 40.66 -23.84 -30.37
CA GLU D 268 40.92 -24.16 -28.97
C GLU D 268 39.87 -23.48 -28.08
N ALA D 269 39.58 -22.21 -28.37
CA ALA D 269 38.61 -21.42 -27.61
C ALA D 269 37.21 -22.04 -27.75
N ILE D 270 36.82 -22.40 -28.98
CA ILE D 270 35.52 -22.99 -29.25
C ILE D 270 35.39 -24.36 -28.58
N ASP D 271 36.41 -25.21 -28.70
CA ASP D 271 36.38 -26.54 -28.10
C ASP D 271 36.18 -26.43 -26.59
N THR D 272 36.91 -25.51 -25.97
CA THR D 272 36.83 -25.32 -24.54
C THR D 272 35.46 -24.81 -24.12
N ALA D 273 34.92 -23.82 -24.86
CA ALA D 273 33.62 -23.27 -24.53
C ALA D 273 32.51 -24.29 -24.72
N GLN D 274 32.68 -25.22 -25.68
CA GLN D 274 31.68 -26.25 -25.88
C GLN D 274 31.73 -27.33 -24.80
N LYS D 275 32.90 -27.55 -24.17
CA LYS D 275 33.03 -28.57 -23.14
C LYS D 275 32.64 -28.04 -21.75
N LEU D 276 32.91 -26.76 -21.50
CA LEU D 276 32.69 -26.18 -20.18
C LEU D 276 31.27 -26.39 -19.67
N PRO D 277 30.21 -26.25 -20.49
CA PRO D 277 28.85 -26.50 -20.00
C PRO D 277 28.65 -27.92 -19.47
N ARG D 278 29.28 -28.90 -20.13
CA ARG D 278 29.14 -30.28 -19.75
C ARG D 278 30.02 -30.66 -18.55
N THR D 279 31.26 -30.16 -18.51
CA THR D 279 32.17 -30.55 -17.44
C THR D 279 31.81 -29.84 -16.14
N ASP D 280 31.46 -28.54 -16.23
CA ASP D 280 31.39 -27.70 -15.03
C ASP D 280 30.14 -26.84 -15.00
N GLY D 281 29.25 -26.98 -16.00
CA GLY D 281 28.03 -26.19 -16.03
C GLY D 281 28.30 -24.70 -16.22
N ILE D 282 29.41 -24.37 -16.89
CA ILE D 282 29.77 -23.00 -17.22
C ILE D 282 29.36 -22.74 -18.66
N PHE D 283 28.43 -21.81 -18.85
CA PHE D 283 27.83 -21.49 -20.14
C PHE D 283 28.31 -20.10 -20.53
N CYS D 284 29.27 -20.05 -21.45
CA CYS D 284 29.97 -18.80 -21.74
C CYS D 284 30.20 -18.68 -23.24
N GLY D 285 30.75 -17.51 -23.59
CA GLY D 285 31.11 -17.23 -24.96
C GLY D 285 32.49 -17.71 -25.35
N PHE D 286 32.91 -17.28 -26.54
CA PHE D 286 34.21 -17.61 -27.09
C PHE D 286 35.34 -17.20 -26.15
N SER D 287 35.24 -16.00 -25.53
CA SER D 287 36.35 -15.47 -24.77
C SER D 287 36.50 -16.24 -23.47
N GLY D 288 35.39 -16.70 -22.88
CA GLY D 288 35.47 -17.57 -21.71
C GLY D 288 36.23 -18.85 -22.01
N GLY D 289 35.94 -19.43 -23.19
CA GLY D 289 36.67 -20.56 -23.67
C GLY D 289 38.17 -20.31 -23.80
N ALA D 290 38.53 -19.17 -24.38
CA ALA D 290 39.92 -18.78 -24.59
C ALA D 290 40.63 -18.62 -23.25
N ASN D 291 39.95 -17.97 -22.31
CA ASN D 291 40.53 -17.71 -20.99
C ASN D 291 40.81 -19.01 -20.26
N VAL D 292 39.84 -19.92 -20.28
CA VAL D 292 39.98 -21.17 -19.55
C VAL D 292 41.04 -22.05 -20.23
N TYR D 293 41.05 -22.07 -21.57
CA TYR D 293 42.09 -22.79 -22.28
C TYR D 293 43.48 -22.32 -21.88
N ALA D 294 43.66 -20.99 -21.85
CA ALA D 294 44.91 -20.38 -21.44
C ALA D 294 45.28 -20.77 -20.01
N ALA D 295 44.31 -20.63 -19.07
CA ALA D 295 44.54 -20.97 -17.68
C ALA D 295 45.01 -22.42 -17.52
N LEU D 296 44.39 -23.34 -18.26
CA LEU D 296 44.72 -24.75 -18.21
C LEU D 296 46.11 -24.99 -18.78
N GLN D 297 46.50 -24.23 -19.83
CA GLN D 297 47.84 -24.35 -20.37
C GLN D 297 48.90 -23.89 -19.36
N ILE D 298 48.65 -22.74 -18.71
CA ILE D 298 49.53 -22.22 -17.66
C ILE D 298 49.62 -23.22 -16.49
N ALA D 299 48.48 -23.79 -16.12
CA ALA D 299 48.33 -24.62 -14.94
C ALA D 299 49.16 -25.91 -15.05
N LYS D 300 49.52 -26.30 -16.27
CA LYS D 300 50.29 -27.51 -16.51
C LYS D 300 51.77 -27.31 -16.17
N ARG D 301 52.20 -26.04 -16.02
CA ARG D 301 53.61 -25.75 -15.78
C ARG D 301 53.93 -26.13 -14.34
N PRO D 302 55.11 -26.77 -14.09
CA PRO D 302 55.43 -27.29 -12.76
C PRO D 302 55.38 -26.22 -11.68
N GLU D 303 55.78 -24.99 -12.00
CA GLU D 303 55.83 -23.92 -11.02
C GLU D 303 54.43 -23.49 -10.59
N MET D 304 53.39 -23.96 -11.30
CA MET D 304 52.04 -23.56 -10.94
C MET D 304 51.41 -24.63 -10.04
N ALA D 305 52.12 -25.72 -9.75
CA ALA D 305 51.55 -26.73 -8.87
C ALA D 305 51.25 -26.09 -7.52
N GLY D 306 50.05 -26.34 -7.02
CA GLY D 306 49.57 -25.86 -5.73
C GLY D 306 49.28 -24.36 -5.69
N LYS D 307 49.32 -23.70 -6.84
CA LYS D 307 49.08 -22.26 -6.93
C LYS D 307 47.61 -22.04 -7.27
N THR D 308 47.11 -20.84 -6.99
CA THR D 308 45.76 -20.44 -7.36
C THR D 308 45.86 -19.51 -8.58
N ILE D 309 45.22 -19.97 -9.67
CA ILE D 309 45.13 -19.21 -10.91
C ILE D 309 43.69 -18.69 -11.01
N VAL D 310 43.54 -17.39 -11.22
CA VAL D 310 42.22 -16.79 -11.39
C VAL D 310 42.07 -16.38 -12.85
N THR D 311 40.93 -16.71 -13.44
CA THR D 311 40.62 -16.19 -14.76
C THR D 311 39.19 -15.69 -14.73
N VAL D 312 38.74 -15.19 -15.89
CA VAL D 312 37.45 -14.51 -15.98
C VAL D 312 36.61 -15.26 -17.01
N ILE D 313 35.33 -15.42 -16.69
CA ILE D 313 34.33 -15.78 -17.69
C ILE D 313 33.61 -14.48 -18.06
N PRO D 314 33.95 -13.83 -19.20
CA PRO D 314 33.46 -12.50 -19.49
C PRO D 314 31.98 -12.36 -19.81
N SER D 315 31.35 -13.40 -20.37
CA SER D 315 29.99 -13.22 -20.86
C SER D 315 29.22 -14.55 -20.89
N TYR D 316 27.90 -14.41 -20.74
CA TYR D 316 27.01 -15.56 -20.66
C TYR D 316 26.81 -16.15 -22.06
N GLY D 317 26.68 -17.48 -22.15
CA GLY D 317 26.66 -18.20 -23.41
C GLY D 317 25.44 -17.92 -24.30
N GLU D 318 24.33 -17.47 -23.72
CA GLU D 318 23.09 -17.45 -24.49
C GLU D 318 23.17 -16.45 -25.65
N ARG D 319 23.98 -15.39 -25.49
CA ARG D 319 24.20 -14.38 -26.52
C ARG D 319 24.93 -14.95 -27.73
N TYR D 320 25.45 -16.19 -27.62
CA TYR D 320 26.25 -16.79 -28.68
C TYR D 320 25.57 -17.97 -29.36
N LEU D 321 24.32 -18.24 -29.01
CA LEU D 321 23.62 -19.40 -29.55
C LEU D 321 23.58 -19.38 -31.08
N SER D 322 23.43 -18.20 -31.68
CA SER D 322 23.29 -18.16 -33.13
C SER D 322 24.63 -18.01 -33.85
N THR D 323 25.75 -18.02 -33.12
CA THR D 323 27.07 -17.77 -33.71
C THR D 323 27.74 -19.10 -34.05
N ALA D 324 28.97 -19.02 -34.55
CA ALA D 324 29.81 -20.18 -34.85
C ALA D 324 30.12 -20.99 -33.59
N LEU D 325 29.98 -20.41 -32.39
CA LEU D 325 30.37 -21.11 -31.19
C LEU D 325 29.62 -22.45 -31.06
N TYR D 326 28.32 -22.45 -31.35
CA TYR D 326 27.51 -23.64 -31.10
C TYR D 326 26.93 -24.22 -32.38
N SER D 327 27.40 -23.77 -33.56
CA SER D 327 26.85 -24.28 -34.81
C SER D 327 27.10 -25.78 -34.99
N SER D 328 28.24 -26.29 -34.49
CA SER D 328 28.54 -27.72 -34.60
C SER D 328 27.54 -28.54 -33.79
N ILE D 329 27.12 -28.04 -32.62
CA ILE D 329 26.12 -28.71 -31.80
C ILE D 329 24.75 -28.59 -32.50
N LYS D 330 24.55 -27.51 -33.27
CA LYS D 330 23.27 -27.29 -33.94
C LYS D 330 23.03 -28.38 -34.99
N VAL D 338 13.84 -35.21 -39.80
CA VAL D 338 12.39 -35.29 -39.48
C VAL D 338 11.96 -36.75 -39.38
N LEU D 339 10.94 -37.00 -38.56
CA LEU D 339 10.33 -38.31 -38.40
C LEU D 339 9.15 -38.49 -39.36
N SER D 340 8.90 -37.51 -40.25
CA SER D 340 7.71 -37.45 -41.07
C SER D 340 7.50 -38.70 -41.92
N ALA D 341 8.61 -39.20 -42.47
CA ALA D 341 8.55 -40.37 -43.35
C ALA D 341 8.04 -41.59 -42.60
N ALA D 342 8.30 -41.67 -41.28
CA ALA D 342 7.89 -42.81 -40.48
C ALA D 342 6.38 -42.85 -40.26
N ASP D 343 5.69 -41.71 -40.43
CA ASP D 343 4.23 -41.63 -40.26
C ASP D 343 3.49 -41.89 -41.57
N ILE D 344 4.15 -42.56 -42.53
CA ILE D 344 3.49 -42.98 -43.76
C ILE D 344 3.39 -44.52 -43.81
N OAS E . -7.98 24.78 18.65
CA OAS E . -7.71 26.12 18.08
CB OAS E . -8.87 26.55 17.19
OG OAS E . -9.86 25.48 17.15
C OAS E . -7.42 27.11 19.21
O OAS E . -8.03 28.19 19.20
C2A OAS E . -11.49 26.97 16.21
C1A OAS E . -11.14 25.85 17.13
OAC OAS E . -11.89 25.34 17.89
OXT OAS E . -6.61 26.75 20.10
H2 OAS E . -7.38 24.18 18.31
H OAS E . -7.88 24.82 19.56
HA OAS E . -6.89 26.05 17.52
HB2 OAS E . -9.27 27.37 17.55
HB3 OAS E . -8.55 26.74 16.29
HC21 OAS E . -10.94 26.92 15.41
HC22 OAS E . -11.34 27.82 16.64
HC23 OAS E . -12.43 26.90 15.96
H9 OAS E . -8.82 24.52 18.44
O5 RIB F . -22.99 14.04 15.57
C5 RIB F . -23.09 13.41 16.85
C4 RIB F . -22.32 14.21 17.86
O4 RIB F . -21.76 13.34 18.87
C3 RIB F . -21.11 14.90 17.21
O3 RIB F . -20.73 16.00 18.00
C2 RIB F . -20.11 13.73 17.16
O2 RIB F . -18.78 14.15 17.31
C1 RIB F . -20.56 12.76 18.28
O1 RIB F . -19.53 12.62 19.19
HO5 RIB F . -22.51 14.72 15.64
H51 RIB F . -22.75 12.49 16.80
H52 RIB F . -24.03 13.38 17.13
H4 RIB F . -22.93 14.91 18.29
H3 RIB F . -21.33 15.21 16.23
HO3 RIB F . -19.97 15.87 18.33
H2 RIB F . -20.20 13.26 16.26
HO2 RIB F . -18.44 13.80 18.01
H1 RIB F . -20.80 11.88 17.90
HO1 RIB F . -18.90 12.15 18.84
N1 PLP G . -12.56 25.07 12.01
C2 PLP G . -12.65 24.49 13.20
C2A PLP G . -13.89 24.74 14.01
C3 PLP G . -11.58 23.72 13.69
O3 PLP G . -11.62 23.35 15.01
C4 PLP G . -10.32 23.82 13.04
C4A PLP G . -9.11 23.22 13.61
C5 PLP G . -10.30 24.43 11.77
C6 PLP G . -11.36 25.24 11.46
C5A PLP G . -9.12 24.42 10.84
O4P PLP G . -8.50 23.10 10.62
P PLP G . -6.88 23.18 10.64
O1P PLP G . -6.58 23.84 11.95
O2P PLP G . -6.44 24.08 9.52
O3P PLP G . -6.37 21.75 10.56
H2A1 PLP G . -14.06 23.98 14.59
H2A2 PLP G . -14.65 24.87 13.42
H2A3 PLP G . -13.76 25.53 14.56
HO3 PLP G . -10.90 22.87 15.37
H4A PLP G . -8.63 22.54 13.10
H6 PLP G . -11.18 26.06 11.04
H5A1 PLP G . -8.43 25.03 11.19
H5A2 PLP G . -9.40 24.77 9.96
N1 PLP H . -32.16 9.33 27.55
C2 PLP H . -32.25 10.24 26.60
C2A PLP H . -31.29 11.38 26.66
C3 PLP H . -33.38 10.24 25.74
O3 PLP H . -33.45 11.23 24.79
C4 PLP H . -34.24 9.12 25.75
C4A PLP H . -35.16 8.94 24.65
C5 PLP H . -33.86 8.00 26.54
C6 PLP H . -32.87 8.20 27.46
C5A PLP H . -34.74 6.81 26.75
O4P PLP H . -34.83 6.07 25.49
P PLP H . -36.25 5.36 25.20
O1P PLP H . -36.71 4.59 26.43
O2P PLP H . -37.18 6.52 24.80
O3P PLP H . -36.00 4.46 24.01
H2A1 PLP H . -31.70 12.19 26.34
H2A2 PLP H . -30.51 11.17 26.11
H2A3 PLP H . -30.99 11.51 27.58
HO3 PLP H . -34.04 11.19 24.15
H4A PLP H . -35.40 8.03 24.39
H6 PLP H . -32.59 7.47 27.98
H5A1 PLP H . -35.63 7.11 27.03
H5A2 PLP H . -34.37 6.23 27.44
N1 PLP I . 7.57 -18.10 -16.61
C2 PLP I . 8.61 -18.84 -17.01
C2A PLP I . 9.47 -18.30 -18.11
C3 PLP I . 8.89 -20.06 -16.38
O3 PLP I . 10.12 -20.64 -16.53
C4 PLP I . 8.02 -20.54 -15.35
C4A PLP I . 8.33 -21.81 -14.67
C5 PLP I . 7.13 -19.61 -14.78
C6 PLP I . 6.89 -18.46 -15.49
C5A PLP I . 6.10 -20.03 -13.77
O4P PLP I . 6.67 -20.37 -12.46
P PLP I . 6.04 -21.65 -11.69
O1P PLP I . 6.70 -21.73 -10.33
O2P PLP I . 6.29 -22.84 -12.57
O3P PLP I . 4.55 -21.32 -11.61
H2A1 PLP I . 10.40 -18.40 -17.87
H2A2 PLP I . 9.28 -17.35 -18.25
H2A3 PLP I . 9.29 -18.78 -18.93
HO3 PLP I . 10.37 -21.27 -15.99
H4A PLP I . 8.18 -21.87 -13.71
H6 PLP I . 6.30 -17.83 -15.13
H5A1 PLP I . 5.62 -20.81 -14.11
H5A2 PLP I . 5.46 -19.31 -13.64
C1 GOL J . 18.17 -44.75 -22.40
O1 GOL J . 17.26 -45.01 -21.33
C2 GOL J . 17.57 -45.10 -23.75
O2 GOL J . 18.57 -45.05 -24.76
C3 GOL J . 16.42 -44.18 -24.14
O3 GOL J . 16.80 -43.28 -25.18
H11 GOL J . 18.99 -45.29 -22.27
H12 GOL J . 18.42 -43.79 -22.39
HO1 GOL J . 17.64 -44.80 -20.61
H2 GOL J . 17.22 -46.02 -23.70
HO2 GOL J . 18.30 -44.51 -25.37
H31 GOL J . 16.13 -43.66 -23.36
H32 GOL J . 15.66 -44.73 -24.45
HO3 GOL J . 16.74 -43.69 -25.92
N1 PLP K . 35.22 -11.06 -23.72
C2 PLP K . 34.06 -10.44 -23.94
C2A PLP K . 32.87 -11.21 -24.42
C3 PLP K . 34.01 -9.03 -23.90
O3 PLP K . 32.83 -8.40 -24.11
C4 PLP K . 35.10 -8.29 -23.37
C4A PLP K . 34.96 -6.87 -23.12
C5 PLP K . 36.29 -8.99 -23.06
C6 PLP K . 36.29 -10.34 -23.30
C5A PLP K . 37.59 -8.27 -22.83
O4P PLP K . 37.50 -7.45 -21.61
P PLP K . 38.38 -6.13 -21.60
O1P PLP K . 38.25 -5.69 -20.16
O2P PLP K . 37.67 -5.26 -22.63
O3P PLP K . 39.80 -6.54 -21.97
H2A1 PLP K . 32.56 -10.84 -25.26
H2A2 PLP K . 32.16 -11.16 -23.76
H2A3 PLP K . 33.12 -12.14 -24.56
HO3 PLP K . 32.74 -7.56 -23.95
H4A PLP K . 35.55 -6.46 -22.46
H6 PLP K . 37.06 -10.86 -22.95
H5A1 PLP K . 37.79 -7.69 -23.60
H5A2 PLP K . 38.32 -8.92 -22.73
C1 GOL L . 20.78 -13.86 -16.33
O1 GOL L . 21.24 -14.58 -15.19
C2 GOL L . 21.81 -13.79 -17.45
O2 GOL L . 21.53 -14.78 -18.42
C3 GOL L . 23.25 -13.89 -16.99
O3 GOL L . 23.47 -13.07 -15.84
H11 GOL L . 20.55 -12.95 -16.06
H12 GOL L . 19.97 -14.29 -16.68
HO1 GOL L . 20.61 -14.58 -14.62
H2 GOL L . 21.70 -12.90 -17.88
HO2 GOL L . 22.23 -15.24 -18.55
H31 GOL L . 23.84 -13.60 -17.72
H32 GOL L . 23.46 -14.83 -16.77
HO3 GOL L . 23.42 -12.26 -16.09
#